data_8EQX
#
_entry.id   8EQX
#
_cell.length_a   141.392
_cell.length_b   179.820
_cell.length_c   180.861
_cell.angle_alpha   90.000
_cell.angle_beta   90.000
_cell.angle_gamma   90.000
#
_symmetry.space_group_name_H-M   'I 2 2 2'
#
loop_
_entity.id
_entity.type
_entity.pdbx_description
1 polymer 'Chaetomium alpha glucosidase'
2 branched 2-acetamido-2-deoxy-beta-D-glucopyranose-(1-4)-2-acetamido-2-deoxy-beta-D-glucopyranose
3 non-polymer (2R,3R,4R,5S)-2-(hydroxymethyl)-1-{[6-({[(5M)-3-methyl-5-(1H-pyrrol-2-yl)phenyl]amino}methyl)pyridin-2-yl]methyl}piperidine-3,4,5-triol
4 non-polymer GLYCEROL
5 non-polymer 'SULFATE ION'
6 water water
#
_entity_poly.entity_id   1
_entity_poly.type   'polypeptide(L)'
_entity_poly.pdbx_seq_one_letter_code
;MGILPSPGMPALLSLVSLLSVLLMGCVAETGVEGESILHSEIGRLNNQSLLWGPYRPNIYFGTRPRIGKSLMTGLMWGKI
ESYTDFQHTVRYTCEQNEGMKGYGWDEYDPRRGGIQSIHDIQNGLDITTSFVKIPGGAHGGSWAARIKGTLNDDAPKDQK
TIVVFYVSQEGENSELEAVPSENEFGYEGDVILKGRSEALGNYKLVVTKGKGVIPQSDHDLSRLRGPGQTVVQSLTYPDE
VLWQAKPILFQQLKAGIDWLVENKYDVADPPPPWQVYLLANKPGSGNVHIVQKVFEGDFEFDILFSSESAGKEVTSKDLE
REVKQATEVFGERFARVFDLKAPFQGDNYKKFGKSMFSNLIGGIGYFYGHSLVDRSYAPEYDEENEGFWEDAAEARARHQ
EALEGPYELFTSIPSRPFFPRGFLWDEGFHLLPIADWDIDLALEIIKSWYNLMDEDGWIAREQILGAEARSKVPKEFQTQ
YPHYANPPTLFLVLDNFVERLRKNNASQPVVKDNLSLDETLSTASVDNPEVGLEYLRRLYPLLRRQFDWFRKTQAGDIKS
YDREAYSTKEAYRWRGRTVSHCLTSGLDDYPRPQPPHPGELHVDLMSWVGVMVKSLISIGSLLGATEDVEFYTKVLDAIE
HNLDDLHWSEKEGCYCDATIDEFEEHKLVCHKGYISLFPFLTGLLKPDSPKLGKLLALIGDESELWSPYGLRSLSKKDEF
YGTAENYWRSPVWININYLAIVQLYNIATQDGPYKETARDLYTRLRKNIVETVYRNWEETGFAWEQYNPETGKGQRTQHF
TGWTSLVVKIMSGHHHHHH
;
_entity_poly.pdbx_strand_id   A,B
#
loop_
_chem_comp.id
_chem_comp.type
_chem_comp.name
_chem_comp.formula
GOL non-polymer GLYCEROL 'C3 H8 O3'
NAG D-saccharide, beta linking 2-acetamido-2-deoxy-beta-D-glucopyranose 'C8 H15 N O6'
SO4 non-polymer 'SULFATE ION' 'O4 S -2'
WT5 non-polymer (2R,3R,4R,5S)-2-(hydroxymethyl)-1-{[6-({[(5M)-3-methyl-5-(1H-pyrrol-2-yl)phenyl]amino}methyl)pyridin-2-yl]methyl}piperidine-3,4,5-triol 'C24 H30 N4 O4'
#
# COMPACT_ATOMS: atom_id res chain seq x y z
N LEU A 38 27.75 1.88 20.56
CA LEU A 38 27.51 3.13 21.33
C LEU A 38 26.33 3.88 20.71
N HIS A 39 26.20 3.77 19.39
CA HIS A 39 25.09 4.45 18.67
C HIS A 39 23.78 3.90 19.23
N SER A 40 23.68 2.58 19.40
CA SER A 40 22.48 1.97 20.00
C SER A 40 22.35 2.46 21.45
N GLU A 41 23.45 2.61 22.18
CA GLU A 41 23.31 3.10 23.57
C GLU A 41 22.80 4.55 23.59
N ILE A 42 23.36 5.42 22.77
CA ILE A 42 22.91 6.85 22.75
C ILE A 42 21.46 6.80 22.30
N GLY A 43 21.17 5.84 21.42
CA GLY A 43 19.83 5.55 20.88
C GLY A 43 18.85 5.03 21.92
N ARG A 44 19.26 4.12 22.81
CA ARG A 44 18.37 3.52 23.85
C ARG A 44 18.10 4.60 24.93
N LEU A 45 19.03 5.54 25.08
CA LEU A 45 18.92 6.61 26.10
C LEU A 45 17.93 7.67 25.60
N ASN A 46 17.86 7.90 24.29
CA ASN A 46 16.88 8.85 23.67
C ASN A 46 15.48 8.25 23.82
N ASN A 47 15.24 7.00 23.37
CA ASN A 47 13.90 6.35 23.47
C ASN A 47 13.35 6.59 24.87
N GLN A 48 14.21 6.45 25.89
CA GLN A 48 13.84 6.42 27.33
C GLN A 48 13.53 7.85 27.79
N SER A 49 14.33 8.82 27.37
CA SER A 49 14.14 10.26 27.66
C SER A 49 12.78 10.68 27.11
N LEU A 50 12.49 10.31 25.86
CA LEU A 50 11.42 10.92 25.02
C LEU A 50 10.10 10.13 25.12
N LEU A 51 10.12 8.93 25.71
CA LEU A 51 8.93 8.03 25.69
C LEU A 51 7.67 8.78 26.16
N TRP A 52 7.75 9.47 27.28
CA TRP A 52 6.57 10.14 27.90
C TRP A 52 6.51 11.62 27.47
N GLY A 53 5.29 12.13 27.29
CA GLY A 53 5.07 13.53 26.90
C GLY A 53 3.60 13.91 26.93
N PRO A 54 3.31 15.23 26.84
CA PRO A 54 1.94 15.70 26.63
C PRO A 54 1.68 15.63 25.11
N TYR A 55 1.88 14.47 24.50
CA TYR A 55 2.07 14.29 23.04
C TYR A 55 0.69 14.19 22.37
N ARG A 56 -0.31 14.89 22.91
CA ARG A 56 -1.64 14.95 22.26
C ARG A 56 -1.98 16.42 21.99
N PRO A 57 -1.28 17.06 21.04
CA PRO A 57 -1.39 18.50 20.86
C PRO A 57 -2.79 18.90 20.39
N ASN A 58 -3.57 17.95 19.84
CA ASN A 58 -4.97 18.14 19.36
C ASN A 58 -5.95 18.54 20.48
N ILE A 59 -5.67 18.18 21.74
CA ILE A 59 -6.52 18.49 22.93
C ILE A 59 -5.79 19.50 23.81
N TYR A 60 -6.52 20.18 24.69
CA TYR A 60 -5.96 21.27 25.52
C TYR A 60 -4.86 20.69 26.39
N PHE A 61 -5.14 19.54 27.03
CA PHE A 61 -4.11 18.86 27.84
C PHE A 61 -4.43 17.38 27.97
N GLY A 62 -3.43 16.57 27.64
CA GLY A 62 -3.47 15.11 27.67
C GLY A 62 -2.06 14.57 27.58
N THR A 63 -1.83 13.33 27.97
CA THR A 63 -0.51 12.68 27.85
C THR A 63 -0.68 11.33 27.14
N ARG A 64 0.36 10.91 26.41
CA ARG A 64 0.52 9.52 25.91
C ARG A 64 2.00 9.27 25.70
N PRO A 65 2.47 8.01 25.72
CA PRO A 65 3.86 7.69 25.41
C PRO A 65 4.02 7.39 23.92
N ARG A 66 5.26 7.30 23.44
CA ARG A 66 5.56 7.06 22.00
C ARG A 66 5.32 5.58 21.72
N ILE A 67 4.15 5.07 22.09
CA ILE A 67 3.73 3.67 21.86
C ILE A 67 2.32 3.71 21.28
N GLY A 68 2.03 2.88 20.30
CA GLY A 68 0.79 2.95 19.51
C GLY A 68 -0.43 2.69 20.36
N LYS A 69 -0.42 1.57 21.09
CA LYS A 69 -1.58 1.08 21.89
C LYS A 69 -1.13 1.02 23.34
N SER A 70 -1.44 2.04 24.12
CA SER A 70 -0.98 2.20 25.52
C SER A 70 -1.93 3.12 26.30
N LEU A 71 -1.39 3.71 27.36
CA LEU A 71 -2.13 4.53 28.35
C LEU A 71 -2.17 5.98 27.86
N MET A 72 -3.36 6.54 27.69
CA MET A 72 -3.57 7.96 27.31
C MET A 72 -4.42 8.67 28.38
N THR A 73 -4.08 9.93 28.68
CA THR A 73 -4.85 10.83 29.58
C THR A 73 -5.42 12.02 28.79
N GLY A 74 -6.55 12.59 29.23
CA GLY A 74 -7.08 13.87 28.73
C GLY A 74 -7.89 14.64 29.77
N LEU A 75 -7.70 15.96 29.84
CA LEU A 75 -8.45 16.90 30.71
C LEU A 75 -9.68 17.44 29.95
N MET A 76 -10.87 17.42 30.59
CA MET A 76 -12.08 18.17 30.17
C MET A 76 -12.52 19.04 31.35
N TRP A 77 -13.01 20.26 31.10
CA TRP A 77 -13.71 21.10 32.12
C TRP A 77 -14.80 21.93 31.44
N GLY A 78 -15.75 22.39 32.23
CA GLY A 78 -16.82 23.31 31.80
C GLY A 78 -17.58 23.85 32.99
N LYS A 79 -17.93 25.14 32.94
CA LYS A 79 -18.86 25.74 33.93
C LYS A 79 -20.21 25.06 33.74
N ILE A 80 -20.95 24.86 34.83
CA ILE A 80 -22.38 24.39 34.82
C ILE A 80 -23.23 25.40 35.63
N GLU A 81 -24.09 26.15 34.94
CA GLU A 81 -25.00 27.19 35.49
C GLU A 81 -26.44 26.78 35.20
N SER A 82 -26.66 25.67 34.51
CA SER A 82 -27.96 25.33 33.90
C SER A 82 -28.01 23.83 33.60
N TYR A 83 -29.21 23.31 33.30
CA TYR A 83 -29.43 21.87 33.08
C TYR A 83 -28.95 21.48 31.68
N THR A 84 -28.80 22.45 30.78
CA THR A 84 -28.53 22.18 29.34
C THR A 84 -27.23 22.81 28.84
N ASP A 85 -26.55 23.63 29.64
CA ASP A 85 -25.44 24.49 29.17
C ASP A 85 -24.16 23.66 28.96
N PHE A 86 -23.90 22.66 29.83
CA PHE A 86 -22.57 21.98 30.00
C PHE A 86 -22.15 21.27 28.72
N GLN A 87 -23.09 20.77 27.93
CA GLN A 87 -22.79 20.13 26.63
C GLN A 87 -22.18 21.16 25.66
N HIS A 88 -22.39 22.46 25.90
CA HIS A 88 -21.90 23.57 25.05
C HIS A 88 -20.63 24.20 25.65
N THR A 89 -20.46 24.11 26.97
CA THR A 89 -19.30 24.76 27.64
C THR A 89 -18.12 23.82 27.79
N VAL A 90 -18.34 22.51 27.73
CA VAL A 90 -17.25 21.54 28.01
C VAL A 90 -16.12 21.70 27.00
N ARG A 91 -14.89 21.65 27.51
CA ARG A 91 -13.65 21.82 26.71
C ARG A 91 -12.88 20.51 26.68
N TYR A 92 -12.42 20.11 25.50
CA TYR A 92 -11.59 18.89 25.35
C TYR A 92 -10.60 19.09 24.21
N THR A 93 -11.08 19.12 22.98
CA THR A 93 -10.19 19.32 21.81
C THR A 93 -9.99 20.82 21.57
N CYS A 94 -8.79 21.20 21.17
CA CYS A 94 -8.42 22.62 20.89
C CYS A 94 -9.31 23.22 19.79
N GLU A 95 -9.89 24.38 20.07
CA GLU A 95 -10.54 25.25 19.05
C GLU A 95 -9.94 26.66 19.19
N GLN A 96 -10.31 27.56 18.28
CA GLN A 96 -10.05 29.01 18.43
C GLN A 96 -11.26 29.78 17.90
N ASN A 97 -12.06 30.37 18.80
CA ASN A 97 -13.29 31.16 18.50
C ASN A 97 -13.34 32.33 19.49
N GLU A 98 -14.39 33.17 19.44
CA GLU A 98 -14.52 34.38 20.33
C GLU A 98 -14.63 33.95 21.81
N GLY A 99 -14.94 32.68 22.07
CA GLY A 99 -15.12 32.15 23.45
C GLY A 99 -13.81 31.70 24.10
N MET A 100 -12.68 31.78 23.39
CA MET A 100 -11.35 31.44 23.96
C MET A 100 -10.37 32.58 23.61
N LYS A 101 -9.77 33.21 24.61
CA LYS A 101 -8.87 34.38 24.39
C LYS A 101 -7.60 33.85 23.75
N GLY A 102 -7.10 32.74 24.27
CA GLY A 102 -5.82 32.15 23.89
C GLY A 102 -5.41 31.03 24.81
N TYR A 103 -4.40 30.28 24.40
CA TYR A 103 -3.75 29.22 25.17
C TYR A 103 -2.39 28.93 24.53
N GLY A 104 -1.49 28.27 25.25
CA GLY A 104 -0.16 27.89 24.76
C GLY A 104 0.81 27.61 25.89
N TRP A 105 1.94 27.02 25.55
CA TRP A 105 3.07 26.71 26.46
C TRP A 105 3.92 27.97 26.63
N ASP A 106 4.20 28.35 27.89
CA ASP A 106 5.08 29.50 28.24
C ASP A 106 6.51 29.00 28.22
N GLU A 107 6.75 27.80 28.75
CA GLU A 107 8.01 27.06 28.55
C GLU A 107 7.67 25.62 28.25
N TYR A 108 8.55 24.94 27.51
CA TYR A 108 8.44 23.49 27.32
C TYR A 108 9.74 22.97 26.75
N ASP A 109 10.12 21.77 27.19
CA ASP A 109 11.17 20.90 26.60
C ASP A 109 10.67 19.47 26.69
N PRO A 110 10.60 18.68 25.58
CA PRO A 110 9.87 17.41 25.60
C PRO A 110 10.50 16.45 26.60
N ARG A 111 11.79 16.63 26.88
CA ARG A 111 12.58 15.75 27.78
C ARG A 111 12.18 15.99 29.23
N ARG A 112 11.79 17.21 29.61
CA ARG A 112 11.58 17.63 31.03
C ARG A 112 10.11 17.92 31.31
N GLY A 113 9.45 18.61 30.39
CA GLY A 113 8.06 19.10 30.52
C GLY A 113 8.00 20.62 30.52
N GLY A 114 6.91 21.18 31.04
CA GLY A 114 6.70 22.63 31.06
C GLY A 114 5.35 22.99 31.62
N ILE A 115 4.93 24.23 31.36
CA ILE A 115 3.72 24.89 31.93
C ILE A 115 2.93 25.51 30.77
N GLN A 116 1.63 25.22 30.74
CA GLN A 116 0.69 25.70 29.72
C GLN A 116 -0.31 26.59 30.44
N SER A 117 -0.64 27.73 29.82
CA SER A 117 -1.71 28.67 30.22
C SER A 117 -2.89 28.56 29.24
N ILE A 118 -4.12 28.45 29.75
CA ILE A 118 -5.37 28.49 28.94
C ILE A 118 -6.25 29.64 29.44
N HIS A 119 -6.72 30.52 28.54
CA HIS A 119 -7.51 31.74 28.85
C HIS A 119 -8.91 31.58 28.23
N ASP A 120 -9.79 30.98 29.01
CA ASP A 120 -11.14 30.53 28.57
C ASP A 120 -12.13 31.60 28.99
N ILE A 121 -12.66 32.35 28.01
CA ILE A 121 -13.66 33.42 28.25
C ILE A 121 -15.02 32.76 28.52
N GLN A 122 -15.45 31.85 27.65
CA GLN A 122 -16.78 31.19 27.80
C GLN A 122 -16.93 30.66 29.22
N ASN A 123 -15.88 30.08 29.81
CA ASN A 123 -15.97 29.39 31.12
C ASN A 123 -15.38 30.24 32.25
N GLY A 124 -15.11 31.53 31.99
CA GLY A 124 -14.57 32.49 32.99
C GLY A 124 -13.31 32.01 33.71
N LEU A 125 -12.51 31.15 33.07
CA LEU A 125 -11.36 30.49 33.72
C LEU A 125 -10.03 30.86 33.06
N ASP A 126 -9.01 31.03 33.90
CA ASP A 126 -7.58 31.04 33.51
C ASP A 126 -6.97 29.77 34.12
N ILE A 127 -6.83 28.70 33.32
CA ILE A 127 -6.32 27.36 33.74
C ILE A 127 -4.83 27.21 33.43
N THR A 128 -4.09 26.61 34.35
CA THR A 128 -2.63 26.35 34.24
C THR A 128 -2.44 24.83 34.25
N THR A 129 -1.67 24.29 33.30
CA THR A 129 -1.24 22.86 33.28
C THR A 129 0.28 22.79 33.41
N SER A 130 0.77 22.48 34.61
CA SER A 130 2.21 22.23 34.92
C SER A 130 2.43 20.74 34.65
N PHE A 131 3.34 20.39 33.73
CA PHE A 131 3.66 18.98 33.38
C PHE A 131 5.15 18.78 33.51
N VAL A 132 5.55 17.68 34.14
CA VAL A 132 6.98 17.40 34.47
C VAL A 132 7.24 15.88 34.52
N LYS A 133 8.41 15.48 34.04
CA LYS A 133 8.86 14.07 33.91
C LYS A 133 9.93 13.78 34.96
N ILE A 134 10.01 12.52 35.44
CA ILE A 134 11.05 12.07 36.41
C ILE A 134 11.65 10.77 35.90
N PRO A 135 12.91 10.80 35.39
CA PRO A 135 13.59 9.58 34.96
C PRO A 135 13.79 8.62 36.14
N GLY A 136 13.91 7.32 35.85
CA GLY A 136 13.93 6.21 36.82
C GLY A 136 13.29 4.98 36.20
N GLY A 137 13.86 3.80 36.43
CA GLY A 137 13.29 2.51 35.98
C GLY A 137 13.73 2.16 34.56
N ALA A 138 13.03 1.22 33.94
CA ALA A 138 13.32 0.69 32.58
C ALA A 138 12.05 0.76 31.71
N HIS A 139 11.24 1.82 31.87
CA HIS A 139 9.91 1.99 31.23
C HIS A 139 9.66 3.46 30.86
N GLY A 140 10.72 4.20 30.51
CA GLY A 140 10.67 5.65 30.17
C GLY A 140 10.17 6.51 31.33
N GLY A 141 10.09 5.92 32.53
CA GLY A 141 10.04 6.69 33.78
C GLY A 141 8.62 7.00 34.22
N SER A 142 8.55 8.02 35.09
CA SER A 142 7.35 8.56 35.81
C SER A 142 7.11 10.00 35.35
N TRP A 143 5.94 10.55 35.66
CA TRP A 143 5.61 11.99 35.40
C TRP A 143 4.50 12.46 36.34
N ALA A 144 4.25 13.78 36.35
CA ALA A 144 3.16 14.41 37.15
C ALA A 144 2.77 15.76 36.55
N ALA A 145 1.53 16.15 36.82
CA ALA A 145 0.89 17.36 36.29
C ALA A 145 0.07 18.02 37.39
N ARG A 146 0.13 19.36 37.44
CA ARG A 146 -0.71 20.20 38.33
C ARG A 146 -1.71 20.99 37.46
N ILE A 147 -3.00 20.70 37.64
CA ILE A 147 -4.14 21.43 37.04
C ILE A 147 -4.58 22.53 38.03
N LYS A 148 -4.44 23.80 37.63
CA LYS A 148 -4.76 25.00 38.45
C LYS A 148 -5.78 25.83 37.67
N GLY A 149 -7.00 25.98 38.20
CA GLY A 149 -8.06 26.84 37.65
C GLY A 149 -8.27 28.05 38.54
N THR A 150 -8.40 29.23 37.94
CA THR A 150 -8.62 30.53 38.65
C THR A 150 -9.64 31.34 37.87
N LEU A 151 -10.85 31.47 38.40
CA LEU A 151 -11.88 32.35 37.80
C LEU A 151 -11.27 33.72 37.50
N ASN A 152 -11.62 34.30 36.35
CA ASN A 152 -11.22 35.69 35.99
C ASN A 152 -12.21 36.64 36.69
N ASP A 153 -12.01 37.94 36.55
CA ASP A 153 -12.72 38.99 37.32
C ASP A 153 -14.21 39.06 36.91
N ASP A 154 -14.61 38.50 35.76
CA ASP A 154 -16.01 38.53 35.26
C ASP A 154 -16.76 37.24 35.64
N ALA A 155 -16.07 36.22 36.16
CA ALA A 155 -16.73 34.96 36.54
C ALA A 155 -17.47 35.15 37.85
N PRO A 156 -18.77 34.75 37.94
CA PRO A 156 -19.46 34.63 39.22
C PRO A 156 -18.52 34.06 40.28
N LYS A 157 -18.25 34.80 41.37
CA LYS A 157 -17.27 34.42 42.43
C LYS A 157 -17.55 32.97 42.90
N ASP A 158 -18.80 32.50 42.74
CA ASP A 158 -19.30 31.16 43.21
C ASP A 158 -19.64 30.21 42.05
N GLN A 159 -19.16 30.47 40.83
CA GLN A 159 -19.34 29.58 39.63
C GLN A 159 -19.03 28.13 39.97
N LYS A 160 -19.82 27.21 39.42
CA LYS A 160 -19.60 25.76 39.60
C LYS A 160 -18.98 25.19 38.32
N THR A 161 -17.83 24.52 38.48
CA THR A 161 -16.91 24.08 37.41
C THR A 161 -16.74 22.56 37.50
N ILE A 162 -17.22 21.81 36.49
CA ILE A 162 -16.96 20.33 36.36
C ILE A 162 -15.56 20.13 35.74
N VAL A 163 -14.76 19.27 36.35
CA VAL A 163 -13.44 18.86 35.80
C VAL A 163 -13.44 17.35 35.69
N VAL A 164 -13.10 16.84 34.52
CA VAL A 164 -12.96 15.38 34.28
C VAL A 164 -11.53 15.08 33.89
N PHE A 165 -10.94 14.06 34.51
CA PHE A 165 -9.67 13.46 34.02
C PHE A 165 -9.97 12.10 33.41
N TYR A 166 -9.73 11.97 32.11
CA TYR A 166 -10.09 10.76 31.33
C TYR A 166 -8.83 9.97 31.03
N VAL A 167 -8.78 8.72 31.50
CA VAL A 167 -7.70 7.72 31.31
C VAL A 167 -8.25 6.53 30.52
N SER A 168 -7.54 6.13 29.47
CA SER A 168 -7.88 4.97 28.62
C SER A 168 -6.61 4.14 28.47
N GLN A 169 -6.76 2.82 28.31
CA GLN A 169 -5.61 1.92 28.01
C GLN A 169 -5.97 0.97 26.88
N GLU A 170 -5.33 1.16 25.73
CA GLU A 170 -5.38 0.24 24.56
C GLU A 170 -4.28 -0.82 24.78
N GLY A 171 -4.54 -2.07 24.39
CA GLY A 171 -3.54 -3.16 24.46
C GLY A 171 -4.20 -4.45 24.91
N GLU A 172 -3.60 -5.61 24.61
CA GLU A 172 -4.31 -6.92 24.66
C GLU A 172 -4.13 -7.58 26.03
N ASN A 173 -2.93 -7.48 26.61
CA ASN A 173 -2.55 -8.23 27.84
C ASN A 173 -2.21 -7.22 28.94
N SER A 174 -3.08 -6.23 29.13
CA SER A 174 -2.85 -5.07 30.02
C SER A 174 -4.07 -4.89 30.93
N GLU A 175 -3.87 -4.35 32.11
CA GLU A 175 -4.95 -4.22 33.12
C GLU A 175 -4.81 -2.83 33.74
N LEU A 176 -5.97 -2.24 34.07
CA LEU A 176 -6.10 -0.96 34.80
C LEU A 176 -7.36 -1.04 35.66
N GLU A 177 -7.20 -0.73 36.94
CA GLU A 177 -8.25 -0.90 37.97
C GLU A 177 -8.21 0.32 38.87
N ALA A 178 -9.39 0.84 39.19
CA ALA A 178 -9.64 1.89 40.20
C ALA A 178 -9.87 1.20 41.55
N VAL A 179 -8.98 1.41 42.53
CA VAL A 179 -9.14 0.97 43.95
C VAL A 179 -10.36 1.70 44.52
N PRO A 180 -11.38 1.00 45.07
CA PRO A 180 -12.60 1.68 45.52
C PRO A 180 -12.27 2.55 46.74
N SER A 181 -13.19 3.42 47.11
CA SER A 181 -12.96 4.37 48.23
C SER A 181 -13.59 3.85 49.52
N GLU A 182 -13.06 4.31 50.65
CA GLU A 182 -13.62 3.97 51.97
C GLU A 182 -15.01 4.59 52.10
N ASN A 183 -15.18 5.82 51.62
CA ASN A 183 -16.46 6.58 51.72
C ASN A 183 -17.55 5.95 50.85
N GLU A 184 -18.81 6.18 51.24
CA GLU A 184 -19.99 5.53 50.61
C GLU A 184 -20.29 5.86 49.13
N PHE A 185 -20.27 7.13 48.71
CA PHE A 185 -20.77 7.41 47.33
C PHE A 185 -19.76 8.11 46.44
N GLY A 186 -18.51 8.13 46.88
CA GLY A 186 -17.40 8.77 46.15
C GLY A 186 -16.12 8.74 46.97
N TYR A 187 -15.17 9.62 46.65
CA TYR A 187 -13.82 9.70 47.28
C TYR A 187 -13.67 11.05 47.98
N GLU A 188 -13.09 11.04 49.19
CA GLU A 188 -12.89 12.25 50.03
C GLU A 188 -11.50 12.80 49.72
N GLY A 189 -10.53 11.90 49.54
CA GLY A 189 -9.13 12.23 49.21
C GLY A 189 -8.74 11.68 47.84
N ASP A 190 -7.56 11.06 47.76
CA ASP A 190 -6.90 10.64 46.50
C ASP A 190 -7.74 9.58 45.81
N VAL A 191 -7.51 9.46 44.50
CA VAL A 191 -8.02 8.38 43.60
C VAL A 191 -6.79 7.66 43.04
N ILE A 192 -6.76 6.34 43.23
CA ILE A 192 -5.60 5.46 42.91
C ILE A 192 -6.04 4.52 41.80
N LEU A 193 -5.44 4.67 40.62
CA LEU A 193 -5.54 3.71 39.49
C LEU A 193 -4.29 2.83 39.48
N LYS A 194 -4.49 1.52 39.54
CA LYS A 194 -3.38 0.52 39.50
C LYS A 194 -3.50 -0.21 38.16
N GLY A 195 -2.37 -0.32 37.44
CA GLY A 195 -2.38 -0.95 36.11
C GLY A 195 -1.03 -1.51 35.72
N ARG A 196 -1.05 -2.39 34.70
CA ARG A 196 0.15 -3.07 34.15
C ARG A 196 -0.05 -3.29 32.65
N SER A 197 1.04 -3.18 31.88
CA SER A 197 1.14 -3.51 30.44
C SER A 197 2.52 -4.09 30.14
N GLU A 198 2.64 -4.98 29.14
CA GLU A 198 3.94 -5.47 28.59
C GLU A 198 4.87 -4.26 28.39
N ALA A 199 4.34 -3.17 27.82
CA ALA A 199 5.10 -1.96 27.39
C ALA A 199 5.54 -1.11 28.59
N LEU A 200 4.68 -0.96 29.59
CA LEU A 200 4.90 -0.06 30.76
C LEU A 200 5.22 -0.85 32.03
N GLY A 201 5.00 -2.17 32.03
CA GLY A 201 4.97 -2.98 33.26
C GLY A 201 3.95 -2.41 34.22
N ASN A 202 4.19 -2.50 35.54
CA ASN A 202 3.28 -1.97 36.60
C ASN A 202 3.52 -0.48 36.82
N TYR A 203 2.43 0.22 37.05
CA TYR A 203 2.37 1.68 37.29
C TYR A 203 1.16 1.96 38.17
N LYS A 204 1.18 3.07 38.90
CA LYS A 204 -0.05 3.62 39.49
C LYS A 204 -0.17 5.09 39.07
N LEU A 205 -1.41 5.48 38.85
CA LEU A 205 -1.82 6.83 38.39
C LEU A 205 -2.71 7.39 39.49
N VAL A 206 -2.32 8.50 40.11
CA VAL A 206 -3.03 9.16 41.24
C VAL A 206 -3.62 10.50 40.75
N VAL A 207 -4.93 10.65 40.85
CA VAL A 207 -5.60 11.98 40.86
C VAL A 207 -5.86 12.34 42.32
N THR A 208 -5.27 13.44 42.80
CA THR A 208 -5.27 13.82 44.24
C THR A 208 -6.63 14.39 44.63
N LYS A 209 -6.85 14.58 45.94
CA LYS A 209 -8.03 15.28 46.52
C LYS A 209 -8.13 16.67 45.87
N GLY A 210 -7.02 17.42 45.96
CA GLY A 210 -6.89 18.81 45.48
C GLY A 210 -7.56 19.83 46.40
N LYS A 211 -6.94 21.02 46.53
CA LYS A 211 -7.49 22.23 47.18
C LYS A 211 -8.72 22.75 46.38
N GLY A 212 -9.66 23.43 47.05
CA GLY A 212 -10.79 24.15 46.43
C GLY A 212 -12.14 23.73 46.99
N VAL A 213 -13.11 24.62 46.98
CA VAL A 213 -14.43 24.35 47.66
C VAL A 213 -15.18 23.33 46.82
N ILE A 214 -15.52 22.18 47.41
CA ILE A 214 -16.40 21.17 46.78
C ILE A 214 -17.81 21.39 47.31
N PRO A 215 -18.81 21.71 46.44
CA PRO A 215 -20.16 22.01 46.89
C PRO A 215 -21.01 20.79 47.29
N GLN A 216 -21.84 20.93 48.33
CA GLN A 216 -22.70 19.86 48.87
C GLN A 216 -24.17 20.17 48.55
N SER A 217 -25.02 19.16 48.46
CA SER A 217 -26.46 19.24 48.09
C SER A 217 -27.30 18.92 49.33
N ASP A 218 -28.50 19.50 49.41
CA ASP A 218 -29.50 19.28 50.49
C ASP A 218 -30.45 18.18 50.05
N HIS A 219 -30.51 17.95 48.76
CA HIS A 219 -31.68 17.37 48.04
C HIS A 219 -31.78 15.86 48.28
N ASP A 220 -33.01 15.33 48.28
CA ASP A 220 -33.33 13.89 48.51
C ASP A 220 -32.25 13.03 47.85
N LEU A 221 -31.87 13.41 46.62
CA LEU A 221 -31.01 12.62 45.70
C LEU A 221 -29.69 12.25 46.37
N SER A 222 -29.23 13.05 47.34
CA SER A 222 -27.98 12.83 48.10
C SER A 222 -28.11 11.60 49.03
N ARG A 223 -29.26 10.92 49.01
CA ARG A 223 -29.46 9.62 49.71
C ARG A 223 -28.78 8.52 48.89
N LEU A 224 -28.69 8.70 47.57
CA LEU A 224 -28.26 7.63 46.63
C LEU A 224 -26.89 7.95 45.97
N ARG A 225 -26.65 9.24 45.67
CA ARG A 225 -25.46 9.78 44.96
C ARG A 225 -24.48 10.44 45.94
N GLY A 226 -24.93 10.73 47.16
CA GLY A 226 -24.14 11.51 48.14
C GLY A 226 -24.35 13.01 47.96
N PRO A 227 -23.88 13.85 48.92
CA PRO A 227 -24.09 15.29 48.85
C PRO A 227 -23.24 15.99 47.77
N GLY A 228 -22.15 15.34 47.33
CA GLY A 228 -21.18 15.89 46.37
C GLY A 228 -19.77 15.52 46.75
N GLN A 229 -19.07 14.78 45.89
CA GLN A 229 -17.69 14.25 46.12
C GLN A 229 -17.02 13.98 44.77
N THR A 230 -15.69 13.92 44.74
CA THR A 230 -14.90 13.24 43.68
C THR A 230 -15.57 11.89 43.40
N VAL A 231 -15.87 11.56 42.14
CA VAL A 231 -16.41 10.23 41.72
C VAL A 231 -15.58 9.65 40.57
N VAL A 232 -15.52 8.30 40.48
CA VAL A 232 -14.80 7.51 39.46
C VAL A 232 -15.79 6.53 38.85
N GLN A 233 -15.92 6.54 37.51
CA GLN A 233 -16.56 5.44 36.73
C GLN A 233 -15.47 4.69 35.96
N SER A 234 -15.54 3.36 35.99
CA SER A 234 -14.60 2.43 35.31
C SER A 234 -15.38 1.61 34.28
N LEU A 235 -15.03 1.70 32.98
CA LEU A 235 -15.79 1.13 31.82
C LEU A 235 -14.88 0.26 30.96
N THR A 236 -15.45 -0.47 29.99
CA THR A 236 -14.69 -1.00 28.83
C THR A 236 -15.48 -0.80 27.54
N TYR A 237 -14.79 -0.30 26.52
CA TYR A 237 -15.21 -0.25 25.11
C TYR A 237 -14.14 -0.97 24.30
N PRO A 238 -14.44 -1.45 23.07
CA PRO A 238 -13.40 -1.99 22.21
C PRO A 238 -12.33 -0.92 21.91
N ASP A 239 -11.05 -1.29 22.04
CA ASP A 239 -9.87 -0.39 21.98
C ASP A 239 -10.03 0.72 20.94
N GLU A 240 -10.55 0.40 19.75
CA GLU A 240 -10.49 1.39 18.63
C GLU A 240 -11.35 2.64 18.94
N VAL A 241 -12.22 2.66 19.96
CA VAL A 241 -13.05 3.89 20.23
C VAL A 241 -12.62 4.64 21.49
N LEU A 242 -11.58 4.21 22.22
CA LEU A 242 -11.27 4.85 23.54
C LEU A 242 -10.88 6.33 23.35
N TRP A 243 -10.48 6.72 22.14
CA TRP A 243 -10.09 8.12 21.83
C TRP A 243 -11.31 9.05 21.86
N GLN A 244 -12.51 8.50 21.73
CA GLN A 244 -13.74 9.31 21.61
C GLN A 244 -14.22 9.67 23.02
N ALA A 245 -13.36 10.28 23.82
CA ALA A 245 -13.60 10.56 25.26
C ALA A 245 -14.89 11.35 25.49
N LYS A 246 -15.17 12.40 24.72
CA LYS A 246 -16.33 13.28 25.02
C LYS A 246 -17.64 12.53 24.81
N PRO A 247 -17.87 11.86 23.65
CA PRO A 247 -19.01 10.95 23.53
C PRO A 247 -19.09 9.86 24.62
N ILE A 248 -17.96 9.28 25.00
CA ILE A 248 -17.96 8.20 26.04
C ILE A 248 -18.45 8.82 27.34
N LEU A 249 -17.92 9.99 27.70
CA LEU A 249 -18.35 10.73 28.93
C LEU A 249 -19.85 11.02 28.86
N PHE A 250 -20.30 11.63 27.78
CA PHE A 250 -21.71 12.08 27.63
C PHE A 250 -22.66 10.87 27.56
N GLN A 251 -22.17 9.68 27.22
CA GLN A 251 -23.02 8.46 27.24
C GLN A 251 -23.31 8.09 28.69
N GLN A 252 -22.35 8.32 29.60
CA GLN A 252 -22.50 8.05 31.05
C GLN A 252 -23.34 9.14 31.74
N LEU A 253 -23.22 10.41 31.32
CA LEU A 253 -24.00 11.56 31.85
C LEU A 253 -25.48 11.40 31.46
N LYS A 254 -25.77 10.96 30.23
CA LYS A 254 -27.15 10.61 29.78
C LYS A 254 -27.72 9.50 30.65
N ALA A 255 -27.06 8.34 30.75
CA ALA A 255 -27.50 7.16 31.53
C ALA A 255 -27.99 7.62 32.92
N GLY A 256 -27.17 8.40 33.62
CA GLY A 256 -27.35 8.85 35.01
C GLY A 256 -28.40 9.95 35.13
N ILE A 257 -28.85 10.50 33.99
CA ILE A 257 -29.93 11.51 33.88
C ILE A 257 -31.24 10.78 33.58
N ASP A 258 -31.19 9.76 32.74
CA ASP A 258 -32.31 8.83 32.43
C ASP A 258 -32.72 8.12 33.73
N TRP A 259 -31.73 7.87 34.62
CA TRP A 259 -31.88 7.11 35.90
C TRP A 259 -32.70 7.90 36.92
N LEU A 260 -32.49 9.22 37.03
CA LEU A 260 -33.34 10.17 37.79
C LEU A 260 -34.79 10.11 37.29
N VAL A 261 -35.01 10.03 35.98
CA VAL A 261 -36.38 10.11 35.39
C VAL A 261 -37.15 8.80 35.63
N GLU A 262 -36.46 7.66 35.76
CA GLU A 262 -37.15 6.36 36.00
C GLU A 262 -37.19 6.12 37.51
N ASN A 263 -36.73 7.07 38.33
CA ASN A 263 -36.75 6.99 39.83
C ASN A 263 -37.55 8.17 40.42
N LYS A 264 -38.44 8.79 39.63
CA LYS A 264 -39.55 9.68 40.07
C LYS A 264 -39.03 11.00 40.65
N TYR A 265 -37.82 11.44 40.25
CA TYR A 265 -37.21 12.75 40.58
C TYR A 265 -37.59 13.78 39.51
N ASP A 266 -38.30 14.85 39.91
CA ASP A 266 -39.24 15.59 39.03
C ASP A 266 -38.95 17.09 39.06
N VAL A 267 -39.67 17.84 38.23
CA VAL A 267 -39.51 19.32 38.03
C VAL A 267 -40.12 20.07 39.23
N ALA A 268 -40.94 19.40 40.04
CA ALA A 268 -41.44 19.96 41.32
C ALA A 268 -40.23 20.47 42.12
N ASP A 269 -39.21 19.61 42.31
CA ASP A 269 -38.04 19.84 43.21
C ASP A 269 -36.80 19.18 42.60
N PRO A 270 -36.25 19.72 41.49
CA PRO A 270 -35.10 19.11 40.83
C PRO A 270 -33.81 19.40 41.60
N PRO A 271 -32.81 18.49 41.56
CA PRO A 271 -31.53 18.72 42.24
C PRO A 271 -30.77 19.80 41.49
N PRO A 272 -29.66 20.33 42.04
CA PRO A 272 -28.90 21.36 41.34
C PRO A 272 -28.26 20.79 40.07
N PRO A 273 -28.13 21.59 38.98
CA PRO A 273 -27.48 21.14 37.74
C PRO A 273 -26.19 20.34 37.94
N TRP A 274 -25.25 20.84 38.73
CA TRP A 274 -24.01 20.08 38.98
C TRP A 274 -24.35 18.66 39.43
N GLN A 275 -25.20 18.50 40.44
CA GLN A 275 -25.52 17.17 41.03
C GLN A 275 -26.17 16.28 39.96
N VAL A 276 -27.03 16.83 39.10
CA VAL A 276 -27.63 16.10 37.95
C VAL A 276 -26.52 15.58 37.01
N TYR A 277 -25.38 16.27 36.92
CA TYR A 277 -24.26 15.97 36.00
C TYR A 277 -23.04 15.46 36.79
N LEU A 278 -23.21 15.07 38.05
CA LEU A 278 -22.22 14.25 38.80
C LEU A 278 -22.56 12.78 38.58
N LEU A 279 -21.57 11.99 38.17
CA LEU A 279 -21.76 10.55 37.85
C LEU A 279 -21.94 9.75 39.15
N ALA A 280 -22.76 8.69 39.08
CA ALA A 280 -22.81 7.61 40.08
C ALA A 280 -21.44 6.91 40.16
N ASN A 281 -20.70 7.10 41.25
CA ASN A 281 -19.44 6.34 41.54
C ASN A 281 -19.67 4.87 41.19
N LYS A 282 -18.86 4.31 40.29
CA LYS A 282 -18.84 2.87 39.97
C LYS A 282 -17.41 2.46 39.64
N PRO A 283 -16.46 2.55 40.60
CA PRO A 283 -15.06 2.25 40.33
C PRO A 283 -14.88 0.74 40.26
N GLY A 284 -14.00 0.31 39.36
CA GLY A 284 -13.80 -1.10 38.96
C GLY A 284 -12.57 -1.22 38.08
N SER A 285 -12.52 -2.30 37.29
CA SER A 285 -11.45 -2.52 36.28
C SER A 285 -12.03 -2.28 34.89
N GLY A 286 -11.24 -1.61 34.04
CA GLY A 286 -11.60 -1.42 32.62
C GLY A 286 -10.50 -0.72 31.84
N ASN A 287 -10.79 -0.40 30.57
CA ASN A 287 -9.82 0.28 29.68
C ASN A 287 -10.19 1.77 29.65
N VAL A 288 -11.30 2.15 30.28
CA VAL A 288 -11.67 3.58 30.51
C VAL A 288 -11.96 3.85 31.98
N HIS A 289 -11.32 4.89 32.54
CA HIS A 289 -11.63 5.47 33.87
C HIS A 289 -11.90 6.96 33.72
N ILE A 290 -13.15 7.37 34.02
CA ILE A 290 -13.58 8.79 34.17
C ILE A 290 -13.54 9.16 35.65
N VAL A 291 -12.69 10.10 36.03
CA VAL A 291 -12.57 10.73 37.37
C VAL A 291 -13.19 12.13 37.30
N GLN A 292 -14.36 12.32 37.92
CA GLN A 292 -15.11 13.60 37.93
C GLN A 292 -15.01 14.27 39.29
N LYS A 293 -14.50 15.49 39.30
CA LYS A 293 -14.58 16.46 40.42
C LYS A 293 -15.53 17.60 40.04
N VAL A 294 -16.09 18.27 41.04
CA VAL A 294 -16.92 19.50 40.89
C VAL A 294 -16.44 20.51 41.91
N PHE A 295 -16.28 21.76 41.49
CA PHE A 295 -15.58 22.80 42.29
C PHE A 295 -16.42 24.08 42.30
N GLU A 296 -16.41 24.75 43.45
CA GLU A 296 -16.96 26.12 43.65
C GLU A 296 -15.75 27.07 43.74
N GLY A 297 -15.77 28.11 42.92
CA GLY A 297 -14.64 29.05 42.80
C GLY A 297 -13.37 28.38 42.32
N ASP A 298 -12.23 28.98 42.70
CA ASP A 298 -10.86 28.52 42.37
C ASP A 298 -10.71 27.05 42.79
N PHE A 299 -9.79 26.32 42.17
CA PHE A 299 -9.54 24.87 42.41
C PHE A 299 -8.16 24.50 41.86
N GLU A 300 -7.69 23.31 42.22
CA GLU A 300 -6.35 22.79 41.83
C GLU A 300 -6.25 21.34 42.31
N PHE A 301 -5.71 20.46 41.47
CA PHE A 301 -5.42 19.04 41.82
C PHE A 301 -4.33 18.55 40.90
N ASP A 302 -3.72 17.42 41.29
CA ASP A 302 -2.48 16.89 40.67
C ASP A 302 -2.79 15.51 40.07
N ILE A 303 -2.01 15.15 39.05
CA ILE A 303 -1.97 13.77 38.49
C ILE A 303 -0.54 13.27 38.69
N LEU A 304 -0.37 12.17 39.42
CA LEU A 304 0.95 11.57 39.73
C LEU A 304 0.95 10.17 39.16
N PHE A 305 1.69 9.99 38.05
CA PHE A 305 1.94 8.68 37.42
C PHE A 305 3.29 8.22 37.93
N SER A 306 3.31 7.10 38.68
CA SER A 306 4.52 6.53 39.33
C SER A 306 4.78 5.17 38.69
N SER A 307 5.95 5.04 38.03
CA SER A 307 6.44 3.79 37.39
C SER A 307 7.04 2.87 38.47
N GLU A 308 6.48 1.66 38.60
CA GLU A 308 6.92 0.65 39.59
C GLU A 308 8.36 0.24 39.30
N SER A 309 8.82 0.41 38.07
CA SER A 309 10.20 0.07 37.65
C SER A 309 11.22 0.94 38.38
N ALA A 310 10.85 2.19 38.71
CA ALA A 310 11.66 3.17 39.47
C ALA A 310 11.50 2.91 40.97
N GLY A 311 12.04 3.79 41.82
CA GLY A 311 11.96 3.47 43.25
C GLY A 311 10.72 4.00 43.93
N LYS A 312 10.88 5.01 44.79
CA LYS A 312 9.75 5.54 45.58
C LYS A 312 8.70 6.16 44.66
N GLU A 313 7.44 6.10 45.07
CA GLU A 313 6.31 6.65 44.28
C GLU A 313 6.40 8.19 44.24
N VAL A 314 5.78 8.78 43.23
CA VAL A 314 5.89 10.24 42.97
C VAL A 314 4.86 10.98 43.83
N THR A 315 5.25 12.13 44.41
CA THR A 315 4.46 12.95 45.36
C THR A 315 4.26 14.37 44.79
N SER A 316 3.29 15.12 45.30
CA SER A 316 3.07 16.56 44.97
C SER A 316 4.28 17.41 45.39
N LYS A 317 5.06 16.97 46.40
CA LYS A 317 6.35 17.63 46.80
C LYS A 317 7.35 17.45 45.66
N ASP A 318 7.34 16.27 45.02
CA ASP A 318 8.15 16.01 43.79
C ASP A 318 7.74 17.01 42.70
N LEU A 319 6.44 17.16 42.48
CA LEU A 319 5.88 18.06 41.44
C LEU A 319 6.49 19.46 41.56
N GLU A 320 6.36 20.10 42.73
CA GLU A 320 6.77 21.51 42.97
C GLU A 320 8.29 21.64 42.79
N ARG A 321 9.08 20.66 43.22
CA ARG A 321 10.57 20.74 43.13
C ARG A 321 10.97 20.66 41.65
N GLU A 322 10.42 19.68 40.93
CA GLU A 322 10.81 19.36 39.54
C GLU A 322 10.36 20.49 38.59
N VAL A 323 9.23 21.14 38.85
CA VAL A 323 8.71 22.28 38.03
C VAL A 323 9.67 23.46 38.18
N LYS A 324 9.93 23.91 39.42
CA LYS A 324 10.88 25.02 39.73
C LYS A 324 12.18 24.73 38.98
N GLN A 325 12.70 23.52 39.12
CA GLN A 325 13.99 23.05 38.52
C GLN A 325 13.89 23.14 36.98
N ALA A 326 12.80 22.61 36.40
CA ALA A 326 12.54 22.59 34.94
C ALA A 326 12.54 24.02 34.39
N THR A 327 12.02 24.98 35.18
CA THR A 327 11.96 26.41 34.78
C THR A 327 13.36 27.03 34.76
N GLU A 328 14.19 26.85 35.80
CA GLU A 328 15.57 27.44 35.82
C GLU A 328 16.29 26.91 34.57
N VAL A 329 16.31 25.59 34.40
CA VAL A 329 16.97 24.86 33.27
C VAL A 329 16.53 25.46 31.94
N PHE A 330 15.23 25.48 31.64
CA PHE A 330 14.68 26.10 30.41
C PHE A 330 15.26 27.52 30.25
N GLY A 331 15.16 28.32 31.31
CA GLY A 331 15.68 29.71 31.37
C GLY A 331 17.13 29.79 30.94
N GLU A 332 17.99 28.94 31.51
CA GLU A 332 19.46 28.93 31.26
C GLU A 332 19.74 28.51 29.81
N ARG A 333 18.99 27.53 29.28
CA ARG A 333 19.25 26.90 27.95
C ARG A 333 18.85 27.88 26.84
N PHE A 334 17.75 28.61 27.06
CA PHE A 334 17.20 29.63 26.12
C PHE A 334 18.25 30.72 25.90
N ALA A 335 18.66 31.36 27.00
CA ALA A 335 19.66 32.46 27.05
C ALA A 335 20.95 32.06 26.30
N ARG A 336 21.31 30.77 26.26
CA ARG A 336 22.52 30.31 25.52
C ARG A 336 22.16 30.05 24.05
N VAL A 337 21.16 29.20 23.80
CA VAL A 337 20.80 28.70 22.44
C VAL A 337 20.15 29.81 21.58
N PHE A 338 19.42 30.73 22.21
CA PHE A 338 18.65 31.82 21.52
C PHE A 338 19.05 33.18 22.07
N ASP A 339 20.33 33.54 21.88
CA ASP A 339 20.84 34.87 22.28
C ASP A 339 20.22 35.87 21.31
N LEU A 340 19.13 36.52 21.71
CA LEU A 340 18.48 37.58 20.91
C LEU A 340 19.44 38.77 20.68
N LYS A 341 19.88 38.98 19.43
CA LYS A 341 20.73 40.12 18.97
C LYS A 341 19.88 41.39 18.81
N ALA A 342 20.52 42.56 18.93
CA ALA A 342 19.90 43.88 18.74
C ALA A 342 19.12 43.90 17.42
N PRO A 343 18.01 44.65 17.28
CA PRO A 343 17.45 45.47 18.37
C PRO A 343 16.46 44.75 19.31
N PHE A 344 16.63 43.44 19.51
CA PHE A 344 15.59 42.60 20.16
C PHE A 344 16.11 41.97 21.48
N GLN A 345 17.11 42.57 22.14
CA GLN A 345 17.73 41.96 23.36
C GLN A 345 16.85 42.26 24.59
N GLY A 346 15.94 43.23 24.49
CA GLY A 346 15.03 43.61 25.60
C GLY A 346 14.15 42.46 26.05
N ASP A 347 13.65 42.53 27.28
CA ASP A 347 12.91 41.45 27.98
C ASP A 347 11.61 41.10 27.25
N ASN A 348 10.96 42.12 26.66
CA ASN A 348 9.69 41.99 25.93
C ASN A 348 9.90 40.99 24.78
N TYR A 349 11.00 41.13 24.03
CA TYR A 349 11.36 40.26 22.90
C TYR A 349 11.83 38.88 23.40
N LYS A 350 12.42 38.79 24.59
CA LYS A 350 12.84 37.49 25.16
C LYS A 350 11.56 36.71 25.43
N LYS A 351 10.57 37.39 26.02
CA LYS A 351 9.26 36.83 26.41
C LYS A 351 8.58 36.29 25.16
N PHE A 352 8.57 37.09 24.09
CA PHE A 352 7.91 36.78 22.80
C PHE A 352 8.59 35.57 22.19
N GLY A 353 9.93 35.63 22.17
CA GLY A 353 10.81 34.54 21.72
C GLY A 353 10.50 33.24 22.42
N LYS A 354 10.37 33.26 23.75
CA LYS A 354 10.10 32.04 24.55
C LYS A 354 8.72 31.48 24.18
N SER A 355 7.75 32.34 23.90
CA SER A 355 6.38 31.94 23.54
C SER A 355 6.42 31.22 22.20
N MET A 356 7.07 31.84 21.22
CA MET A 356 7.05 31.33 19.84
C MET A 356 7.75 29.97 19.87
N PHE A 357 8.92 29.89 20.50
CA PHE A 357 9.73 28.65 20.61
C PHE A 357 8.94 27.57 21.34
N SER A 358 8.45 27.87 22.55
CA SER A 358 7.74 26.92 23.43
C SER A 358 6.54 26.31 22.70
N ASN A 359 5.71 27.13 22.07
CA ASN A 359 4.50 26.65 21.37
C ASN A 359 4.92 25.75 20.20
N LEU A 360 6.00 26.10 19.48
CA LEU A 360 6.49 25.28 18.35
C LEU A 360 6.83 23.89 18.87
N ILE A 361 7.67 23.80 19.91
CA ILE A 361 8.21 22.50 20.39
C ILE A 361 7.13 21.81 21.21
N GLY A 362 6.26 22.56 21.85
CA GLY A 362 5.15 21.99 22.66
C GLY A 362 4.07 21.40 21.78
N GLY A 363 4.04 21.73 20.48
CA GLY A 363 3.12 21.09 19.52
C GLY A 363 3.52 19.66 19.16
N ILE A 364 4.68 19.19 19.61
CA ILE A 364 5.18 17.86 19.19
C ILE A 364 4.09 16.87 19.56
N GLY A 365 3.76 15.99 18.63
CA GLY A 365 2.73 14.96 18.86
C GLY A 365 3.24 13.59 18.47
N TYR A 366 2.64 12.57 19.04
CA TYR A 366 2.85 11.17 18.64
C TYR A 366 1.51 10.67 18.12
N PHE A 367 1.55 10.07 16.94
CA PHE A 367 0.36 9.72 16.12
C PHE A 367 0.52 8.27 15.67
N TYR A 368 -0.56 7.48 15.76
CA TYR A 368 -0.57 6.04 15.43
C TYR A 368 -1.91 5.70 14.77
N GLY A 369 -1.88 4.98 13.64
CA GLY A 369 -3.08 4.41 13.01
C GLY A 369 -2.89 4.16 11.52
N HIS A 370 -3.96 3.81 10.84
CA HIS A 370 -3.99 3.60 9.37
C HIS A 370 -4.07 4.95 8.67
N SER A 371 -3.47 5.05 7.49
CA SER A 371 -3.53 6.17 6.51
C SER A 371 -4.47 5.76 5.37
N LEU A 372 -5.11 6.72 4.70
CA LEU A 372 -5.98 6.44 3.54
C LEU A 372 -5.18 6.79 2.28
N VAL A 373 -4.93 5.80 1.41
CA VAL A 373 -4.00 5.96 0.25
C VAL A 373 -4.60 5.31 -0.98
N ASP A 374 -4.55 6.01 -2.11
CA ASP A 374 -4.99 5.47 -3.43
C ASP A 374 -3.77 4.73 -3.96
N ARG A 375 -3.87 3.41 -4.10
CA ARG A 375 -2.71 2.57 -4.50
C ARG A 375 -2.97 1.97 -5.87
N SER A 376 -4.01 2.42 -6.58
CA SER A 376 -4.28 2.03 -7.98
C SER A 376 -3.10 2.43 -8.89
N TYR A 377 -2.41 3.54 -8.64
CA TYR A 377 -1.42 4.11 -9.59
C TYR A 377 -2.05 4.11 -10.99
N ALA A 378 -3.29 4.55 -11.06
CA ALA A 378 -4.05 4.67 -12.32
C ALA A 378 -3.17 5.41 -13.32
N PRO A 379 -3.23 5.02 -14.60
CA PRO A 379 -2.49 5.72 -15.66
C PRO A 379 -2.85 7.21 -15.81
N GLU A 380 -4.03 7.65 -15.37
CA GLU A 380 -4.44 9.08 -15.48
C GLU A 380 -3.58 9.96 -14.55
N TYR A 381 -2.98 9.38 -13.51
CA TYR A 381 -2.10 10.10 -12.55
C TYR A 381 -0.75 10.43 -13.20
N ASP A 382 -0.53 9.92 -14.41
CA ASP A 382 0.71 10.14 -15.21
C ASP A 382 0.69 11.58 -15.74
N GLU A 383 -0.50 12.14 -15.99
CA GLU A 383 -0.68 13.54 -16.46
C GLU A 383 0.17 13.79 -17.72
N GLU A 384 -0.08 13.07 -18.81
CA GLU A 384 0.81 13.19 -20.00
C GLU A 384 0.02 13.72 -21.18
N ASN A 385 -1.26 14.01 -20.95
CA ASN A 385 -2.26 14.47 -21.94
C ASN A 385 -2.62 15.93 -21.61
N GLU A 386 -2.97 16.75 -22.60
CA GLU A 386 -3.55 18.07 -22.31
C GLU A 386 -4.84 17.82 -21.55
N GLY A 387 -5.19 18.65 -20.58
CA GLY A 387 -6.44 18.48 -19.79
C GLY A 387 -6.34 17.32 -18.79
N PHE A 388 -5.12 16.94 -18.40
CA PHE A 388 -4.85 15.80 -17.48
C PHE A 388 -5.64 15.89 -16.18
N TRP A 389 -5.89 17.09 -15.66
CA TRP A 389 -6.72 17.30 -14.43
C TRP A 389 -8.11 16.65 -14.57
N GLU A 390 -8.73 16.71 -15.74
CA GLU A 390 -10.05 16.05 -15.96
C GLU A 390 -9.85 14.52 -15.81
N ASP A 391 -8.78 13.98 -16.40
CA ASP A 391 -8.52 12.52 -16.42
C ASP A 391 -8.32 12.10 -14.96
N ALA A 392 -7.51 12.83 -14.20
CA ALA A 392 -7.11 12.45 -12.83
C ALA A 392 -8.32 12.48 -11.88
N ALA A 393 -9.30 13.35 -12.13
CA ALA A 393 -10.58 13.40 -11.39
C ALA A 393 -11.40 12.13 -11.65
N GLU A 394 -11.43 11.65 -12.89
CA GLU A 394 -12.17 10.39 -13.21
C GLU A 394 -11.61 9.26 -12.34
N ALA A 395 -10.28 9.15 -12.24
CA ALA A 395 -9.58 8.10 -11.46
C ALA A 395 -9.96 8.23 -9.98
N ARG A 396 -9.90 9.45 -9.44
CA ARG A 396 -10.25 9.69 -8.02
C ARG A 396 -11.70 9.24 -7.82
N ALA A 397 -12.55 9.44 -8.83
CA ALA A 397 -14.00 9.13 -8.81
C ALA A 397 -14.28 7.61 -8.91
N ARG A 398 -13.25 6.76 -8.90
CA ARG A 398 -13.38 5.29 -8.75
C ARG A 398 -13.18 4.90 -7.29
N HIS A 399 -12.78 5.87 -6.46
CA HIS A 399 -12.57 5.76 -4.99
C HIS A 399 -11.93 4.39 -4.64
N GLN A 400 -10.75 4.11 -5.20
CA GLN A 400 -9.98 2.85 -5.02
C GLN A 400 -9.09 2.92 -3.77
N GLU A 401 -9.11 4.07 -3.07
CA GLU A 401 -8.23 4.33 -1.91
C GLU A 401 -8.60 3.37 -0.79
N ALA A 402 -7.64 2.95 0.00
CA ALA A 402 -7.91 2.04 1.12
C ALA A 402 -6.92 2.33 2.24
N LEU A 403 -7.41 2.16 3.46
CA LEU A 403 -6.65 2.12 4.71
C LEU A 403 -5.54 1.07 4.58
N GLU A 404 -4.38 1.46 5.04
CA GLU A 404 -3.15 0.67 5.10
C GLU A 404 -2.42 1.19 6.35
N GLY A 405 -1.40 0.47 6.80
CA GLY A 405 -0.62 0.79 8.01
C GLY A 405 -0.68 -0.38 8.97
N PRO A 406 -0.64 -0.16 10.30
CA PRO A 406 -0.72 1.17 10.88
C PRO A 406 0.68 1.77 10.81
N TYR A 407 0.80 3.09 10.96
CA TYR A 407 2.10 3.80 11.04
C TYR A 407 2.18 4.61 12.31
N GLU A 408 3.39 5.04 12.66
CA GLU A 408 3.66 6.02 13.73
C GLU A 408 4.40 7.22 13.13
N LEU A 409 4.16 8.40 13.70
CA LEU A 409 4.90 9.64 13.41
C LEU A 409 5.04 10.40 14.73
N PHE A 410 6.27 10.80 15.03
CA PHE A 410 6.63 11.71 16.14
C PHE A 410 7.08 13.01 15.48
N THR A 411 6.24 14.05 15.51
CA THR A 411 6.45 15.30 14.73
C THR A 411 5.81 16.51 15.42
N SER A 412 6.39 17.69 15.19
CA SER A 412 5.74 18.99 15.45
C SER A 412 4.62 19.19 14.42
N ILE A 413 3.73 20.15 14.66
CA ILE A 413 2.53 20.41 13.82
C ILE A 413 2.45 21.89 13.45
N PRO A 414 1.75 22.24 12.36
CA PRO A 414 1.50 23.64 12.06
C PRO A 414 0.60 24.39 13.07
N SER A 415 -0.41 23.75 13.63
CA SER A 415 -1.47 24.44 14.42
C SER A 415 -2.27 23.42 15.24
N ARG A 416 -2.34 23.60 16.56
CA ARG A 416 -3.14 22.69 17.43
C ARG A 416 -4.64 22.73 17.11
N PRO A 417 -5.30 23.90 17.08
CA PRO A 417 -6.73 23.94 16.73
C PRO A 417 -7.08 23.43 15.32
N PHE A 418 -6.25 23.74 14.32
CA PHE A 418 -6.59 23.59 12.88
C PHE A 418 -5.83 22.45 12.19
N PHE A 419 -4.58 22.15 12.58
CA PHE A 419 -3.74 21.18 11.85
C PHE A 419 -2.89 20.38 12.82
N PRO A 420 -3.55 19.59 13.70
CA PRO A 420 -2.85 18.73 14.64
C PRO A 420 -2.39 17.45 13.92
N ARG A 421 -1.44 17.61 13.00
CA ARG A 421 -0.88 16.52 12.16
C ARG A 421 0.35 17.03 11.39
N GLY A 422 1.13 16.11 10.85
CA GLY A 422 2.41 16.40 10.17
C GLY A 422 2.21 16.77 8.72
N PHE A 423 2.81 17.88 8.31
CA PHE A 423 2.92 18.33 6.89
C PHE A 423 4.40 18.24 6.48
N LEU A 424 4.67 17.57 5.37
CA LEU A 424 6.07 17.23 4.97
C LEU A 424 6.97 18.49 4.94
N TRP A 425 6.69 19.51 4.13
CA TRP A 425 7.65 20.65 3.97
C TRP A 425 7.56 21.60 5.16
N ASP A 426 6.44 21.58 5.88
CA ASP A 426 6.33 22.36 7.14
C ASP A 426 7.43 21.92 8.12
N GLU A 427 7.65 20.60 8.28
CA GLU A 427 8.49 20.05 9.38
C GLU A 427 9.95 20.51 9.19
N GLY A 428 10.41 20.66 7.95
CA GLY A 428 11.75 21.19 7.61
C GLY A 428 12.00 22.54 8.26
N PHE A 429 10.96 23.36 8.33
CA PHE A 429 11.02 24.71 8.94
C PHE A 429 10.89 24.56 10.46
N HIS A 430 9.94 23.74 10.91
CA HIS A 430 9.69 23.49 12.35
C HIS A 430 11.00 23.11 13.02
N LEU A 431 11.80 22.24 12.40
CA LEU A 431 12.95 21.57 13.07
C LEU A 431 14.17 22.49 13.08
N LEU A 432 14.21 23.55 12.27
CA LEU A 432 15.40 24.44 12.27
C LEU A 432 15.60 25.00 13.68
N PRO A 433 14.56 25.54 14.34
CA PRO A 433 14.70 26.04 15.70
C PRO A 433 14.76 24.90 16.73
N ILE A 434 14.07 23.80 16.45
CA ILE A 434 14.12 22.62 17.37
C ILE A 434 15.53 22.00 17.36
N ALA A 435 16.14 21.87 16.20
CA ALA A 435 17.50 21.32 16.06
C ALA A 435 18.49 22.16 16.87
N ASP A 436 18.32 23.48 16.86
CA ASP A 436 19.25 24.36 17.61
C ASP A 436 19.18 24.01 19.09
N TRP A 437 17.98 23.86 19.60
CA TRP A 437 17.71 23.53 21.02
C TRP A 437 18.10 22.09 21.34
N ASP A 438 17.77 21.15 20.47
CA ASP A 438 17.98 19.72 20.79
C ASP A 438 18.18 18.93 19.49
N ILE A 439 19.36 19.02 18.89
CA ILE A 439 19.62 18.34 17.58
C ILE A 439 19.24 16.86 17.60
N ASP A 440 19.35 16.21 18.76
CA ASP A 440 19.04 14.76 18.91
C ASP A 440 17.53 14.51 18.74
N LEU A 441 16.72 15.46 19.23
CA LEU A 441 15.25 15.45 19.07
C LEU A 441 14.90 15.63 17.59
N ALA A 442 15.53 16.60 16.92
CA ALA A 442 15.21 16.90 15.51
C ALA A 442 15.55 15.66 14.68
N LEU A 443 16.68 15.00 14.98
CA LEU A 443 17.09 13.78 14.22
C LEU A 443 16.12 12.63 14.54
N GLU A 444 15.55 12.55 15.76
CA GLU A 444 14.51 11.53 16.06
C GLU A 444 13.31 11.78 15.13
N ILE A 445 12.97 13.04 14.92
CA ILE A 445 11.75 13.41 14.13
C ILE A 445 12.02 13.14 12.65
N ILE A 446 13.20 13.54 12.15
CA ILE A 446 13.59 13.22 10.74
C ILE A 446 13.50 11.69 10.55
N LYS A 447 14.07 10.91 11.46
CA LYS A 447 14.07 9.42 11.39
C LYS A 447 12.62 8.94 11.27
N SER A 448 11.76 9.46 12.15
CA SER A 448 10.31 9.10 12.25
C SER A 448 9.63 9.33 10.91
N TRP A 449 9.89 10.48 10.28
CA TRP A 449 9.31 10.83 8.94
C TRP A 449 9.81 9.84 7.89
N TYR A 450 11.13 9.62 7.82
CA TYR A 450 11.76 8.80 6.76
C TYR A 450 11.37 7.32 6.92
N ASN A 451 11.06 6.87 8.14
CA ASN A 451 10.50 5.51 8.35
C ASN A 451 9.13 5.37 7.70
N LEU A 452 8.53 6.42 7.15
CA LEU A 452 7.21 6.30 6.51
C LEU A 452 7.40 6.11 5.01
N MET A 453 8.61 6.37 4.51
CA MET A 453 8.95 6.27 3.07
C MET A 453 8.62 4.86 2.59
N ASP A 454 7.82 4.74 1.53
CA ASP A 454 7.45 3.44 0.90
C ASP A 454 8.59 2.96 0.00
N GLU A 455 8.40 1.82 -0.68
CA GLU A 455 9.48 1.07 -1.38
C GLU A 455 9.96 1.91 -2.58
N ASP A 456 9.06 2.68 -3.20
CA ASP A 456 9.30 3.54 -4.40
C ASP A 456 9.99 4.87 -4.00
N GLY A 457 9.95 5.28 -2.74
CA GLY A 457 10.60 6.53 -2.27
C GLY A 457 9.64 7.64 -1.81
N TRP A 458 8.33 7.38 -1.74
CA TRP A 458 7.23 8.37 -1.49
C TRP A 458 6.91 8.46 -0.01
N ILE A 459 6.81 9.69 0.49
CA ILE A 459 6.21 10.05 1.81
C ILE A 459 5.01 10.96 1.52
N ALA A 460 3.83 10.58 2.00
CA ALA A 460 2.60 11.38 1.87
C ALA A 460 2.91 12.75 2.49
N ARG A 461 2.44 13.84 1.86
CA ARG A 461 2.74 15.23 2.31
C ARG A 461 1.92 15.54 3.57
N GLU A 462 0.79 14.86 3.73
CA GLU A 462 -0.10 15.02 4.91
C GLU A 462 -0.23 13.67 5.61
N GLN A 463 0.28 13.58 6.84
CA GLN A 463 0.21 12.36 7.68
C GLN A 463 -1.03 12.44 8.58
N ILE A 464 -2.08 11.70 8.20
CA ILE A 464 -3.35 11.53 8.97
C ILE A 464 -3.41 10.08 9.50
N LEU A 465 -2.87 9.85 10.70
CA LEU A 465 -2.65 8.50 11.26
C LEU A 465 -3.68 8.21 12.34
N GLY A 466 -4.65 7.35 12.04
CA GLY A 466 -5.68 6.97 13.02
C GLY A 466 -6.96 7.77 12.85
N ALA A 467 -8.02 7.26 13.46
CA ALA A 467 -9.38 7.83 13.41
C ALA A 467 -9.39 9.19 14.11
N GLU A 468 -8.68 9.32 15.22
CA GLU A 468 -8.60 10.57 16.02
C GLU A 468 -8.14 11.70 15.09
N ALA A 469 -7.07 11.47 14.34
CA ALA A 469 -6.49 12.41 13.37
C ALA A 469 -7.48 12.67 12.21
N ARG A 470 -8.18 11.64 11.76
CA ARG A 470 -9.08 11.67 10.57
C ARG A 470 -10.33 12.53 10.91
N SER A 471 -10.68 12.67 12.18
CA SER A 471 -11.93 13.36 12.60
C SER A 471 -11.79 14.86 12.38
N LYS A 472 -10.55 15.40 12.40
CA LYS A 472 -10.27 16.85 12.27
C LYS A 472 -10.14 17.20 10.79
N VAL A 473 -10.37 16.24 9.88
CA VAL A 473 -10.00 16.39 8.44
C VAL A 473 -11.22 16.11 7.57
N PRO A 474 -11.62 17.07 6.71
CA PRO A 474 -12.70 16.82 5.75
C PRO A 474 -12.43 15.57 4.89
N LYS A 475 -13.47 14.82 4.50
CA LYS A 475 -13.35 13.51 3.78
C LYS A 475 -12.56 13.75 2.48
N GLU A 476 -12.59 14.97 1.91
CA GLU A 476 -12.01 15.24 0.57
C GLU A 476 -10.48 15.34 0.64
N PHE A 477 -9.88 15.55 1.81
CA PHE A 477 -8.42 15.77 1.92
C PHE A 477 -7.74 14.58 2.61
N GLN A 478 -8.45 13.48 2.85
CA GLN A 478 -7.89 12.35 3.63
C GLN A 478 -6.99 11.50 2.72
N THR A 479 -7.44 11.29 1.49
CA THR A 479 -6.79 10.36 0.54
C THR A 479 -5.42 10.93 0.20
N GLN A 480 -4.38 10.17 0.45
CA GLN A 480 -3.03 10.51 -0.04
C GLN A 480 -2.82 9.88 -1.41
N TYR A 481 -1.90 10.44 -2.20
CA TYR A 481 -1.65 10.07 -3.61
C TYR A 481 -0.15 9.89 -3.77
N PRO A 482 0.32 8.66 -4.10
CA PRO A 482 1.75 8.37 -4.26
C PRO A 482 2.48 9.08 -5.39
N HIS A 483 1.78 9.85 -6.24
CA HIS A 483 2.45 10.77 -7.20
C HIS A 483 2.54 12.22 -6.68
N TYR A 484 2.04 12.53 -5.47
CA TYR A 484 1.95 13.90 -4.92
C TYR A 484 3.19 14.13 -4.07
N ALA A 485 4.07 15.05 -4.51
CA ALA A 485 5.33 15.42 -3.83
C ALA A 485 5.07 16.58 -2.86
N ASN A 486 6.11 16.97 -2.11
CA ASN A 486 6.13 18.16 -1.24
C ASN A 486 7.58 18.64 -1.14
N PRO A 487 7.86 19.96 -1.04
CA PRO A 487 9.24 20.43 -0.90
C PRO A 487 9.98 19.65 0.17
N PRO A 488 11.19 19.17 -0.15
CA PRO A 488 12.00 18.41 0.80
C PRO A 488 12.85 19.28 1.74
N THR A 489 12.19 20.06 2.57
CA THR A 489 12.83 21.01 3.52
C THR A 489 13.54 20.26 4.65
N LEU A 490 13.32 18.95 4.80
CA LEU A 490 13.95 18.16 5.89
C LEU A 490 15.44 18.05 5.57
N PHE A 491 15.81 18.24 4.30
CA PHE A 491 17.22 18.27 3.84
C PHE A 491 17.91 19.49 4.44
N LEU A 492 17.22 20.65 4.53
CA LEU A 492 17.83 21.90 5.07
C LEU A 492 18.27 21.66 6.51
N VAL A 493 17.53 20.81 7.23
CA VAL A 493 17.82 20.49 8.66
C VAL A 493 19.01 19.55 8.67
N LEU A 494 19.06 18.62 7.72
CA LEU A 494 20.24 17.76 7.55
C LEU A 494 21.46 18.65 7.24
N ASP A 495 21.36 19.62 6.32
CA ASP A 495 22.45 20.59 6.04
C ASP A 495 23.00 21.16 7.35
N ASN A 496 22.17 21.74 8.21
CA ASN A 496 22.62 22.37 9.48
C ASN A 496 23.28 21.31 10.37
N PHE A 497 22.75 20.10 10.37
CA PHE A 497 23.29 18.99 11.18
C PHE A 497 24.76 18.72 10.77
N VAL A 498 25.01 18.65 9.46
CA VAL A 498 26.33 18.34 8.82
C VAL A 498 27.35 19.46 9.13
N GLU A 499 26.99 20.75 9.04
CA GLU A 499 27.90 21.91 9.27
C GLU A 499 28.38 21.91 10.73
N ARG A 500 27.51 21.49 11.66
CA ARG A 500 27.79 21.45 13.11
C ARG A 500 28.59 20.19 13.45
N LEU A 501 28.74 19.29 12.47
CA LEU A 501 29.52 18.03 12.56
C LEU A 501 30.95 18.30 12.08
N ARG A 502 31.10 18.94 10.90
CA ARG A 502 32.39 19.54 10.43
C ARG A 502 33.03 20.34 11.58
N LYS A 503 32.32 21.31 12.16
CA LYS A 503 32.79 22.11 13.33
C LYS A 503 32.40 21.42 14.66
N LEU A 517 23.00 15.93 31.84
CA LEU A 517 22.52 14.54 31.55
C LEU A 517 21.48 14.56 30.42
N ASP A 518 20.36 15.28 30.62
CA ASP A 518 19.35 15.61 29.56
C ASP A 518 19.99 16.62 28.59
N GLU A 519 20.88 17.50 29.09
CA GLU A 519 21.72 18.44 28.29
C GLU A 519 22.83 17.68 27.54
N THR A 520 23.33 16.58 28.10
CA THR A 520 24.35 15.71 27.46
C THR A 520 23.71 14.97 26.29
N LEU A 521 22.50 14.46 26.52
CA LEU A 521 21.72 13.63 25.55
C LEU A 521 21.33 14.46 24.33
N SER A 522 20.97 15.74 24.55
CA SER A 522 20.46 16.70 23.54
C SER A 522 21.46 16.95 22.42
N THR A 523 22.77 16.79 22.66
CA THR A 523 23.86 17.11 21.68
C THR A 523 24.70 15.87 21.36
N ALA A 524 24.32 14.69 21.84
CA ALA A 524 25.13 13.44 21.76
C ALA A 524 25.49 13.06 20.31
N SER A 525 24.65 13.41 19.31
CA SER A 525 24.83 12.94 17.91
C SER A 525 25.73 13.92 17.13
N VAL A 526 26.15 15.01 17.78
CA VAL A 526 27.27 15.87 17.27
C VAL A 526 28.49 15.69 18.16
N ASP A 527 28.33 15.60 19.49
CA ASP A 527 29.43 15.41 20.47
C ASP A 527 30.27 14.17 20.10
N ASN A 528 29.60 13.05 19.79
CA ASN A 528 30.20 11.73 19.44
C ASN A 528 30.12 11.49 17.94
N PRO A 529 31.12 11.91 17.15
CA PRO A 529 30.96 11.98 15.70
C PRO A 529 30.67 10.63 15.05
N GLU A 530 31.07 9.53 15.71
CA GLU A 530 30.83 8.15 15.25
C GLU A 530 29.31 7.90 15.23
N VAL A 531 28.56 8.52 16.15
CA VAL A 531 27.06 8.39 16.20
C VAL A 531 26.44 9.14 15.02
N GLY A 532 26.78 10.41 14.83
CA GLY A 532 26.29 11.21 13.69
C GLY A 532 26.43 10.43 12.40
N LEU A 533 27.66 9.97 12.12
CA LEU A 533 28.04 9.22 10.90
C LEU A 533 27.09 8.03 10.74
N GLU A 534 26.85 7.29 11.83
CA GLU A 534 26.05 6.04 11.79
C GLU A 534 24.60 6.41 11.46
N TYR A 535 24.07 7.47 12.08
CA TYR A 535 22.73 8.04 11.77
C TYR A 535 22.65 8.31 10.26
N LEU A 536 23.61 9.07 9.72
CA LEU A 536 23.68 9.51 8.30
C LEU A 536 23.82 8.27 7.40
N ARG A 537 24.62 7.27 7.80
CA ARG A 537 24.82 6.00 7.03
C ARG A 537 23.47 5.28 6.87
N ARG A 538 22.70 5.13 7.97
CA ARG A 538 21.37 4.44 7.98
C ARG A 538 20.33 5.21 7.15
N LEU A 539 20.37 6.55 7.17
CA LEU A 539 19.35 7.44 6.53
C LEU A 539 19.69 7.63 5.05
N TYR A 540 20.97 7.77 4.71
CA TYR A 540 21.48 8.07 3.36
C TYR A 540 20.70 7.31 2.28
N PRO A 541 20.57 5.95 2.32
CA PRO A 541 19.89 5.22 1.26
C PRO A 541 18.45 5.70 1.05
N LEU A 542 17.80 6.19 2.12
CA LEU A 542 16.42 6.74 2.09
C LEU A 542 16.45 8.08 1.33
N LEU A 543 17.34 9.01 1.72
CA LEU A 543 17.53 10.32 1.04
C LEU A 543 17.75 10.08 -0.44
N ARG A 544 18.62 9.13 -0.80
CA ARG A 544 18.90 8.74 -2.20
C ARG A 544 17.62 8.18 -2.84
N ARG A 545 16.88 7.33 -2.15
CA ARG A 545 15.67 6.71 -2.75
C ARG A 545 14.69 7.84 -3.10
N GLN A 546 14.57 8.85 -2.23
CA GLN A 546 13.64 10.00 -2.42
C GLN A 546 14.13 10.88 -3.59
N PHE A 547 15.42 11.18 -3.63
CA PHE A 547 16.07 11.82 -4.79
C PHE A 547 15.56 11.14 -6.07
N ASP A 548 15.79 9.83 -6.21
CA ASP A 548 15.45 9.14 -7.49
C ASP A 548 13.94 9.23 -7.72
N TRP A 549 13.15 9.25 -6.64
CA TRP A 549 11.66 9.22 -6.72
C TRP A 549 11.18 10.53 -7.35
N PHE A 550 11.88 11.63 -7.05
CA PHE A 550 11.57 12.97 -7.61
C PHE A 550 11.89 12.93 -9.11
N ARG A 551 13.06 12.39 -9.48
CA ARG A 551 13.54 12.27 -10.89
C ARG A 551 12.65 11.31 -11.70
N LYS A 552 12.09 10.25 -11.10
CA LYS A 552 11.17 9.32 -11.81
C LYS A 552 9.80 9.98 -11.91
N THR A 553 9.25 10.49 -10.81
CA THR A 553 7.80 10.82 -10.72
C THR A 553 7.49 12.28 -11.10
N GLN A 554 8.43 13.22 -10.89
CA GLN A 554 8.19 14.69 -11.09
C GLN A 554 9.05 15.23 -12.28
N ALA A 555 9.26 14.44 -13.34
CA ALA A 555 10.16 14.78 -14.46
C ALA A 555 9.49 15.73 -15.46
N GLY A 556 10.19 16.79 -15.86
CA GLY A 556 9.77 17.63 -16.99
C GLY A 556 10.06 16.94 -18.32
N ASP A 557 9.45 17.42 -19.39
CA ASP A 557 9.72 16.95 -20.77
C ASP A 557 10.54 18.04 -21.47
N ILE A 558 11.86 17.86 -21.55
CA ILE A 558 12.78 18.61 -22.45
C ILE A 558 12.72 17.99 -23.85
N LYS A 559 12.96 16.68 -23.92
CA LYS A 559 13.38 15.94 -25.15
C LYS A 559 12.32 16.12 -26.24
N SER A 560 11.04 16.14 -25.87
CA SER A 560 9.92 16.06 -26.83
C SER A 560 9.39 17.41 -27.31
N TYR A 561 10.09 18.48 -27.02
CA TYR A 561 9.59 19.80 -27.48
C TYR A 561 10.76 20.56 -28.10
N ASP A 562 10.49 21.74 -28.65
CA ASP A 562 11.59 22.57 -29.22
C ASP A 562 12.26 23.33 -28.08
N ARG A 563 13.05 22.63 -27.26
CA ARG A 563 13.73 23.20 -26.08
C ARG A 563 15.20 22.93 -26.23
N GLU A 564 16.02 23.97 -26.14
CA GLU A 564 17.48 23.80 -26.25
C GLU A 564 18.03 24.01 -24.85
N ALA A 565 18.85 23.10 -24.37
CA ALA A 565 19.41 23.25 -23.01
C ALA A 565 20.75 22.55 -22.92
N TYR A 566 21.49 22.86 -21.88
CA TYR A 566 22.84 22.33 -21.60
C TYR A 566 22.74 20.85 -21.21
N SER A 567 21.62 20.46 -20.57
CA SER A 567 21.28 19.06 -20.20
C SER A 567 19.90 18.70 -20.76
N THR A 568 19.72 17.44 -21.20
CA THR A 568 18.46 16.86 -21.74
C THR A 568 17.70 16.13 -20.62
N LYS A 569 18.35 15.86 -19.47
CA LYS A 569 17.82 15.08 -18.32
C LYS A 569 17.10 16.02 -17.32
N GLU A 570 17.71 17.14 -16.91
CA GLU A 570 17.28 17.96 -15.74
C GLU A 570 16.19 18.96 -16.12
N ALA A 571 14.95 18.61 -15.82
CA ALA A 571 13.75 19.43 -15.99
C ALA A 571 12.64 18.82 -15.11
N TYR A 572 11.85 19.62 -14.39
CA TYR A 572 10.88 19.11 -13.40
C TYR A 572 9.52 19.77 -13.51
N ARG A 573 8.48 18.97 -13.24
CA ARG A 573 7.08 19.41 -13.20
C ARG A 573 6.41 18.73 -12.01
N TRP A 574 5.91 19.56 -11.08
CA TRP A 574 5.00 19.20 -9.96
C TRP A 574 3.81 18.43 -10.50
N ARG A 575 3.65 17.16 -10.11
CA ARG A 575 2.39 16.44 -10.41
C ARG A 575 1.36 16.94 -9.41
N GLY A 576 0.09 16.98 -9.80
CA GLY A 576 -1.06 17.19 -8.90
C GLY A 576 -1.82 18.49 -9.11
N ARG A 577 -1.53 19.27 -10.15
CA ARG A 577 -2.06 20.64 -10.19
C ARG A 577 -3.40 20.64 -10.94
N THR A 578 -4.30 21.48 -10.47
CA THR A 578 -5.62 21.78 -11.08
C THR A 578 -5.49 23.14 -11.80
N VAL A 579 -6.55 23.66 -12.40
CA VAL A 579 -6.54 24.94 -13.17
C VAL A 579 -6.04 26.10 -12.27
N SER A 580 -6.46 26.19 -11.01
CA SER A 580 -6.15 27.32 -10.09
C SER A 580 -5.04 26.98 -9.08
N HIS A 581 -4.80 25.71 -8.81
CA HIS A 581 -3.98 25.27 -7.66
C HIS A 581 -2.74 24.48 -8.09
N CYS A 582 -1.74 24.48 -7.21
CA CYS A 582 -0.61 23.53 -7.17
C CYS A 582 -0.26 23.25 -5.71
N LEU A 583 -1.12 22.45 -5.05
CA LEU A 583 -1.07 22.10 -3.59
C LEU A 583 0.29 21.43 -3.32
N THR A 584 0.80 20.59 -4.22
CA THR A 584 2.03 19.78 -3.94
C THR A 584 3.26 20.69 -3.76
N SER A 585 3.33 21.88 -4.38
CA SER A 585 4.49 22.82 -4.27
C SER A 585 4.53 23.51 -2.89
N GLY A 586 3.42 23.50 -2.14
CA GLY A 586 3.22 24.26 -0.89
C GLY A 586 2.67 25.68 -1.11
N LEU A 587 2.79 26.23 -2.31
CA LEU A 587 2.29 27.60 -2.62
C LEU A 587 0.93 27.49 -3.30
N ASP A 588 -0.08 27.18 -2.50
CA ASP A 588 -1.34 26.56 -2.98
C ASP A 588 -1.80 27.27 -4.25
N ASP A 589 -1.89 28.61 -4.27
CA ASP A 589 -2.64 29.34 -5.34
C ASP A 589 -1.71 30.31 -6.06
N TYR A 590 -0.39 30.19 -5.88
CA TYR A 590 0.61 31.02 -6.58
C TYR A 590 0.35 30.80 -8.05
N PRO A 591 0.32 31.88 -8.87
CA PRO A 591 -0.11 31.78 -10.26
C PRO A 591 0.95 30.99 -11.02
N ARG A 592 0.48 30.01 -11.77
CA ARG A 592 1.35 29.12 -12.57
C ARG A 592 0.92 29.25 -14.01
N PRO A 593 1.61 28.62 -14.98
CA PRO A 593 1.19 28.67 -16.38
C PRO A 593 -0.27 28.25 -16.56
N GLN A 594 -1.02 28.96 -17.41
CA GLN A 594 -2.41 28.65 -17.82
C GLN A 594 -2.42 28.36 -19.31
N PRO A 595 -3.01 27.22 -19.75
CA PRO A 595 -3.62 26.26 -18.82
C PRO A 595 -2.49 25.40 -18.25
N PRO A 596 -2.77 24.49 -17.30
CA PRO A 596 -1.76 23.54 -16.84
C PRO A 596 -1.50 22.61 -18.02
N HIS A 597 -0.31 22.05 -18.12
CA HIS A 597 0.17 21.44 -19.39
C HIS A 597 1.35 20.52 -19.12
N PRO A 598 1.39 19.33 -19.78
CA PRO A 598 2.43 18.35 -19.55
C PRO A 598 3.85 18.89 -19.77
N GLY A 599 3.97 20.00 -20.53
CA GLY A 599 5.27 20.61 -20.84
C GLY A 599 5.67 21.69 -19.85
N GLU A 600 4.80 22.01 -18.89
CA GLU A 600 5.15 22.93 -17.78
C GLU A 600 6.48 22.47 -17.21
N LEU A 601 7.29 23.44 -16.79
CA LEU A 601 8.52 23.24 -16.00
C LEU A 601 8.48 24.22 -14.84
N HIS A 602 8.94 23.80 -13.66
CA HIS A 602 8.68 24.48 -12.38
C HIS A 602 10.03 24.78 -11.73
N VAL A 603 10.44 26.04 -11.76
CA VAL A 603 11.80 26.45 -11.33
C VAL A 603 11.94 26.10 -9.85
N ASP A 604 10.86 26.23 -9.06
CA ASP A 604 10.89 25.93 -7.59
C ASP A 604 11.15 24.43 -7.37
N LEU A 605 10.52 23.55 -8.16
CA LEU A 605 10.86 22.12 -8.10
C LEU A 605 12.33 21.93 -8.48
N MET A 606 12.77 22.50 -9.61
CA MET A 606 14.19 22.33 -10.02
C MET A 606 15.11 22.76 -8.87
N SER A 607 14.79 23.84 -8.17
CA SER A 607 15.72 24.38 -7.13
C SER A 607 15.75 23.41 -5.95
N TRP A 608 14.65 22.72 -5.67
CA TRP A 608 14.56 21.81 -4.49
C TRP A 608 15.42 20.58 -4.78
N VAL A 609 15.34 20.03 -5.99
CA VAL A 609 16.25 18.94 -6.45
C VAL A 609 17.69 19.40 -6.18
N GLY A 610 18.01 20.60 -6.65
CA GLY A 610 19.28 21.30 -6.36
C GLY A 610 19.65 21.22 -4.88
N VAL A 611 18.70 21.52 -3.99
CA VAL A 611 18.96 21.51 -2.52
C VAL A 611 19.31 20.08 -2.11
N MET A 612 18.53 19.11 -2.60
CA MET A 612 18.71 17.66 -2.33
C MET A 612 20.13 17.22 -2.74
N VAL A 613 20.60 17.59 -3.95
CA VAL A 613 21.91 17.14 -4.52
C VAL A 613 23.04 17.69 -3.64
N LYS A 614 22.99 18.98 -3.31
CA LYS A 614 24.05 19.65 -2.52
C LYS A 614 24.21 18.90 -1.19
N SER A 615 23.08 18.42 -0.64
CA SER A 615 23.03 17.66 0.64
C SER A 615 23.55 16.23 0.42
N LEU A 616 23.21 15.63 -0.73
CA LEU A 616 23.62 14.23 -1.05
C LEU A 616 25.13 14.17 -1.28
N ILE A 617 25.66 15.21 -1.90
CA ILE A 617 27.11 15.34 -2.15
C ILE A 617 27.78 15.45 -0.78
N SER A 618 27.25 16.33 0.07
CA SER A 618 27.84 16.53 1.41
C SER A 618 27.74 15.25 2.24
N ILE A 619 26.56 14.64 2.29
CA ILE A 619 26.38 13.38 3.08
C ILE A 619 27.16 12.25 2.41
N GLY A 620 27.14 12.17 1.08
CA GLY A 620 27.87 11.11 0.39
C GLY A 620 29.37 11.24 0.65
N SER A 621 29.89 12.46 0.65
CA SER A 621 31.35 12.63 0.86
C SER A 621 31.73 12.11 2.23
N LEU A 622 30.93 12.41 3.25
CA LEU A 622 31.25 11.97 4.63
C LEU A 622 31.25 10.44 4.70
N LEU A 623 30.36 9.76 3.98
CA LEU A 623 30.30 8.29 4.05
C LEU A 623 31.24 7.60 3.05
N GLY A 624 31.80 8.34 2.10
CA GLY A 624 32.71 7.72 1.11
C GLY A 624 31.97 7.01 0.01
N ALA A 625 30.93 7.65 -0.53
CA ALA A 625 30.09 7.07 -1.59
C ALA A 625 30.60 7.58 -2.94
N THR A 626 31.90 7.39 -3.19
CA THR A 626 32.70 8.13 -4.21
C THR A 626 32.07 8.10 -5.61
N GLU A 627 31.51 6.96 -6.03
CA GLU A 627 30.84 6.81 -7.36
C GLU A 627 29.54 7.65 -7.36
N ASP A 628 28.72 7.58 -6.29
CA ASP A 628 27.45 8.34 -6.12
C ASP A 628 27.76 9.86 -6.17
N VAL A 629 28.78 10.32 -5.43
CA VAL A 629 29.18 11.75 -5.33
C VAL A 629 29.52 12.30 -6.72
N GLU A 630 30.28 11.54 -7.52
CA GLU A 630 30.65 11.91 -8.91
C GLU A 630 29.38 12.13 -9.73
N PHE A 631 28.33 11.32 -9.50
CA PHE A 631 27.05 11.36 -10.24
C PHE A 631 26.22 12.58 -9.79
N TYR A 632 26.19 12.85 -8.47
CA TYR A 632 25.56 14.05 -7.87
C TYR A 632 26.20 15.31 -8.46
N THR A 633 27.54 15.37 -8.54
CA THR A 633 28.28 16.58 -8.99
C THR A 633 27.94 16.88 -10.46
N LYS A 634 27.71 15.84 -11.28
CA LYS A 634 27.22 15.92 -12.69
C LYS A 634 25.79 16.49 -12.71
N VAL A 635 24.87 15.94 -11.90
CA VAL A 635 23.44 16.41 -11.79
C VAL A 635 23.45 17.89 -11.33
N LEU A 636 24.19 18.25 -10.28
CA LEU A 636 24.24 19.65 -9.76
C LEU A 636 24.61 20.61 -10.90
N ASP A 637 25.73 20.33 -11.55
CA ASP A 637 26.31 21.10 -12.68
C ASP A 637 25.21 21.37 -13.70
N ALA A 638 24.53 20.30 -14.11
CA ALA A 638 23.47 20.33 -15.14
C ALA A 638 22.32 21.22 -14.69
N ILE A 639 21.99 21.17 -13.40
CA ILE A 639 20.90 21.98 -12.75
C ILE A 639 21.28 23.46 -12.86
N GLU A 640 22.48 23.84 -12.37
CA GLU A 640 22.99 25.23 -12.43
C GLU A 640 22.78 25.78 -13.86
N HIS A 641 23.17 25.01 -14.88
CA HIS A 641 23.11 25.44 -16.31
C HIS A 641 21.65 25.52 -16.77
N ASN A 642 20.85 24.48 -16.52
CA ASN A 642 19.46 24.37 -17.06
C ASN A 642 18.57 25.43 -16.40
N LEU A 643 18.78 25.73 -15.12
CA LEU A 643 18.13 26.87 -14.42
C LEU A 643 18.21 28.12 -15.32
N ASP A 644 19.41 28.46 -15.78
CA ASP A 644 19.62 29.58 -16.74
C ASP A 644 18.89 29.23 -18.06
N ASP A 645 19.16 28.07 -18.67
CA ASP A 645 18.76 27.86 -20.10
C ASP A 645 17.25 27.70 -20.22
N LEU A 646 16.56 27.29 -19.15
CA LEU A 646 15.10 27.00 -19.20
C LEU A 646 14.29 28.00 -18.37
N HIS A 647 14.83 28.56 -17.28
CA HIS A 647 14.02 29.34 -16.30
C HIS A 647 14.36 30.84 -16.27
N TRP A 648 15.55 31.27 -16.71
CA TRP A 648 15.95 32.71 -16.65
C TRP A 648 15.27 33.54 -17.74
N SER A 649 14.69 34.68 -17.33
CA SER A 649 14.11 35.74 -18.19
C SER A 649 15.06 36.96 -18.18
N GLU A 650 15.84 37.16 -19.25
CA GLU A 650 16.67 38.38 -19.42
C GLU A 650 15.71 39.57 -19.57
N LYS A 651 14.57 39.39 -20.28
CA LYS A 651 13.49 40.43 -20.38
C LYS A 651 13.12 40.94 -18.97
N GLU A 652 12.85 40.06 -18.00
CA GLU A 652 12.14 40.42 -16.73
C GLU A 652 13.10 40.44 -15.54
N GLY A 653 14.34 39.99 -15.69
CA GLY A 653 15.36 40.06 -14.62
C GLY A 653 15.09 39.12 -13.46
N CYS A 654 14.35 38.03 -13.71
CA CYS A 654 14.11 36.98 -12.69
C CYS A 654 13.94 35.60 -13.34
N TYR A 655 13.88 34.57 -12.51
CA TYR A 655 13.51 33.19 -12.91
C TYR A 655 11.98 33.07 -13.00
N CYS A 656 11.54 32.09 -13.78
CA CYS A 656 10.13 31.87 -14.16
C CYS A 656 9.88 30.40 -14.45
N ASP A 657 8.66 29.97 -14.17
CA ASP A 657 8.08 28.73 -14.72
C ASP A 657 8.00 28.85 -16.25
N ALA A 658 8.03 27.72 -16.94
CA ALA A 658 7.90 27.56 -18.41
C ALA A 658 6.70 26.68 -18.74
N THR A 659 6.20 26.80 -19.96
CA THR A 659 5.08 25.99 -20.54
C THR A 659 5.51 25.63 -21.95
N ILE A 660 4.58 25.14 -22.78
CA ILE A 660 4.71 25.26 -24.25
C ILE A 660 3.41 25.88 -24.80
N ASP A 661 3.53 26.73 -25.86
CA ASP A 661 2.52 27.61 -26.53
C ASP A 661 1.30 26.84 -27.04
N GLU A 662 0.24 27.55 -27.47
CA GLU A 662 -0.86 27.00 -28.33
C GLU A 662 -0.27 26.54 -29.66
N PHE A 663 0.96 27.00 -29.97
CA PHE A 663 1.75 26.75 -31.21
C PHE A 663 2.98 25.87 -30.91
N GLU A 664 2.99 25.15 -29.79
CA GLU A 664 3.90 23.99 -29.47
C GLU A 664 5.35 24.41 -29.21
N GLU A 665 5.63 25.68 -28.87
CA GLU A 665 7.01 26.15 -28.54
C GLU A 665 7.07 26.57 -27.07
N HIS A 666 8.27 26.49 -26.48
CA HIS A 666 8.61 26.89 -25.10
C HIS A 666 8.31 28.39 -24.88
N LYS A 667 7.47 28.75 -23.89
CA LYS A 667 7.30 30.14 -23.36
C LYS A 667 7.69 30.17 -21.87
N LEU A 668 8.38 31.22 -21.42
CA LEU A 668 8.54 31.56 -19.98
C LEU A 668 7.24 32.22 -19.52
N VAL A 669 6.66 31.79 -18.40
CA VAL A 669 5.53 32.51 -17.73
C VAL A 669 6.09 33.11 -16.44
N CYS A 670 6.21 34.45 -16.41
CA CYS A 670 6.88 35.19 -15.30
C CYS A 670 5.83 35.83 -14.42
N HIS A 671 5.91 35.57 -13.13
CA HIS A 671 4.98 36.11 -12.13
C HIS A 671 5.85 36.47 -10.93
N LYS A 672 6.27 37.72 -10.91
CA LYS A 672 7.28 38.22 -9.97
C LYS A 672 6.75 37.89 -8.57
N GLY A 673 7.54 37.15 -7.81
CA GLY A 673 7.22 36.85 -6.41
C GLY A 673 8.10 35.75 -5.89
N TYR A 674 7.67 35.03 -4.85
CA TYR A 674 8.50 34.03 -4.14
C TYR A 674 9.10 33.06 -5.16
N ILE A 675 8.31 32.57 -6.15
CA ILE A 675 8.78 31.56 -7.13
C ILE A 675 10.02 32.12 -7.83
N SER A 676 9.92 33.35 -8.32
CA SER A 676 10.95 34.06 -9.12
C SER A 676 12.32 34.09 -8.42
N LEU A 677 12.36 33.88 -7.11
CA LEU A 677 13.59 34.02 -6.27
C LEU A 677 14.14 32.64 -5.84
N PHE A 678 13.54 31.55 -6.30
CA PHE A 678 13.80 30.22 -5.67
C PHE A 678 15.28 29.81 -5.77
N PRO A 679 15.95 29.94 -6.94
CA PRO A 679 17.39 29.65 -7.03
C PRO A 679 18.17 30.34 -5.91
N PHE A 680 17.79 31.60 -5.62
CA PHE A 680 18.41 32.41 -4.54
C PHE A 680 17.98 31.90 -3.16
N LEU A 681 16.68 31.67 -2.95
CA LEU A 681 16.16 31.28 -1.60
C LEU A 681 16.80 29.96 -1.17
N THR A 682 17.07 29.08 -2.14
CA THR A 682 17.54 27.69 -1.90
C THR A 682 19.07 27.66 -1.84
N GLY A 683 19.76 28.76 -2.14
CA GLY A 683 21.23 28.92 -1.96
C GLY A 683 22.05 28.28 -3.07
N LEU A 684 21.70 28.55 -4.34
CA LEU A 684 22.29 27.91 -5.55
C LEU A 684 23.03 28.94 -6.41
N LEU A 685 22.80 30.24 -6.20
CA LEU A 685 23.45 31.33 -6.97
C LEU A 685 24.79 31.69 -6.30
N LYS A 686 25.81 32.00 -7.12
CA LYS A 686 27.18 32.31 -6.63
C LYS A 686 27.16 33.76 -6.15
N PRO A 687 27.91 34.11 -5.08
CA PRO A 687 27.86 35.45 -4.50
C PRO A 687 28.09 36.60 -5.50
N ASP A 688 28.61 36.31 -6.69
CA ASP A 688 28.99 37.35 -7.68
C ASP A 688 28.12 37.20 -8.92
N SER A 689 27.05 36.41 -8.86
CA SER A 689 26.18 36.13 -10.04
C SER A 689 25.53 37.44 -10.47
N PRO A 690 25.70 37.90 -11.73
CA PRO A 690 24.88 38.99 -12.25
C PRO A 690 23.37 38.75 -12.03
N LYS A 691 22.94 37.50 -11.92
CA LYS A 691 21.51 37.13 -11.78
C LYS A 691 21.06 37.37 -10.34
N LEU A 692 21.94 37.15 -9.35
CA LEU A 692 21.69 37.52 -7.93
C LEU A 692 21.43 39.02 -7.85
N GLY A 693 22.29 39.82 -8.48
CA GLY A 693 22.17 41.28 -8.55
C GLY A 693 20.79 41.69 -9.02
N LYS A 694 20.29 41.05 -10.08
CA LYS A 694 18.98 41.40 -10.68
C LYS A 694 17.83 41.05 -9.71
N LEU A 695 18.04 40.04 -8.84
CA LEU A 695 17.00 39.49 -7.93
C LEU A 695 16.94 40.33 -6.65
N LEU A 696 18.09 40.64 -6.06
CA LEU A 696 18.23 41.60 -4.94
C LEU A 696 17.49 42.91 -5.30
N ALA A 697 17.65 43.41 -6.50
CA ALA A 697 16.87 44.56 -7.00
C ALA A 697 15.39 44.29 -6.73
N LEU A 698 14.88 43.20 -7.29
CA LEU A 698 13.45 42.81 -7.16
C LEU A 698 13.06 42.77 -5.67
N ILE A 699 13.88 42.14 -4.82
CA ILE A 699 13.58 41.94 -3.38
C ILE A 699 13.40 43.30 -2.69
N GLY A 700 14.27 44.27 -3.00
CA GLY A 700 14.30 45.59 -2.32
C GLY A 700 13.36 46.60 -2.96
N ASP A 701 12.70 46.22 -4.07
CA ASP A 701 11.81 47.10 -4.87
C ASP A 701 10.43 47.18 -4.20
N GLU A 702 10.19 48.28 -3.49
CA GLU A 702 8.93 48.55 -2.75
C GLU A 702 7.72 48.53 -3.67
N SER A 703 7.95 48.66 -4.98
CA SER A 703 6.80 48.65 -5.93
C SER A 703 6.50 47.21 -6.33
N GLU A 704 7.41 46.29 -6.01
CA GLU A 704 7.21 44.86 -6.37
C GLU A 704 7.01 44.00 -5.13
N LEU A 705 8.08 43.63 -4.44
CA LEU A 705 7.94 42.67 -3.33
C LEU A 705 8.21 43.27 -1.95
N TRP A 706 8.92 44.39 -1.87
CA TRP A 706 9.34 44.92 -0.55
C TRP A 706 8.15 45.62 0.12
N SER A 707 7.59 45.00 1.16
CA SER A 707 6.59 45.67 2.01
C SER A 707 7.28 46.08 3.31
N PRO A 708 6.68 47.02 4.05
CA PRO A 708 7.19 47.41 5.36
C PRO A 708 7.17 46.24 6.36
N TYR A 709 6.36 45.22 6.05
CA TYR A 709 6.07 44.08 6.94
C TYR A 709 6.80 42.80 6.49
N GLY A 710 7.42 42.79 5.31
CA GLY A 710 8.21 41.66 4.79
C GLY A 710 8.06 41.58 3.28
N LEU A 711 8.71 40.59 2.65
CA LEU A 711 8.55 40.30 1.18
C LEU A 711 7.14 39.76 0.93
N ARG A 712 6.44 40.35 -0.04
CA ARG A 712 5.10 39.95 -0.51
C ARG A 712 5.24 38.67 -1.34
N SER A 713 4.26 37.78 -1.27
CA SER A 713 4.26 36.47 -1.98
C SER A 713 4.30 36.76 -3.47
N LEU A 714 3.72 37.87 -3.91
CA LEU A 714 3.51 38.18 -5.35
C LEU A 714 3.62 39.69 -5.55
N SER A 715 4.30 40.14 -6.61
CA SER A 715 4.51 41.60 -6.87
C SER A 715 3.16 42.32 -6.96
N LYS A 716 3.09 43.55 -6.44
CA LYS A 716 1.93 44.48 -6.60
C LYS A 716 1.66 44.67 -8.10
N LYS A 717 2.70 44.55 -8.93
CA LYS A 717 2.68 44.80 -10.40
C LYS A 717 2.17 43.58 -11.16
N ASP A 718 1.96 42.44 -10.50
CA ASP A 718 1.51 41.21 -11.21
C ASP A 718 0.00 41.24 -11.41
N GLU A 719 -0.48 40.73 -12.54
CA GLU A 719 -1.91 40.85 -12.91
C GLU A 719 -2.79 40.01 -11.95
N PHE A 720 -2.19 39.11 -11.16
CA PHE A 720 -2.94 38.25 -10.21
C PHE A 720 -2.70 38.68 -8.76
N TYR A 721 -2.09 39.85 -8.54
CA TYR A 721 -1.90 40.41 -7.17
C TYR A 721 -3.28 40.57 -6.51
N GLY A 722 -3.45 40.02 -5.31
CA GLY A 722 -4.70 40.14 -4.55
C GLY A 722 -5.94 39.61 -5.28
N THR A 723 -5.84 38.49 -5.99
CA THR A 723 -6.97 37.88 -6.75
C THR A 723 -7.34 36.51 -6.17
N ALA A 724 -8.60 36.10 -6.42
CA ALA A 724 -9.14 34.77 -6.05
C ALA A 724 -9.03 34.67 -4.53
N GLU A 725 -8.63 33.53 -3.96
CA GLU A 725 -8.49 33.36 -2.48
C GLU A 725 -7.25 34.13 -1.99
N ASN A 726 -6.41 34.64 -2.87
CA ASN A 726 -5.36 35.61 -2.43
C ASN A 726 -4.66 35.06 -1.18
N TYR A 727 -4.16 33.83 -1.29
CA TYR A 727 -3.49 33.04 -0.23
C TYR A 727 -1.98 33.21 -0.36
N TRP A 728 -1.42 32.94 -1.55
CA TRP A 728 0.02 33.15 -1.89
C TRP A 728 0.12 34.19 -3.01
N ARG A 729 -0.89 35.06 -3.07
CA ARG A 729 -0.96 36.05 -4.17
C ARG A 729 -0.68 37.48 -3.73
N SER A 730 -0.28 37.73 -2.47
CA SER A 730 0.09 39.07 -1.96
C SER A 730 0.69 38.99 -0.55
N PRO A 731 0.15 38.16 0.36
CA PRO A 731 0.56 38.16 1.75
C PRO A 731 1.99 37.75 2.10
N VAL A 732 2.42 38.18 3.27
CA VAL A 732 3.78 37.90 3.80
C VAL A 732 3.79 36.58 4.56
N TRP A 733 4.60 35.65 4.10
CA TRP A 733 4.83 34.31 4.71
C TRP A 733 6.22 34.24 5.37
N ILE A 734 6.24 33.87 6.64
CA ILE A 734 7.47 33.87 7.47
C ILE A 734 8.42 32.79 6.96
N ASN A 735 7.94 31.67 6.40
CA ASN A 735 8.87 30.57 6.02
C ASN A 735 9.78 31.04 4.88
N ILE A 736 9.21 31.63 3.83
CA ILE A 736 9.98 32.12 2.65
C ILE A 736 10.80 33.36 3.06
N ASN A 737 10.23 34.23 3.87
CA ASN A 737 10.97 35.39 4.41
C ASN A 737 12.19 34.85 5.16
N TYR A 738 12.03 33.84 6.02
CA TYR A 738 13.16 33.19 6.70
C TYR A 738 14.23 32.79 5.67
N LEU A 739 13.85 32.13 4.58
CA LEU A 739 14.87 31.64 3.61
C LEU A 739 15.62 32.86 3.05
N ALA A 740 14.90 33.91 2.65
CA ALA A 740 15.45 35.14 2.03
C ALA A 740 16.50 35.75 2.96
N ILE A 741 16.18 35.78 4.25
CA ILE A 741 16.96 36.48 5.31
C ILE A 741 18.29 35.75 5.48
N VAL A 742 18.23 34.43 5.58
CA VAL A 742 19.40 33.53 5.80
C VAL A 742 20.39 33.71 4.64
N GLN A 743 19.87 33.77 3.40
CA GLN A 743 20.72 33.90 2.19
C GLN A 743 21.33 35.31 2.13
N LEU A 744 20.54 36.34 2.42
CA LEU A 744 21.03 37.75 2.46
C LEU A 744 22.19 37.83 3.44
N TYR A 745 22.05 37.25 4.64
CA TYR A 745 23.10 37.28 5.70
C TYR A 745 24.38 36.61 5.15
N ASN A 746 24.19 35.57 4.36
CA ASN A 746 25.27 34.78 3.70
C ASN A 746 25.90 35.63 2.59
N ILE A 747 25.12 36.26 1.69
CA ILE A 747 25.65 37.10 0.57
C ILE A 747 26.16 38.42 1.16
N ALA A 748 26.02 38.63 2.47
CA ALA A 748 26.44 39.83 3.23
C ALA A 748 27.66 39.56 4.13
N THR A 749 28.08 38.30 4.31
CA THR A 749 29.23 37.97 5.20
C THR A 749 30.36 37.34 4.38
N GLN A 750 30.39 37.61 3.07
CA GLN A 750 31.49 37.22 2.14
C GLN A 750 31.96 38.44 1.34
N ASP A 751 33.28 38.57 1.13
CA ASP A 751 33.83 39.42 0.04
C ASP A 751 32.98 39.12 -1.21
N GLY A 752 32.46 40.18 -1.85
CA GLY A 752 31.78 40.16 -3.18
C GLY A 752 31.06 41.48 -3.45
N PRO A 753 30.59 41.76 -4.68
CA PRO A 753 30.03 43.07 -5.02
C PRO A 753 28.66 43.44 -4.43
N TYR A 754 27.96 42.50 -3.78
CA TYR A 754 26.58 42.71 -3.25
C TYR A 754 26.60 42.64 -1.72
N LYS A 755 27.79 42.59 -1.11
CA LYS A 755 27.97 42.64 0.36
C LYS A 755 27.15 43.78 0.96
N GLU A 756 27.38 45.03 0.54
CA GLU A 756 26.77 46.22 1.21
C GLU A 756 25.25 46.18 0.94
N THR A 757 24.83 45.99 -0.31
CA THR A 757 23.39 45.88 -0.69
C THR A 757 22.69 44.86 0.21
N ALA A 758 23.31 43.69 0.35
CA ALA A 758 22.70 42.53 1.03
C ALA A 758 22.77 42.70 2.54
N ARG A 759 23.61 43.61 3.06
CA ARG A 759 23.69 43.88 4.52
C ARG A 759 22.51 44.79 4.89
N ASP A 760 22.23 45.80 4.07
CA ASP A 760 21.08 46.71 4.30
C ASP A 760 19.78 45.89 4.31
N LEU A 761 19.54 45.14 3.24
CA LEU A 761 18.35 44.27 3.08
C LEU A 761 18.23 43.30 4.27
N TYR A 762 19.30 42.56 4.61
CA TYR A 762 19.29 41.62 5.76
C TYR A 762 18.81 42.39 6.98
N THR A 763 19.43 43.53 7.26
CA THR A 763 19.19 44.30 8.52
C THR A 763 17.71 44.68 8.59
N ARG A 764 17.20 45.24 7.49
CA ARG A 764 15.85 45.80 7.40
C ARG A 764 14.84 44.66 7.41
N LEU A 765 15.06 43.63 6.58
CA LEU A 765 14.09 42.52 6.43
C LEU A 765 13.99 41.79 7.76
N ARG A 766 15.12 41.60 8.43
CA ARG A 766 15.15 40.99 9.78
C ARG A 766 14.22 41.77 10.72
N LYS A 767 14.39 43.09 10.74
CA LYS A 767 13.64 44.00 11.65
C LYS A 767 12.14 43.94 11.32
N ASN A 768 11.80 44.11 10.05
CA ASN A 768 10.41 44.24 9.54
C ASN A 768 9.62 42.97 9.94
N ILE A 769 10.15 41.80 9.58
CA ILE A 769 9.54 40.47 9.87
C ILE A 769 9.39 40.27 11.38
N VAL A 770 10.44 40.50 12.17
CA VAL A 770 10.38 40.20 13.62
C VAL A 770 9.30 41.11 14.22
N GLU A 771 9.28 42.38 13.83
CA GLU A 771 8.40 43.40 14.46
C GLU A 771 6.96 43.10 14.06
N THR A 772 6.72 42.86 12.77
CA THR A 772 5.39 42.42 12.30
C THR A 772 4.85 41.30 13.22
N VAL A 773 5.63 40.23 13.42
CA VAL A 773 5.18 39.06 14.20
C VAL A 773 5.08 39.42 15.69
N TYR A 774 6.02 40.20 16.23
CA TYR A 774 5.99 40.67 17.64
C TYR A 774 4.76 41.57 17.88
N ARG A 775 4.55 42.63 17.10
CA ARG A 775 3.38 43.56 17.22
C ARG A 775 2.11 42.72 17.36
N ASN A 776 1.86 41.86 16.36
CA ASN A 776 0.67 40.95 16.27
C ASN A 776 0.61 40.05 17.50
N TRP A 777 1.76 39.56 17.99
CA TRP A 777 1.77 38.70 19.19
C TRP A 777 1.43 39.55 20.41
N GLU A 778 1.87 40.80 20.43
CA GLU A 778 1.55 41.72 21.54
C GLU A 778 0.02 41.87 21.57
N GLU A 779 -0.60 42.15 20.43
CA GLU A 779 -2.02 42.59 20.37
C GLU A 779 -2.98 41.39 20.45
N THR A 780 -2.73 40.28 19.74
CA THR A 780 -3.71 39.17 19.54
C THR A 780 -3.39 37.95 20.41
N GLY A 781 -2.14 37.85 20.91
CA GLY A 781 -1.55 36.70 21.61
C GLY A 781 -1.24 35.55 20.65
N PHE A 782 -1.33 35.74 19.34
CA PHE A 782 -1.21 34.64 18.35
C PHE A 782 -0.01 34.86 17.42
N ALA A 783 0.59 33.74 17.05
CA ALA A 783 1.32 33.55 15.78
C ALA A 783 0.27 33.27 14.70
N TRP A 784 0.42 33.88 13.54
CA TRP A 784 -0.50 33.72 12.40
C TRP A 784 0.23 33.08 11.20
N GLU A 785 -0.54 32.44 10.33
CA GLU A 785 -0.08 31.74 9.10
C GLU A 785 0.55 32.74 8.13
N GLN A 786 -0.04 33.93 7.99
CA GLN A 786 0.46 34.98 7.06
C GLN A 786 0.16 36.36 7.63
N TYR A 787 0.81 37.36 7.06
CA TYR A 787 0.65 38.76 7.48
C TYR A 787 0.30 39.61 6.25
N ASN A 788 -0.72 40.45 6.46
CA ASN A 788 -1.31 41.35 5.46
C ASN A 788 -0.23 42.31 4.99
N PRO A 789 -0.01 42.45 3.68
CA PRO A 789 1.08 43.28 3.22
C PRO A 789 0.73 44.78 3.23
N GLU A 790 -0.54 45.15 3.30
CA GLU A 790 -0.98 46.56 3.36
C GLU A 790 -1.01 47.01 4.83
N THR A 791 -1.25 46.10 5.80
CA THR A 791 -1.45 46.47 7.23
C THR A 791 -0.48 45.77 8.18
N GLY A 792 0.22 44.70 7.77
CA GLY A 792 1.01 43.87 8.68
C GLY A 792 0.17 43.11 9.71
N LYS A 793 -1.16 43.17 9.63
CA LYS A 793 -2.08 42.37 10.48
C LYS A 793 -1.95 40.87 10.17
N GLY A 794 -1.79 40.05 11.21
CA GLY A 794 -1.96 38.59 11.16
C GLY A 794 -3.35 38.22 10.67
N GLN A 795 -3.41 37.34 9.69
CA GLN A 795 -4.72 36.89 9.17
C GLN A 795 -4.67 35.38 8.94
N ARG A 796 -5.83 34.81 8.65
CA ARG A 796 -6.06 33.37 8.42
C ARG A 796 -5.79 32.54 9.67
N THR A 797 -5.05 31.45 9.54
CA THR A 797 -4.88 30.50 10.66
C THR A 797 -4.13 31.09 11.86
N GLN A 798 -4.69 30.88 13.04
CA GLN A 798 -4.05 31.31 14.32
C GLN A 798 -3.34 30.12 14.95
N HIS A 799 -2.63 30.36 16.05
CA HIS A 799 -1.79 29.34 16.74
C HIS A 799 -0.85 28.65 15.73
N PHE A 800 -0.40 29.43 14.76
CA PHE A 800 0.48 28.91 13.70
C PHE A 800 1.91 28.79 14.17
N THR A 801 2.15 27.84 15.06
CA THR A 801 3.52 27.56 15.56
C THR A 801 3.82 26.07 15.37
N GLY A 802 4.13 25.62 14.16
CA GLY A 802 4.03 26.36 12.89
C GLY A 802 5.32 27.03 12.51
N TRP A 803 5.44 27.44 11.25
CA TRP A 803 6.70 28.04 10.75
C TRP A 803 6.80 29.52 11.04
N THR A 804 5.80 30.12 11.69
CA THR A 804 5.85 31.53 12.13
C THR A 804 6.81 31.67 13.32
N SER A 805 6.99 30.55 14.03
CA SER A 805 7.91 30.40 15.18
C SER A 805 9.34 30.40 14.68
N LEU A 806 9.54 30.56 13.38
CA LEU A 806 10.86 30.65 12.69
C LEU A 806 11.58 31.94 13.09
N VAL A 807 10.83 32.95 13.57
CA VAL A 807 11.33 34.27 14.07
CA VAL A 807 11.33 34.27 14.07
C VAL A 807 12.33 34.35 15.26
N VAL A 808 12.21 33.28 16.04
CA VAL A 808 13.08 33.05 17.22
C VAL A 808 14.49 32.86 16.69
N LYS A 809 14.63 32.07 15.62
CA LYS A 809 15.94 31.86 14.95
C LYS A 809 16.37 33.17 14.29
N ILE A 810 15.44 33.88 13.69
CA ILE A 810 15.75 35.15 12.99
C ILE A 810 16.28 36.16 13.99
N MET A 811 15.69 36.23 15.17
CA MET A 811 16.11 37.18 16.22
C MET A 811 17.53 36.91 16.69
N SER A 812 17.92 35.64 16.84
CA SER A 812 19.27 35.38 17.40
C SER A 812 20.39 35.50 16.37
N GLY A 813 20.12 35.28 15.08
CA GLY A 813 21.09 35.39 13.97
C GLY A 813 22.24 34.39 14.09
N HIS A 814 23.39 34.72 13.50
CA HIS A 814 24.66 33.93 13.53
C HIS A 814 24.51 32.66 12.66
N HIS A 815 23.82 32.76 11.52
CA HIS A 815 23.63 31.65 10.53
C HIS A 815 24.84 31.60 9.58
N GLU B 35 -21.05 -21.34 -37.07
CA GLU B 35 -21.66 -21.09 -38.43
C GLU B 35 -22.39 -22.35 -38.92
N SER B 36 -21.87 -23.56 -38.64
CA SER B 36 -22.60 -24.85 -38.81
C SER B 36 -23.44 -25.09 -37.56
N ILE B 37 -24.68 -25.51 -37.75
CA ILE B 37 -25.65 -25.79 -36.66
C ILE B 37 -24.98 -26.64 -35.58
N LEU B 38 -24.30 -27.71 -35.97
CA LEU B 38 -23.77 -28.70 -34.99
C LEU B 38 -22.63 -28.06 -34.19
N HIS B 39 -21.69 -27.34 -34.83
CA HIS B 39 -20.61 -26.57 -34.11
C HIS B 39 -21.25 -25.57 -33.12
N SER B 40 -22.26 -24.81 -33.54
CA SER B 40 -23.08 -23.94 -32.65
C SER B 40 -23.52 -24.74 -31.43
N GLU B 41 -24.28 -25.81 -31.65
CA GLU B 41 -25.03 -26.51 -30.58
C GLU B 41 -24.03 -27.04 -29.55
N ILE B 42 -22.96 -27.68 -30.00
CA ILE B 42 -21.91 -28.19 -29.05
C ILE B 42 -21.38 -27.00 -28.24
N GLY B 43 -21.18 -25.85 -28.90
CA GLY B 43 -20.69 -24.59 -28.30
C GLY B 43 -21.60 -24.08 -27.19
N ARG B 44 -22.93 -24.09 -27.44
CA ARG B 44 -23.96 -23.69 -26.45
C ARG B 44 -23.86 -24.66 -25.27
N LEU B 45 -23.73 -25.95 -25.55
CA LEU B 45 -23.77 -26.97 -24.48
C LEU B 45 -22.52 -26.82 -23.62
N ASN B 46 -21.37 -26.60 -24.26
CA ASN B 46 -20.07 -26.41 -23.58
C ASN B 46 -20.15 -25.18 -22.68
N ASN B 47 -20.72 -24.10 -23.22
CA ASN B 47 -20.87 -22.79 -22.55
C ASN B 47 -21.68 -23.02 -21.25
N GLN B 48 -22.84 -23.68 -21.32
CA GLN B 48 -23.77 -23.88 -20.18
C GLN B 48 -23.18 -24.88 -19.18
N SER B 49 -22.38 -25.82 -19.66
CA SER B 49 -21.65 -26.81 -18.82
C SER B 49 -20.61 -26.08 -17.96
N LEU B 50 -19.90 -25.12 -18.54
CA LEU B 50 -18.73 -24.48 -17.89
C LEU B 50 -19.10 -23.18 -17.17
N LEU B 51 -20.32 -22.65 -17.30
CA LEU B 51 -20.69 -21.27 -16.85
C LEU B 51 -20.27 -21.06 -15.39
N TRP B 52 -20.69 -21.95 -14.49
CA TRP B 52 -20.43 -21.82 -13.03
C TRP B 52 -19.12 -22.52 -12.64
N GLY B 53 -18.43 -21.99 -11.62
CA GLY B 53 -17.25 -22.64 -11.05
C GLY B 53 -16.73 -21.83 -9.88
N PRO B 54 -15.80 -22.39 -9.08
CA PRO B 54 -15.10 -21.60 -8.05
C PRO B 54 -14.01 -20.78 -8.73
N TYR B 55 -14.38 -19.97 -9.72
CA TYR B 55 -13.46 -19.40 -10.74
C TYR B 55 -12.78 -18.11 -10.23
N ARG B 56 -12.45 -18.11 -8.94
CA ARG B 56 -11.73 -17.04 -8.21
C ARG B 56 -10.57 -17.67 -7.46
N PRO B 57 -9.55 -18.21 -8.16
CA PRO B 57 -8.42 -18.88 -7.51
C PRO B 57 -7.53 -17.93 -6.69
N ASN B 58 -7.68 -16.62 -6.87
CA ASN B 58 -7.01 -15.60 -6.02
C ASN B 58 -7.47 -15.74 -4.55
N ILE B 59 -8.67 -16.23 -4.27
CA ILE B 59 -9.14 -16.33 -2.84
C ILE B 59 -9.28 -17.80 -2.47
N TYR B 60 -9.20 -18.11 -1.17
CA TYR B 60 -9.39 -19.50 -0.64
C TYR B 60 -10.67 -20.12 -1.21
N PHE B 61 -11.83 -19.47 -1.12
CA PHE B 61 -13.08 -20.02 -1.69
C PHE B 61 -14.03 -18.91 -2.14
N GLY B 62 -14.54 -19.03 -3.37
CA GLY B 62 -15.56 -18.14 -3.92
C GLY B 62 -15.95 -18.60 -5.30
N THR B 63 -17.11 -18.17 -5.76
CA THR B 63 -17.73 -18.63 -7.01
C THR B 63 -17.98 -17.40 -7.86
N ARG B 64 -18.21 -17.61 -9.16
CA ARG B 64 -18.66 -16.60 -10.13
C ARG B 64 -18.85 -17.34 -11.45
N PRO B 65 -19.74 -16.86 -12.31
CA PRO B 65 -19.86 -17.40 -13.66
C PRO B 65 -18.92 -16.67 -14.65
N ARG B 66 -18.89 -17.18 -15.88
CA ARG B 66 -18.09 -16.68 -17.02
C ARG B 66 -18.89 -15.54 -17.65
N ILE B 67 -19.19 -14.55 -16.82
CA ILE B 67 -19.94 -13.31 -17.17
C ILE B 67 -19.22 -12.21 -16.40
N GLY B 68 -18.75 -11.16 -17.07
CA GLY B 68 -17.95 -10.13 -16.39
C GLY B 68 -18.68 -9.39 -15.29
N LYS B 69 -19.91 -8.95 -15.54
CA LYS B 69 -20.67 -8.26 -14.48
C LYS B 69 -21.82 -9.17 -14.08
N SER B 70 -21.71 -9.76 -12.89
CA SER B 70 -22.71 -10.75 -12.44
C SER B 70 -22.52 -11.00 -10.94
N LEU B 71 -23.17 -12.03 -10.44
CA LEU B 71 -23.11 -12.45 -9.02
C LEU B 71 -21.73 -13.06 -8.73
N MET B 72 -21.15 -12.74 -7.58
CA MET B 72 -19.83 -13.27 -7.17
C MET B 72 -19.92 -13.60 -5.68
N THR B 73 -19.25 -14.65 -5.22
CA THR B 73 -19.29 -15.00 -3.78
C THR B 73 -17.86 -15.05 -3.27
N GLY B 74 -17.69 -14.95 -1.96
CA GLY B 74 -16.38 -15.16 -1.36
C GLY B 74 -16.55 -15.54 0.10
N LEU B 75 -15.61 -16.34 0.60
CA LEU B 75 -15.62 -16.88 1.98
C LEU B 75 -14.52 -16.21 2.77
N MET B 76 -14.84 -15.82 4.01
CA MET B 76 -13.84 -15.35 4.99
C MET B 76 -14.09 -16.05 6.33
N TRP B 77 -13.02 -16.27 7.10
CA TRP B 77 -13.11 -16.83 8.46
C TRP B 77 -11.91 -16.35 9.30
N GLY B 78 -12.08 -16.33 10.62
CA GLY B 78 -10.94 -16.27 11.56
C GLY B 78 -11.36 -16.38 13.02
N LYS B 79 -10.43 -16.83 13.86
CA LYS B 79 -10.63 -16.85 15.33
C LYS B 79 -10.73 -15.42 15.84
N ILE B 80 -11.35 -15.25 17.00
CA ILE B 80 -11.43 -13.93 17.70
C ILE B 80 -11.37 -14.17 19.21
N GLU B 81 -10.30 -13.67 19.82
CA GLU B 81 -9.94 -13.82 21.26
C GLU B 81 -9.77 -12.45 21.93
N SER B 82 -9.78 -11.34 21.17
CA SER B 82 -9.65 -9.94 21.68
C SER B 82 -10.41 -8.96 20.78
N TYR B 83 -10.45 -7.70 21.22
CA TYR B 83 -11.16 -6.60 20.50
C TYR B 83 -10.34 -6.14 19.29
N THR B 84 -9.12 -6.65 19.07
CA THR B 84 -8.25 -6.15 17.96
C THR B 84 -7.61 -7.27 17.11
N ASP B 85 -7.88 -8.55 17.33
CA ASP B 85 -7.08 -9.63 16.68
C ASP B 85 -7.72 -10.03 15.34
N PHE B 86 -9.03 -9.85 15.17
CA PHE B 86 -9.74 -10.35 13.95
C PHE B 86 -9.08 -9.79 12.68
N GLN B 87 -8.61 -8.54 12.69
CA GLN B 87 -7.91 -7.94 11.52
C GLN B 87 -6.65 -8.75 11.15
N HIS B 88 -6.03 -9.41 12.11
CA HIS B 88 -4.79 -10.22 11.90
C HIS B 88 -5.11 -11.70 11.60
N THR B 89 -6.26 -12.18 12.01
CA THR B 89 -6.52 -13.63 11.81
C THR B 89 -7.40 -13.88 10.58
N VAL B 90 -8.12 -12.88 10.11
CA VAL B 90 -9.09 -13.12 9.00
C VAL B 90 -8.36 -13.57 7.74
N ARG B 91 -8.97 -14.51 7.02
CA ARG B 91 -8.44 -15.09 5.77
C ARG B 91 -9.40 -14.77 4.64
N TYR B 92 -8.89 -14.30 3.52
CA TYR B 92 -9.74 -14.06 2.33
C TYR B 92 -8.97 -14.44 1.08
N THR B 93 -7.96 -13.65 0.74
CA THR B 93 -7.13 -13.93 -0.45
C THR B 93 -6.04 -14.92 -0.05
N CYS B 94 -5.58 -15.70 -1.02
CA CYS B 94 -4.57 -16.77 -0.81
C CYS B 94 -3.19 -16.21 -0.49
N GLU B 95 -2.53 -16.80 0.51
CA GLU B 95 -1.15 -16.45 0.91
C GLU B 95 -0.36 -17.77 1.05
N GLN B 96 0.89 -17.62 1.44
CA GLN B 96 1.76 -18.76 1.82
C GLN B 96 2.77 -18.20 2.80
N ASN B 97 2.67 -18.61 4.06
CA ASN B 97 3.58 -18.18 5.15
C ASN B 97 3.61 -19.26 6.22
N GLU B 98 4.28 -18.99 7.34
CA GLU B 98 4.39 -19.95 8.45
C GLU B 98 3.00 -20.31 9.00
N GLY B 99 2.08 -19.35 9.05
CA GLY B 99 0.71 -19.53 9.57
C GLY B 99 -0.16 -20.50 8.80
N MET B 100 0.09 -20.71 7.52
CA MET B 100 -0.75 -21.64 6.72
C MET B 100 0.07 -22.88 6.33
N LYS B 101 -0.29 -24.06 6.84
CA LYS B 101 0.47 -25.32 6.55
C LYS B 101 0.28 -25.61 5.07
N GLY B 102 -0.98 -25.63 4.60
CA GLY B 102 -1.27 -25.95 3.20
C GLY B 102 -2.73 -25.73 2.83
N TYR B 103 -3.02 -25.84 1.54
CA TYR B 103 -4.39 -25.82 0.98
C TYR B 103 -4.33 -26.23 -0.49
N GLY B 104 -5.44 -26.69 -1.05
CA GLY B 104 -5.53 -27.13 -2.45
C GLY B 104 -6.66 -28.13 -2.65
N TRP B 105 -6.90 -28.49 -3.90
CA TRP B 105 -7.95 -29.45 -4.28
C TRP B 105 -7.40 -30.87 -4.20
N ASP B 106 -8.17 -31.73 -3.54
CA ASP B 106 -7.97 -33.21 -3.42
C ASP B 106 -8.49 -33.87 -4.71
N GLU B 107 -9.59 -33.35 -5.21
CA GLU B 107 -10.22 -33.75 -6.49
C GLU B 107 -10.81 -32.48 -7.10
N TYR B 108 -10.88 -32.36 -8.43
CA TYR B 108 -11.60 -31.25 -9.10
C TYR B 108 -11.77 -31.55 -10.58
N ASP B 109 -12.91 -31.11 -11.10
CA ASP B 109 -13.32 -31.16 -12.51
C ASP B 109 -14.26 -29.97 -12.71
N PRO B 110 -13.98 -29.07 -13.67
CA PRO B 110 -14.77 -27.86 -13.86
C PRO B 110 -16.23 -28.13 -14.21
N ARG B 111 -16.52 -29.35 -14.69
CA ARG B 111 -17.89 -29.71 -15.14
C ARG B 111 -18.73 -30.18 -13.93
N ARG B 112 -18.08 -30.78 -12.94
CA ARG B 112 -18.72 -31.55 -11.85
C ARG B 112 -18.52 -30.83 -10.53
N GLY B 113 -17.31 -30.38 -10.25
CA GLY B 113 -16.97 -29.71 -8.98
C GLY B 113 -15.80 -30.42 -8.34
N GLY B 114 -15.65 -30.29 -7.03
CA GLY B 114 -14.52 -30.90 -6.33
C GLY B 114 -14.53 -30.65 -4.84
N ILE B 115 -13.44 -30.99 -4.19
CA ILE B 115 -13.23 -30.78 -2.73
C ILE B 115 -11.85 -30.15 -2.60
N GLN B 116 -11.77 -29.16 -1.72
CA GLN B 116 -10.53 -28.42 -1.37
C GLN B 116 -10.37 -28.61 0.12
N SER B 117 -9.15 -28.84 0.58
CA SER B 117 -8.77 -28.82 2.01
C SER B 117 -7.89 -27.60 2.26
N ILE B 118 -8.14 -26.91 3.38
CA ILE B 118 -7.34 -25.74 3.86
C ILE B 118 -6.83 -26.13 5.24
N HIS B 119 -5.51 -26.24 5.43
CA HIS B 119 -4.85 -26.50 6.73
C HIS B 119 -4.27 -25.18 7.30
N ASP B 120 -5.07 -24.49 8.10
CA ASP B 120 -4.77 -23.16 8.67
C ASP B 120 -4.22 -23.33 10.10
N ILE B 121 -2.94 -23.06 10.31
CA ILE B 121 -2.26 -23.16 11.64
C ILE B 121 -2.68 -21.98 12.53
N GLN B 122 -2.69 -20.77 12.02
CA GLN B 122 -2.91 -19.55 12.83
C GLN B 122 -4.29 -19.65 13.52
N ASN B 123 -5.29 -20.20 12.83
CA ASN B 123 -6.71 -20.22 13.24
C ASN B 123 -7.08 -21.64 13.73
N GLY B 124 -6.07 -22.49 13.94
CA GLY B 124 -6.21 -23.87 14.47
C GLY B 124 -7.36 -24.62 13.81
N LEU B 125 -7.57 -24.41 12.51
CA LEU B 125 -8.72 -24.97 11.75
C LEU B 125 -8.21 -25.81 10.58
N ASP B 126 -8.86 -26.95 10.35
CA ASP B 126 -8.77 -27.74 9.09
C ASP B 126 -10.13 -27.59 8.40
N ILE B 127 -10.16 -26.96 7.23
CA ILE B 127 -11.42 -26.58 6.54
C ILE B 127 -11.55 -27.38 5.25
N THR B 128 -12.79 -27.59 4.85
CA THR B 128 -13.19 -28.40 3.69
C THR B 128 -14.19 -27.59 2.89
N THR B 129 -13.98 -27.39 1.60
CA THR B 129 -14.96 -26.69 0.75
C THR B 129 -15.29 -27.67 -0.38
N SER B 130 -16.50 -28.18 -0.38
CA SER B 130 -17.02 -29.09 -1.42
C SER B 130 -17.88 -28.24 -2.33
N PHE B 131 -17.62 -28.27 -3.62
CA PHE B 131 -18.39 -27.52 -4.63
C PHE B 131 -18.97 -28.55 -5.59
N VAL B 132 -20.29 -28.52 -5.84
CA VAL B 132 -20.93 -29.39 -6.86
C VAL B 132 -21.74 -28.51 -7.78
N LYS B 133 -21.77 -28.91 -9.05
CA LYS B 133 -22.70 -28.36 -10.07
C LYS B 133 -23.81 -29.38 -10.35
N ILE B 134 -25.03 -28.90 -10.53
CA ILE B 134 -26.26 -29.64 -10.91
C ILE B 134 -26.83 -28.95 -12.16
N PRO B 135 -26.87 -29.64 -13.31
CA PRO B 135 -27.36 -29.01 -14.53
C PRO B 135 -28.89 -28.85 -14.51
N GLY B 136 -29.44 -28.15 -15.50
CA GLY B 136 -30.86 -27.86 -15.69
C GLY B 136 -31.09 -26.36 -15.88
N GLY B 137 -31.88 -25.97 -16.89
CA GLY B 137 -32.29 -24.58 -17.13
C GLY B 137 -31.56 -23.98 -18.31
N ALA B 138 -31.77 -22.68 -18.59
CA ALA B 138 -31.20 -21.95 -19.75
C ALA B 138 -30.07 -21.01 -19.28
N HIS B 139 -29.62 -21.17 -18.03
CA HIS B 139 -28.75 -20.18 -17.35
C HIS B 139 -27.58 -20.90 -16.68
N GLY B 140 -27.12 -22.04 -17.24
CA GLY B 140 -25.93 -22.79 -16.77
C GLY B 140 -26.11 -23.52 -15.43
N GLY B 141 -27.35 -23.66 -14.99
CA GLY B 141 -27.70 -24.58 -13.91
C GLY B 141 -27.43 -23.98 -12.56
N SER B 142 -27.27 -24.87 -11.59
CA SER B 142 -27.34 -24.65 -10.13
C SER B 142 -26.06 -25.19 -9.49
N TRP B 143 -25.80 -24.85 -8.24
CA TRP B 143 -24.60 -25.38 -7.55
C TRP B 143 -24.82 -25.32 -6.04
N ALA B 144 -23.93 -25.98 -5.28
CA ALA B 144 -23.94 -26.04 -3.81
C ALA B 144 -22.52 -26.20 -3.31
N ALA B 145 -22.27 -25.78 -2.08
CA ALA B 145 -20.97 -25.92 -1.43
C ALA B 145 -21.22 -26.23 0.03
N ARG B 146 -20.28 -26.94 0.66
CA ARG B 146 -20.30 -27.25 2.10
C ARG B 146 -19.02 -26.66 2.68
N ILE B 147 -19.17 -25.70 3.57
CA ILE B 147 -18.04 -25.17 4.36
C ILE B 147 -18.09 -25.95 5.67
N LYS B 148 -17.01 -26.65 6.02
CA LYS B 148 -16.90 -27.47 7.25
C LYS B 148 -15.54 -27.19 7.89
N GLY B 149 -15.55 -26.85 9.17
CA GLY B 149 -14.34 -26.46 9.91
C GLY B 149 -14.20 -27.31 11.14
N THR B 150 -13.03 -27.91 11.32
CA THR B 150 -12.72 -28.86 12.40
C THR B 150 -11.48 -28.31 13.12
N LEU B 151 -11.65 -27.80 14.34
CA LEU B 151 -10.53 -27.42 15.24
C LEU B 151 -9.53 -28.58 15.26
N ASN B 152 -8.25 -28.30 15.02
CA ASN B 152 -7.11 -29.22 15.20
C ASN B 152 -6.86 -29.41 16.71
N ASP B 153 -5.85 -30.20 17.07
CA ASP B 153 -5.57 -30.65 18.47
C ASP B 153 -4.98 -29.52 19.36
N ASP B 154 -4.20 -28.58 18.80
CA ASP B 154 -3.54 -27.47 19.57
C ASP B 154 -4.51 -26.31 19.85
N ALA B 155 -5.68 -26.28 19.20
CA ALA B 155 -6.66 -25.16 19.28
C ALA B 155 -7.48 -25.32 20.55
N PRO B 156 -7.58 -24.26 21.40
CA PRO B 156 -8.61 -24.18 22.45
C PRO B 156 -9.96 -24.75 21.97
N LYS B 157 -10.51 -25.73 22.70
CA LYS B 157 -11.65 -26.59 22.24
C LYS B 157 -12.91 -25.74 22.17
N ASP B 158 -12.83 -24.50 22.67
CA ASP B 158 -13.98 -23.54 22.79
C ASP B 158 -13.70 -22.24 22.00
N GLN B 159 -12.87 -22.30 20.94
CA GLN B 159 -12.46 -21.09 20.17
C GLN B 159 -13.67 -20.56 19.39
N LYS B 160 -13.83 -19.23 19.40
CA LYS B 160 -14.87 -18.52 18.61
C LYS B 160 -14.27 -18.18 17.23
N THR B 161 -14.84 -18.73 16.18
CA THR B 161 -14.42 -18.52 14.79
C THR B 161 -15.51 -17.70 14.10
N ILE B 162 -15.21 -16.46 13.67
CA ILE B 162 -16.14 -15.71 12.78
C ILE B 162 -16.00 -16.32 11.39
N VAL B 163 -17.13 -16.48 10.72
CA VAL B 163 -17.17 -16.97 9.32
C VAL B 163 -18.09 -16.00 8.60
N VAL B 164 -17.67 -15.53 7.43
CA VAL B 164 -18.46 -14.59 6.59
C VAL B 164 -18.60 -15.19 5.19
N PHE B 165 -19.79 -15.03 4.63
CA PHE B 165 -20.08 -15.33 3.21
C PHE B 165 -20.55 -14.03 2.61
N TYR B 166 -19.76 -13.50 1.69
CA TYR B 166 -19.97 -12.17 1.05
C TYR B 166 -20.48 -12.44 -0.36
N VAL B 167 -21.52 -11.72 -0.76
CA VAL B 167 -22.15 -11.86 -2.09
C VAL B 167 -22.25 -10.47 -2.68
N SER B 168 -21.82 -10.29 -3.93
CA SER B 168 -21.94 -9.03 -4.68
C SER B 168 -22.57 -9.33 -6.03
N GLN B 169 -23.22 -8.34 -6.64
CA GLN B 169 -23.78 -8.45 -7.99
C GLN B 169 -23.61 -7.11 -8.70
N GLU B 170 -22.87 -7.12 -9.81
CA GLU B 170 -22.66 -6.00 -10.74
C GLU B 170 -23.58 -6.27 -11.93
N GLY B 171 -23.98 -5.23 -12.66
CA GLY B 171 -24.82 -5.39 -13.87
C GLY B 171 -26.10 -4.59 -13.84
N GLU B 172 -26.32 -3.79 -14.88
CA GLU B 172 -27.59 -3.11 -15.20
C GLU B 172 -28.75 -4.12 -15.08
N ASN B 173 -29.88 -3.67 -14.51
CA ASN B 173 -31.20 -4.33 -14.52
C ASN B 173 -31.11 -5.64 -13.75
N SER B 174 -30.68 -5.57 -12.49
CA SER B 174 -30.28 -6.75 -11.68
C SER B 174 -30.56 -6.48 -10.19
N GLU B 175 -31.29 -7.40 -9.54
CA GLU B 175 -31.84 -7.23 -8.17
C GLU B 175 -31.35 -8.38 -7.31
N LEU B 176 -31.17 -8.13 -6.02
CA LEU B 176 -30.79 -9.17 -5.04
C LEU B 176 -31.25 -8.70 -3.65
N GLU B 177 -32.22 -9.42 -3.09
CA GLU B 177 -32.91 -9.10 -1.82
C GLU B 177 -32.58 -10.20 -0.82
N ALA B 178 -32.09 -9.84 0.35
CA ALA B 178 -32.14 -10.70 1.54
C ALA B 178 -33.57 -10.70 2.09
N VAL B 179 -34.14 -11.89 2.29
CA VAL B 179 -35.49 -12.11 2.87
C VAL B 179 -35.39 -11.95 4.39
N PRO B 180 -36.23 -11.07 4.98
CA PRO B 180 -36.16 -10.79 6.41
C PRO B 180 -36.31 -12.03 7.29
N SER B 181 -35.75 -11.95 8.48
CA SER B 181 -35.89 -12.91 9.60
C SER B 181 -37.33 -12.87 10.13
N GLU B 182 -37.72 -13.88 10.92
CA GLU B 182 -38.88 -13.88 11.86
C GLU B 182 -38.49 -13.06 13.11
N ASN B 183 -37.27 -13.21 13.61
CA ASN B 183 -36.80 -12.71 14.93
C ASN B 183 -36.22 -11.30 14.78
N GLU B 184 -36.08 -10.61 15.91
CA GLU B 184 -35.84 -9.13 15.97
C GLU B 184 -34.42 -8.84 15.44
N PHE B 185 -33.45 -9.71 15.79
CA PHE B 185 -32.00 -9.40 15.91
C PHE B 185 -31.16 -10.18 14.89
N GLY B 186 -31.78 -11.04 14.08
CA GLY B 186 -31.08 -11.97 13.17
C GLY B 186 -31.89 -13.23 12.90
N TYR B 187 -31.20 -14.33 12.61
CA TYR B 187 -31.73 -15.54 11.92
C TYR B 187 -31.44 -16.80 12.78
N GLU B 188 -32.51 -17.55 13.04
CA GLU B 188 -32.45 -18.83 13.79
C GLU B 188 -32.03 -19.91 12.79
N GLY B 189 -32.51 -19.83 11.53
CA GLY B 189 -32.28 -20.87 10.52
C GLY B 189 -31.56 -20.40 9.26
N ASP B 190 -32.18 -20.69 8.10
CA ASP B 190 -31.62 -20.47 6.76
C ASP B 190 -31.76 -18.96 6.45
N VAL B 191 -30.69 -18.40 5.87
CA VAL B 191 -30.73 -17.09 5.15
C VAL B 191 -31.02 -17.37 3.69
N ILE B 192 -31.96 -16.62 3.11
CA ILE B 192 -32.41 -16.81 1.72
C ILE B 192 -32.21 -15.49 0.99
N LEU B 193 -31.45 -15.46 -0.10
CA LEU B 193 -31.34 -14.28 -0.98
C LEU B 193 -32.02 -14.65 -2.29
N LYS B 194 -32.93 -13.82 -2.75
CA LYS B 194 -33.61 -13.98 -4.05
C LYS B 194 -33.05 -12.89 -4.95
N GLY B 195 -32.70 -13.23 -6.20
CA GLY B 195 -32.10 -12.29 -7.16
C GLY B 195 -32.56 -12.58 -8.57
N ARG B 196 -32.29 -11.65 -9.48
CA ARG B 196 -32.58 -11.78 -10.92
C ARG B 196 -31.57 -10.92 -11.69
N SER B 197 -31.25 -11.33 -12.93
CA SER B 197 -30.42 -10.60 -13.94
C SER B 197 -30.74 -11.17 -15.34
N GLU B 198 -30.56 -10.43 -16.45
CA GLU B 198 -30.78 -11.01 -17.82
C GLU B 198 -29.90 -12.26 -17.95
N ALA B 199 -28.68 -12.12 -17.43
CA ALA B 199 -27.61 -13.15 -17.36
C ALA B 199 -28.13 -14.49 -16.79
N LEU B 200 -28.76 -14.51 -15.60
CA LEU B 200 -29.01 -15.73 -14.78
C LEU B 200 -30.52 -16.00 -14.58
N GLY B 201 -31.40 -15.15 -15.08
CA GLY B 201 -32.83 -15.08 -14.71
C GLY B 201 -33.00 -15.12 -13.20
N ASN B 202 -34.10 -15.69 -12.71
CA ASN B 202 -34.43 -15.70 -11.26
C ASN B 202 -33.56 -16.78 -10.61
N TYR B 203 -33.12 -16.55 -9.37
CA TYR B 203 -32.35 -17.56 -8.63
C TYR B 203 -32.59 -17.35 -7.15
N LYS B 204 -32.22 -18.37 -6.38
CA LYS B 204 -32.28 -18.42 -4.90
C LYS B 204 -30.87 -18.79 -4.43
N LEU B 205 -30.28 -17.99 -3.57
CA LEU B 205 -29.01 -18.35 -2.91
C LEU B 205 -29.32 -18.44 -1.42
N VAL B 206 -29.06 -19.59 -0.82
CA VAL B 206 -29.45 -19.91 0.57
C VAL B 206 -28.18 -20.19 1.37
N VAL B 207 -27.99 -19.50 2.49
CA VAL B 207 -26.95 -19.89 3.48
C VAL B 207 -27.66 -20.60 4.64
N THR B 208 -27.39 -21.89 4.79
CA THR B 208 -28.10 -22.78 5.76
C THR B 208 -27.73 -22.37 7.18
N LYS B 209 -28.57 -22.75 8.15
CA LYS B 209 -28.32 -22.63 9.62
C LYS B 209 -26.97 -23.26 9.95
N GLY B 210 -26.73 -24.46 9.41
CA GLY B 210 -25.51 -25.23 9.71
C GLY B 210 -25.62 -25.93 11.04
N LYS B 211 -24.54 -26.61 11.42
CA LYS B 211 -24.39 -27.46 12.61
C LYS B 211 -23.17 -26.88 13.37
N GLY B 212 -23.29 -26.73 14.68
CA GLY B 212 -22.25 -26.12 15.51
C GLY B 212 -22.89 -25.28 16.59
N VAL B 213 -22.24 -25.25 17.75
CA VAL B 213 -22.54 -24.40 18.94
C VAL B 213 -22.44 -22.93 18.54
N ILE B 214 -23.58 -22.22 18.59
CA ILE B 214 -23.70 -20.75 18.35
C ILE B 214 -23.53 -20.05 19.69
N PRO B 215 -22.40 -19.38 19.98
CA PRO B 215 -22.14 -18.87 21.33
C PRO B 215 -23.14 -17.79 21.75
N GLN B 216 -23.45 -17.72 23.05
CA GLN B 216 -24.49 -16.75 23.49
C GLN B 216 -23.91 -15.78 24.52
N SER B 217 -24.43 -14.56 24.52
CA SER B 217 -23.95 -13.49 25.43
C SER B 217 -25.07 -13.06 26.37
N ASP B 218 -24.80 -12.98 27.67
CA ASP B 218 -25.82 -12.53 28.64
C ASP B 218 -25.57 -11.07 28.99
N HIS B 219 -24.63 -10.43 28.30
CA HIS B 219 -24.26 -9.02 28.53
C HIS B 219 -25.44 -8.12 28.13
N ASP B 220 -25.50 -6.92 28.70
CA ASP B 220 -26.58 -5.92 28.45
C ASP B 220 -26.71 -5.53 26.97
N LEU B 221 -25.63 -5.60 26.18
CA LEU B 221 -25.64 -5.30 24.73
C LEU B 221 -26.63 -6.22 24.00
N SER B 222 -26.75 -7.48 24.41
CA SER B 222 -27.74 -8.41 23.84
C SER B 222 -29.13 -7.76 23.78
N ARG B 223 -29.46 -6.85 24.71
CA ARG B 223 -30.78 -6.19 24.64
C ARG B 223 -30.98 -5.52 23.27
N LEU B 224 -29.92 -4.97 22.67
CA LEU B 224 -29.97 -4.20 21.39
C LEU B 224 -29.48 -5.03 20.19
N ARG B 225 -28.53 -5.96 20.40
CA ARG B 225 -27.86 -6.75 19.33
C ARG B 225 -28.15 -8.25 19.46
N GLY B 226 -29.08 -8.64 20.31
CA GLY B 226 -29.42 -10.05 20.50
C GLY B 226 -28.34 -10.81 21.26
N PRO B 227 -28.71 -12.01 21.79
CA PRO B 227 -27.77 -12.86 22.51
C PRO B 227 -26.66 -13.48 21.64
N GLY B 228 -26.86 -13.53 20.31
CA GLY B 228 -25.97 -14.28 19.39
C GLY B 228 -26.73 -15.08 18.34
N GLN B 229 -26.61 -14.66 17.07
CA GLN B 229 -27.36 -15.22 15.92
C GLN B 229 -26.65 -14.92 14.59
N THR B 230 -27.04 -15.66 13.56
CA THR B 230 -26.76 -15.36 12.14
C THR B 230 -27.33 -13.96 11.84
N VAL B 231 -26.54 -13.13 11.15
CA VAL B 231 -26.99 -11.78 10.73
C VAL B 231 -26.63 -11.58 9.25
N VAL B 232 -27.18 -10.54 8.65
CA VAL B 232 -27.11 -10.24 7.19
C VAL B 232 -27.27 -8.73 6.97
N GLN B 233 -26.24 -8.06 6.42
CA GLN B 233 -26.28 -6.65 5.96
C GLN B 233 -26.42 -6.62 4.43
N SER B 234 -27.43 -5.93 3.93
CA SER B 234 -27.68 -5.72 2.49
C SER B 234 -27.38 -4.24 2.17
N LEU B 235 -26.50 -3.99 1.21
CA LEU B 235 -25.77 -2.71 1.08
C LEU B 235 -25.64 -2.36 -0.41
N THR B 236 -25.43 -1.09 -0.71
CA THR B 236 -25.12 -0.60 -2.07
C THR B 236 -23.74 0.04 -2.00
N TYR B 237 -22.79 -0.44 -2.79
CA TYR B 237 -21.49 0.23 -3.01
C TYR B 237 -21.42 0.61 -4.49
N PRO B 238 -20.52 1.53 -4.89
CA PRO B 238 -20.22 1.68 -6.32
C PRO B 238 -19.56 0.40 -6.87
N ASP B 239 -19.84 0.08 -8.15
CA ASP B 239 -19.36 -1.14 -8.85
C ASP B 239 -17.83 -1.26 -8.75
N GLU B 240 -17.11 -0.16 -8.89
CA GLU B 240 -15.62 -0.16 -8.91
C GLU B 240 -15.05 -0.74 -7.60
N VAL B 241 -15.83 -0.91 -6.52
CA VAL B 241 -15.28 -1.36 -5.19
C VAL B 241 -15.90 -2.71 -4.76
N LEU B 242 -16.82 -3.29 -5.53
CA LEU B 242 -17.47 -4.56 -5.13
C LEU B 242 -16.38 -5.57 -4.77
N TRP B 243 -15.22 -5.46 -5.42
CA TRP B 243 -14.13 -6.48 -5.30
C TRP B 243 -13.42 -6.36 -3.95
N GLN B 244 -13.43 -5.18 -3.30
CA GLN B 244 -12.69 -4.97 -2.02
C GLN B 244 -13.59 -5.48 -0.90
N ALA B 245 -13.81 -6.79 -0.85
CA ALA B 245 -14.74 -7.43 0.10
C ALA B 245 -14.19 -7.28 1.51
N LYS B 246 -12.88 -7.46 1.69
CA LYS B 246 -12.28 -7.36 3.04
C LYS B 246 -12.41 -5.95 3.58
N PRO B 247 -11.93 -4.91 2.85
CA PRO B 247 -12.05 -3.54 3.33
C PRO B 247 -13.52 -3.10 3.55
N ILE B 248 -14.48 -3.63 2.76
CA ILE B 248 -15.94 -3.39 3.00
C ILE B 248 -16.37 -4.03 4.32
N LEU B 249 -16.14 -5.33 4.48
CA LEU B 249 -16.47 -6.03 5.74
C LEU B 249 -16.00 -5.16 6.89
N PHE B 250 -14.75 -4.75 6.87
CA PHE B 250 -14.11 -4.04 8.01
C PHE B 250 -14.67 -2.62 8.15
N GLN B 251 -15.12 -2.00 7.06
CA GLN B 251 -15.86 -0.72 7.15
C GLN B 251 -17.09 -0.92 8.03
N GLN B 252 -17.82 -2.03 7.82
CA GLN B 252 -19.13 -2.29 8.49
C GLN B 252 -18.88 -2.71 9.95
N LEU B 253 -17.78 -3.41 10.22
CA LEU B 253 -17.38 -3.76 11.61
C LEU B 253 -16.99 -2.49 12.38
N LYS B 254 -16.27 -1.53 11.76
CA LYS B 254 -15.87 -0.23 12.39
C LYS B 254 -17.17 0.57 12.63
N ALA B 255 -18.08 0.64 11.67
CA ALA B 255 -19.37 1.34 11.85
C ALA B 255 -20.12 0.74 13.05
N GLY B 256 -20.13 -0.59 13.16
CA GLY B 256 -20.86 -1.34 14.20
C GLY B 256 -20.16 -1.29 15.55
N ILE B 257 -18.95 -0.75 15.58
CA ILE B 257 -18.22 -0.50 16.87
C ILE B 257 -18.36 0.97 17.28
N ASP B 258 -18.27 1.92 16.34
CA ASP B 258 -18.55 3.37 16.57
C ASP B 258 -19.97 3.54 17.14
N TRP B 259 -20.91 2.71 16.69
CA TRP B 259 -22.32 2.72 17.12
C TRP B 259 -22.42 2.47 18.64
N LEU B 260 -21.44 1.79 19.23
CA LEU B 260 -21.48 1.42 20.67
C LEU B 260 -21.53 2.71 21.49
N VAL B 261 -20.78 3.75 21.10
CA VAL B 261 -20.58 4.95 21.95
C VAL B 261 -21.73 5.94 21.74
N GLU B 262 -22.68 5.65 20.85
CA GLU B 262 -23.84 6.55 20.55
C GLU B 262 -25.19 5.91 20.96
N ASN B 263 -25.20 4.78 21.69
CA ASN B 263 -26.44 4.07 22.10
C ASN B 263 -26.31 3.56 23.54
N LYS B 264 -27.46 3.25 24.17
CA LYS B 264 -27.62 3.12 25.65
C LYS B 264 -27.49 1.65 26.05
N TYR B 265 -26.46 1.32 26.83
CA TYR B 265 -26.18 -0.06 27.31
C TYR B 265 -25.14 0.03 28.45
N ASP B 266 -25.20 -0.89 29.41
CA ASP B 266 -24.29 -0.90 30.60
C ASP B 266 -22.92 -1.29 30.08
N VAL B 267 -21.90 -0.43 30.27
CA VAL B 267 -20.51 -0.63 29.79
C VAL B 267 -19.55 -0.91 30.97
N ALA B 268 -20.07 -1.28 32.14
CA ALA B 268 -19.20 -1.56 33.32
C ALA B 268 -18.50 -2.90 33.11
N ASP B 269 -19.07 -3.79 32.29
CA ASP B 269 -18.49 -5.14 31.98
C ASP B 269 -17.97 -5.20 30.55
N PRO B 270 -16.80 -5.85 30.35
CA PRO B 270 -16.35 -6.26 29.02
C PRO B 270 -17.39 -7.11 28.31
N PRO B 271 -17.89 -6.70 27.12
CA PRO B 271 -18.67 -7.58 26.27
C PRO B 271 -17.73 -8.54 25.54
N PRO B 272 -18.21 -9.73 25.13
CA PRO B 272 -17.32 -10.72 24.51
C PRO B 272 -16.89 -10.16 23.15
N PRO B 273 -15.60 -10.33 22.77
CA PRO B 273 -15.09 -9.87 21.48
C PRO B 273 -16.03 -10.20 20.30
N TRP B 274 -16.46 -11.44 20.23
CA TRP B 274 -17.26 -11.90 19.07
C TRP B 274 -18.55 -11.09 18.95
N GLN B 275 -19.14 -10.61 20.06
CA GLN B 275 -20.47 -9.92 19.99
C GLN B 275 -20.25 -8.50 19.49
N VAL B 276 -19.08 -7.94 19.80
CA VAL B 276 -18.67 -6.58 19.39
C VAL B 276 -18.29 -6.62 17.91
N TYR B 277 -17.92 -7.80 17.39
CA TYR B 277 -17.59 -8.01 15.95
C TYR B 277 -18.71 -8.75 15.21
N LEU B 278 -19.91 -8.78 15.77
CA LEU B 278 -21.08 -9.38 15.09
C LEU B 278 -21.93 -8.24 14.53
N LEU B 279 -21.98 -8.12 13.21
CA LEU B 279 -22.67 -7.02 12.51
C LEU B 279 -24.13 -6.97 12.98
N ALA B 280 -24.71 -5.79 13.04
CA ALA B 280 -26.16 -5.63 13.29
C ALA B 280 -26.89 -6.18 12.08
N ASN B 281 -27.99 -6.92 12.30
CA ASN B 281 -28.79 -7.54 11.23
C ASN B 281 -29.56 -6.42 10.50
N LYS B 282 -29.51 -6.38 9.17
CA LYS B 282 -30.12 -5.31 8.31
C LYS B 282 -30.36 -5.86 6.92
N PRO B 283 -31.11 -6.99 6.77
CA PRO B 283 -31.37 -7.57 5.45
C PRO B 283 -32.20 -6.62 4.58
N GLY B 284 -32.20 -6.79 3.26
CA GLY B 284 -32.85 -5.88 2.30
C GLY B 284 -32.29 -6.03 0.89
N SER B 285 -32.63 -5.09 0.00
CA SER B 285 -32.00 -4.90 -1.33
C SER B 285 -30.54 -4.50 -1.17
N GLY B 286 -29.75 -4.77 -2.20
CA GLY B 286 -28.31 -4.46 -2.25
C GLY B 286 -27.59 -5.21 -3.36
N ASN B 287 -26.39 -4.72 -3.70
CA ASN B 287 -25.43 -5.36 -4.62
C ASN B 287 -24.30 -5.97 -3.77
N VAL B 288 -24.45 -5.90 -2.45
CA VAL B 288 -23.51 -6.50 -1.48
C VAL B 288 -24.35 -7.07 -0.34
N HIS B 289 -24.12 -8.32 0.04
CA HIS B 289 -24.85 -9.00 1.14
C HIS B 289 -23.81 -9.73 1.98
N ILE B 290 -23.63 -9.28 3.21
CA ILE B 290 -22.70 -9.92 4.16
C ILE B 290 -23.53 -10.83 5.06
N VAL B 291 -23.27 -12.14 4.98
CA VAL B 291 -23.88 -13.14 5.88
C VAL B 291 -22.82 -13.54 6.91
N GLN B 292 -23.10 -13.36 8.20
CA GLN B 292 -22.08 -13.57 9.27
C GLN B 292 -22.63 -14.58 10.27
N LYS B 293 -21.79 -15.52 10.65
CA LYS B 293 -22.01 -16.53 11.72
C LYS B 293 -20.80 -16.48 12.65
N VAL B 294 -21.05 -16.69 13.94
CA VAL B 294 -19.99 -17.05 14.92
C VAL B 294 -20.22 -18.47 15.40
N PHE B 295 -19.13 -19.21 15.59
CA PHE B 295 -19.13 -20.65 15.94
C PHE B 295 -18.19 -20.85 17.12
N GLU B 296 -18.65 -21.65 18.09
CA GLU B 296 -17.81 -22.21 19.17
C GLU B 296 -17.50 -23.65 18.80
N GLY B 297 -16.22 -24.00 18.80
CA GLY B 297 -15.66 -25.27 18.31
C GLY B 297 -15.99 -25.52 16.85
N ASP B 298 -16.06 -26.81 16.48
CA ASP B 298 -16.32 -27.32 15.12
C ASP B 298 -17.65 -26.74 14.64
N PHE B 299 -17.79 -26.59 13.31
CA PHE B 299 -18.95 -25.97 12.62
C PHE B 299 -18.97 -26.47 11.18
N GLU B 300 -20.09 -26.27 10.49
CA GLU B 300 -20.32 -26.65 9.09
C GLU B 300 -21.58 -25.91 8.65
N PHE B 301 -21.67 -25.49 7.40
CA PHE B 301 -22.94 -25.01 6.80
C PHE B 301 -22.80 -25.05 5.29
N ASP B 302 -23.90 -24.88 4.57
CA ASP B 302 -23.95 -25.10 3.11
C ASP B 302 -24.41 -23.80 2.47
N ILE B 303 -24.09 -23.65 1.20
CA ILE B 303 -24.61 -22.57 0.31
C ILE B 303 -25.32 -23.30 -0.82
N LEU B 304 -26.53 -22.89 -1.15
CA LEU B 304 -27.37 -23.58 -2.14
C LEU B 304 -27.85 -22.56 -3.15
N PHE B 305 -27.26 -22.58 -4.34
CA PHE B 305 -27.67 -21.76 -5.48
C PHE B 305 -28.59 -22.62 -6.35
N SER B 306 -29.84 -22.18 -6.48
CA SER B 306 -30.93 -22.82 -7.26
C SER B 306 -31.30 -21.87 -8.37
N SER B 307 -31.00 -22.24 -9.62
CA SER B 307 -31.45 -21.51 -10.83
C SER B 307 -32.95 -21.78 -10.96
N GLU B 308 -33.78 -20.74 -11.04
CA GLU B 308 -35.24 -20.98 -11.07
C GLU B 308 -35.56 -21.87 -12.28
N SER B 309 -35.03 -21.57 -13.45
CA SER B 309 -35.32 -22.26 -14.74
C SER B 309 -35.00 -23.78 -14.69
N ALA B 310 -34.25 -24.27 -13.71
CA ALA B 310 -34.03 -25.73 -13.50
C ALA B 310 -35.34 -26.39 -13.03
N GLY B 311 -36.37 -25.59 -12.72
CA GLY B 311 -37.65 -26.03 -12.12
C GLY B 311 -37.47 -26.59 -10.72
N LYS B 312 -36.47 -27.46 -10.53
CA LYS B 312 -36.09 -28.03 -9.21
C LYS B 312 -35.29 -26.97 -8.43
N GLU B 313 -35.36 -27.07 -7.11
CA GLU B 313 -34.60 -26.24 -6.17
C GLU B 313 -33.62 -27.20 -5.50
N VAL B 314 -32.47 -26.70 -5.07
CA VAL B 314 -31.32 -27.51 -4.62
C VAL B 314 -31.35 -27.60 -3.09
N THR B 315 -31.16 -28.81 -2.55
CA THR B 315 -31.25 -29.16 -1.11
C THR B 315 -29.89 -29.64 -0.61
N SER B 316 -29.71 -29.68 0.71
CA SER B 316 -28.53 -30.31 1.37
C SER B 316 -28.41 -31.81 1.02
N LYS B 317 -29.53 -32.51 0.78
CA LYS B 317 -29.52 -33.96 0.42
C LYS B 317 -28.96 -34.07 -1.00
N ASP B 318 -29.40 -33.20 -1.92
CA ASP B 318 -28.87 -33.08 -3.31
C ASP B 318 -27.35 -32.93 -3.29
N LEU B 319 -26.82 -32.08 -2.41
CA LEU B 319 -25.39 -31.70 -2.37
C LEU B 319 -24.57 -32.90 -1.86
N GLU B 320 -25.07 -33.60 -0.85
CA GLU B 320 -24.33 -34.76 -0.31
C GLU B 320 -24.27 -35.86 -1.35
N ARG B 321 -25.38 -36.12 -2.02
CA ARG B 321 -25.39 -37.20 -3.03
C ARG B 321 -24.48 -36.86 -4.20
N GLU B 322 -24.59 -35.65 -4.75
CA GLU B 322 -23.78 -35.24 -5.92
C GLU B 322 -22.30 -35.22 -5.59
N VAL B 323 -21.93 -34.84 -4.38
CA VAL B 323 -20.49 -34.82 -4.04
C VAL B 323 -19.95 -36.24 -4.16
N LYS B 324 -20.67 -37.22 -3.63
CA LYS B 324 -20.21 -38.64 -3.57
C LYS B 324 -20.18 -39.21 -5.00
N GLN B 325 -21.16 -38.86 -5.84
CA GLN B 325 -21.15 -39.20 -7.28
C GLN B 325 -19.89 -38.60 -7.91
N ALA B 326 -19.71 -37.27 -7.84
CA ALA B 326 -18.61 -36.54 -8.49
C ALA B 326 -17.25 -37.16 -8.11
N THR B 327 -17.03 -37.49 -6.84
CA THR B 327 -15.86 -38.27 -6.38
C THR B 327 -15.77 -39.61 -7.14
N GLU B 328 -16.86 -40.37 -7.24
CA GLU B 328 -16.85 -41.66 -7.95
C GLU B 328 -16.34 -41.38 -9.38
N VAL B 329 -17.01 -40.50 -10.11
CA VAL B 329 -16.74 -40.26 -11.56
C VAL B 329 -15.27 -39.85 -11.71
N PHE B 330 -14.70 -39.12 -10.74
CA PHE B 330 -13.34 -38.53 -10.84
C PHE B 330 -12.30 -39.66 -10.80
N GLY B 331 -12.36 -40.53 -9.78
CA GLY B 331 -11.56 -41.77 -9.68
C GLY B 331 -11.57 -42.56 -10.99
N GLU B 332 -12.76 -42.81 -11.56
CA GLU B 332 -12.89 -43.62 -12.80
C GLU B 332 -12.15 -42.84 -13.89
N ARG B 333 -12.39 -41.53 -14.02
CA ARG B 333 -11.84 -40.74 -15.15
C ARG B 333 -10.31 -40.68 -14.99
N PHE B 334 -9.81 -40.52 -13.75
CA PHE B 334 -8.34 -40.42 -13.46
C PHE B 334 -7.60 -41.70 -13.87
N ALA B 335 -8.20 -42.86 -13.60
CA ALA B 335 -7.63 -44.19 -13.93
C ALA B 335 -7.57 -44.38 -15.46
N ARG B 336 -8.61 -44.01 -16.21
CA ARG B 336 -8.59 -44.07 -17.71
C ARG B 336 -7.56 -43.07 -18.25
N VAL B 337 -7.63 -41.81 -17.83
CA VAL B 337 -6.89 -40.69 -18.52
C VAL B 337 -5.42 -40.69 -18.12
N PHE B 338 -5.11 -41.02 -16.87
CA PHE B 338 -3.72 -41.01 -16.37
C PHE B 338 -3.42 -42.35 -15.70
N ASP B 339 -3.31 -43.44 -16.51
CA ASP B 339 -2.78 -44.75 -16.03
C ASP B 339 -1.29 -44.51 -15.74
N LEU B 340 -0.93 -44.32 -14.46
CA LEU B 340 0.49 -44.14 -14.07
C LEU B 340 1.24 -45.46 -14.34
N LYS B 341 2.25 -45.40 -15.20
CA LYS B 341 3.02 -46.60 -15.62
C LYS B 341 4.21 -46.80 -14.64
N ALA B 342 4.86 -47.96 -14.72
CA ALA B 342 6.01 -48.34 -13.86
C ALA B 342 7.12 -47.31 -14.04
N PRO B 343 7.91 -46.96 -13.02
CA PRO B 343 7.77 -47.50 -11.66
C PRO B 343 6.81 -46.74 -10.73
N PHE B 344 5.77 -46.13 -11.30
CA PHE B 344 4.84 -45.30 -10.49
C PHE B 344 3.43 -45.86 -10.53
N GLN B 345 3.27 -47.17 -10.34
CA GLN B 345 1.92 -47.77 -10.34
C GLN B 345 1.37 -47.80 -8.92
N GLY B 346 2.17 -47.39 -7.95
CA GLY B 346 1.81 -47.37 -6.53
C GLY B 346 0.71 -46.39 -6.18
N ASP B 347 -0.01 -46.65 -5.09
CA ASP B 347 -1.12 -45.81 -4.58
C ASP B 347 -0.59 -44.45 -4.14
N ASN B 348 0.62 -44.42 -3.59
CA ASN B 348 1.25 -43.14 -3.17
C ASN B 348 1.43 -42.24 -4.40
N TYR B 349 1.83 -42.82 -5.53
CA TYR B 349 1.98 -42.04 -6.77
C TYR B 349 0.60 -41.65 -7.29
N LYS B 350 -0.41 -42.52 -7.14
CA LYS B 350 -1.79 -42.14 -7.58
C LYS B 350 -2.17 -40.88 -6.78
N LYS B 351 -1.99 -40.89 -5.45
CA LYS B 351 -2.44 -39.79 -4.55
C LYS B 351 -1.66 -38.51 -4.94
N PHE B 352 -0.41 -38.65 -5.38
CA PHE B 352 0.47 -37.53 -5.81
C PHE B 352 -0.08 -36.94 -7.11
N GLY B 353 -0.26 -37.77 -8.12
CA GLY B 353 -0.84 -37.37 -9.41
C GLY B 353 -2.17 -36.64 -9.27
N LYS B 354 -3.06 -37.14 -8.42
CA LYS B 354 -4.41 -36.56 -8.23
C LYS B 354 -4.27 -35.16 -7.64
N SER B 355 -3.35 -34.99 -6.70
CA SER B 355 -3.02 -33.69 -6.07
C SER B 355 -2.48 -32.70 -7.13
N MET B 356 -1.39 -33.08 -7.81
CA MET B 356 -0.72 -32.27 -8.84
C MET B 356 -1.73 -31.92 -9.94
N PHE B 357 -2.60 -32.85 -10.34
CA PHE B 357 -3.57 -32.63 -11.45
C PHE B 357 -4.75 -31.77 -10.97
N SER B 358 -5.28 -32.03 -9.78
CA SER B 358 -6.49 -31.33 -9.26
C SER B 358 -6.15 -29.86 -8.98
N ASN B 359 -4.97 -29.62 -8.42
CA ASN B 359 -4.50 -28.24 -8.19
C ASN B 359 -4.29 -27.53 -9.54
N LEU B 360 -3.94 -28.24 -10.61
CA LEU B 360 -3.74 -27.57 -11.91
C LEU B 360 -5.10 -27.09 -12.42
N ILE B 361 -6.01 -28.02 -12.70
CA ILE B 361 -7.31 -27.70 -13.39
C ILE B 361 -8.20 -26.88 -12.44
N GLY B 362 -8.05 -27.07 -11.13
CA GLY B 362 -8.77 -26.25 -10.14
C GLY B 362 -8.21 -24.83 -9.94
N GLY B 363 -7.07 -24.51 -10.57
CA GLY B 363 -6.54 -23.15 -10.63
C GLY B 363 -7.34 -22.30 -11.60
N ILE B 364 -8.27 -22.91 -12.34
CA ILE B 364 -8.87 -22.20 -13.49
C ILE B 364 -9.58 -20.96 -12.94
N GLY B 365 -9.36 -19.82 -13.59
CA GLY B 365 -10.04 -18.56 -13.25
C GLY B 365 -10.82 -18.04 -14.43
N TYR B 366 -11.87 -17.27 -14.14
CA TYR B 366 -12.51 -16.31 -15.06
C TYR B 366 -12.20 -14.87 -14.57
N PHE B 367 -11.62 -14.10 -15.47
CA PHE B 367 -11.01 -12.77 -15.25
C PHE B 367 -11.63 -11.83 -16.26
N TYR B 368 -12.06 -10.65 -15.77
CA TYR B 368 -12.79 -9.63 -16.56
C TYR B 368 -12.31 -8.24 -16.15
N GLY B 369 -12.13 -7.37 -17.14
CA GLY B 369 -11.75 -5.97 -16.93
C GLY B 369 -10.75 -5.48 -17.94
N HIS B 370 -10.26 -4.27 -17.69
CA HIS B 370 -9.39 -3.48 -18.59
C HIS B 370 -7.97 -3.99 -18.42
N SER B 371 -7.13 -3.80 -19.43
CA SER B 371 -5.69 -4.16 -19.43
C SER B 371 -4.86 -2.88 -19.68
N LEU B 372 -3.68 -2.75 -19.10
CA LEU B 372 -2.85 -1.55 -19.26
C LEU B 372 -1.85 -1.82 -20.38
N VAL B 373 -2.00 -1.11 -21.50
CA VAL B 373 -1.22 -1.34 -22.75
C VAL B 373 -0.60 -0.01 -23.20
N ASP B 374 0.60 -0.02 -23.75
CA ASP B 374 1.23 1.18 -24.37
C ASP B 374 0.98 1.10 -25.87
N ARG B 375 0.02 1.84 -26.37
CA ARG B 375 -0.32 1.76 -27.81
C ARG B 375 0.33 2.91 -28.58
N SER B 376 1.40 3.48 -28.05
CA SER B 376 2.12 4.57 -28.75
C SER B 376 2.78 4.08 -30.02
N TYR B 377 3.31 2.85 -30.00
CA TYR B 377 4.08 2.24 -31.12
C TYR B 377 5.26 3.15 -31.44
N ALA B 378 5.95 3.57 -30.39
CA ALA B 378 7.06 4.51 -30.45
C ALA B 378 8.20 3.95 -31.31
N PRO B 379 8.96 4.81 -32.01
CA PRO B 379 10.08 4.37 -32.83
C PRO B 379 11.17 3.63 -32.04
N GLU B 380 11.36 3.95 -30.76
CA GLU B 380 12.34 3.31 -29.86
C GLU B 380 12.05 1.80 -29.73
N TYR B 381 10.78 1.39 -29.74
CA TYR B 381 10.36 -0.02 -29.61
C TYR B 381 10.81 -0.87 -30.82
N ASP B 382 11.24 -0.22 -31.90
CA ASP B 382 11.79 -0.88 -33.11
C ASP B 382 13.15 -1.51 -32.76
N GLU B 383 13.82 -1.02 -31.72
CA GLU B 383 15.10 -1.54 -31.20
C GLU B 383 16.15 -1.60 -32.34
N GLU B 384 16.17 -0.59 -33.23
CA GLU B 384 16.99 -0.55 -34.48
C GLU B 384 18.47 -0.30 -34.16
N ASN B 385 18.81 0.45 -33.10
CA ASN B 385 20.23 0.84 -32.92
C ASN B 385 20.81 0.32 -31.61
N GLU B 386 22.14 0.34 -31.52
CA GLU B 386 22.89 -0.04 -30.31
C GLU B 386 22.36 0.80 -29.15
N GLY B 387 22.45 0.22 -27.95
CA GLY B 387 21.93 0.81 -26.70
C GLY B 387 20.42 0.94 -26.69
N PHE B 388 19.68 0.23 -27.56
CA PHE B 388 18.21 0.37 -27.76
C PHE B 388 17.43 0.28 -26.43
N TRP B 389 17.99 -0.32 -25.37
CA TRP B 389 17.26 -0.47 -24.07
C TRP B 389 17.14 0.89 -23.37
N GLU B 390 18.13 1.78 -23.52
CA GLU B 390 18.04 3.17 -23.00
C GLU B 390 16.94 3.92 -23.77
N ASP B 391 16.81 3.71 -25.08
CA ASP B 391 15.78 4.37 -25.91
C ASP B 391 14.40 3.90 -25.45
N ALA B 392 14.28 2.62 -25.05
CA ALA B 392 13.03 2.00 -24.56
C ALA B 392 12.58 2.69 -23.26
N ALA B 393 13.50 2.82 -22.30
CA ALA B 393 13.29 3.51 -20.99
C ALA B 393 12.73 4.92 -21.23
N GLU B 394 13.33 5.67 -22.17
CA GLU B 394 12.90 7.05 -22.52
C GLU B 394 11.45 7.02 -23.02
N ALA B 395 11.13 6.17 -23.99
CA ALA B 395 9.76 6.02 -24.52
C ALA B 395 8.79 5.71 -23.37
N ARG B 396 9.22 4.89 -22.41
CA ARG B 396 8.34 4.42 -21.32
C ARG B 396 8.04 5.62 -20.40
N ALA B 397 9.03 6.50 -20.22
CA ALA B 397 8.94 7.64 -19.29
C ALA B 397 7.99 8.68 -19.88
N ARG B 398 7.52 8.48 -21.10
CA ARG B 398 6.49 9.30 -21.76
C ARG B 398 5.09 8.81 -21.37
N HIS B 399 5.04 7.71 -20.61
CA HIS B 399 3.83 7.15 -19.98
C HIS B 399 2.61 7.30 -20.87
N GLN B 400 2.63 6.79 -22.11
CA GLN B 400 1.45 6.83 -23.03
C GLN B 400 0.50 5.66 -22.76
N GLU B 401 0.86 4.72 -21.88
CA GLU B 401 0.00 3.53 -21.58
C GLU B 401 -1.37 4.00 -21.09
N ALA B 402 -2.43 3.31 -21.48
CA ALA B 402 -3.82 3.59 -21.08
C ALA B 402 -4.55 2.26 -20.89
N LEU B 403 -5.60 2.26 -20.06
CA LEU B 403 -6.49 1.08 -19.87
C LEU B 403 -7.33 0.91 -21.12
N GLU B 404 -7.45 -0.34 -21.57
CA GLU B 404 -8.27 -0.70 -22.75
C GLU B 404 -9.02 -2.01 -22.47
N GLY B 405 -10.11 -2.23 -23.19
CA GLY B 405 -11.07 -3.32 -22.95
C GLY B 405 -12.49 -2.79 -22.76
N PRO B 406 -13.34 -3.48 -21.97
CA PRO B 406 -12.89 -4.58 -21.12
C PRO B 406 -12.62 -5.83 -21.97
N TYR B 407 -11.77 -6.74 -21.45
CA TYR B 407 -11.52 -8.10 -21.99
C TYR B 407 -11.91 -9.14 -20.92
N GLU B 408 -12.18 -10.37 -21.33
CA GLU B 408 -12.33 -11.52 -20.39
C GLU B 408 -11.21 -12.53 -20.68
N LEU B 409 -10.87 -13.36 -19.69
CA LEU B 409 -10.03 -14.54 -19.94
C LEU B 409 -10.48 -15.67 -19.03
N PHE B 410 -10.72 -16.82 -19.65
CA PHE B 410 -10.92 -18.13 -18.99
C PHE B 410 -9.64 -18.95 -19.22
N THR B 411 -8.83 -19.09 -18.17
CA THR B 411 -7.50 -19.72 -18.27
C THR B 411 -7.15 -20.36 -16.93
N SER B 412 -6.28 -21.37 -16.95
CA SER B 412 -5.49 -21.80 -15.77
C SER B 412 -4.43 -20.72 -15.49
N ILE B 413 -3.71 -20.92 -14.40
CA ILE B 413 -2.81 -19.94 -13.73
C ILE B 413 -1.61 -20.72 -13.19
N PRO B 414 -0.47 -20.03 -12.96
CA PRO B 414 0.69 -20.65 -12.32
C PRO B 414 0.62 -20.91 -10.81
N SER B 415 -0.04 -20.03 -10.06
CA SER B 415 0.05 -19.99 -8.58
C SER B 415 -1.07 -19.11 -7.99
N ARG B 416 -1.99 -19.72 -7.25
CA ARG B 416 -3.12 -19.05 -6.54
C ARG B 416 -2.58 -17.87 -5.71
N PRO B 417 -1.61 -18.07 -4.82
CA PRO B 417 -1.12 -16.98 -4.00
C PRO B 417 -0.20 -15.94 -4.67
N PHE B 418 0.53 -16.31 -5.71
CA PHE B 418 1.62 -15.45 -6.25
C PHE B 418 1.27 -14.92 -7.64
N PHE B 419 0.66 -15.73 -8.50
CA PHE B 419 0.50 -15.41 -9.93
C PHE B 419 -0.90 -15.80 -10.39
N PRO B 420 -1.96 -15.30 -9.72
CA PRO B 420 -3.33 -15.68 -10.07
C PRO B 420 -3.84 -14.95 -11.31
N ARG B 421 -3.15 -15.16 -12.44
CA ARG B 421 -3.54 -14.51 -13.72
C ARG B 421 -2.96 -15.29 -14.90
N GLY B 422 -3.37 -14.91 -16.11
CA GLY B 422 -2.92 -15.55 -17.35
C GLY B 422 -1.50 -15.18 -17.71
N PHE B 423 -0.65 -16.20 -17.94
CA PHE B 423 0.69 -16.07 -18.55
C PHE B 423 0.77 -16.92 -19.82
N LEU B 424 1.24 -16.35 -20.92
CA LEU B 424 0.89 -16.85 -22.27
C LEU B 424 1.64 -18.17 -22.56
N TRP B 425 2.94 -18.26 -22.25
CA TRP B 425 3.70 -19.51 -22.57
C TRP B 425 3.40 -20.58 -21.51
N ASP B 426 3.14 -20.17 -20.29
CA ASP B 426 2.77 -21.08 -19.19
C ASP B 426 1.49 -21.87 -19.52
N GLU B 427 0.51 -21.23 -20.16
CA GLU B 427 -0.80 -21.89 -20.39
C GLU B 427 -0.58 -23.04 -21.37
N GLY B 428 0.32 -22.89 -22.35
CA GLY B 428 0.68 -23.98 -23.27
C GLY B 428 1.01 -25.25 -22.51
N PHE B 429 1.84 -25.14 -21.48
CA PHE B 429 2.20 -26.30 -20.62
C PHE B 429 0.96 -26.70 -19.81
N HIS B 430 0.27 -25.75 -19.19
CA HIS B 430 -0.90 -26.04 -18.32
C HIS B 430 -1.91 -26.92 -19.06
N LEU B 431 -2.08 -26.69 -20.37
CA LEU B 431 -3.21 -27.30 -21.11
C LEU B 431 -2.83 -28.70 -21.58
N LEU B 432 -1.59 -29.15 -21.43
CA LEU B 432 -1.24 -30.51 -21.95
C LEU B 432 -1.93 -31.56 -21.09
N PRO B 433 -1.82 -31.55 -19.73
CA PRO B 433 -2.58 -32.45 -18.88
C PRO B 433 -4.09 -32.18 -18.95
N ILE B 434 -4.44 -30.91 -19.08
CA ILE B 434 -5.88 -30.52 -19.10
C ILE B 434 -6.54 -31.02 -20.40
N ALA B 435 -5.88 -30.91 -21.56
CA ALA B 435 -6.36 -31.52 -22.83
C ALA B 435 -6.61 -33.03 -22.69
N ASP B 436 -5.76 -33.79 -21.99
CA ASP B 436 -5.92 -35.26 -21.82
C ASP B 436 -7.20 -35.56 -21.04
N TRP B 437 -7.47 -34.81 -19.97
CA TRP B 437 -8.73 -34.88 -19.17
C TRP B 437 -9.96 -34.43 -19.96
N ASP B 438 -9.88 -33.31 -20.66
CA ASP B 438 -11.05 -32.61 -21.27
C ASP B 438 -10.59 -31.71 -22.44
N ILE B 439 -10.40 -32.28 -23.63
CA ILE B 439 -9.94 -31.53 -24.84
C ILE B 439 -10.88 -30.34 -25.06
N ASP B 440 -12.18 -30.50 -24.82
CA ASP B 440 -13.16 -29.42 -25.13
C ASP B 440 -12.94 -28.23 -24.18
N LEU B 441 -12.60 -28.49 -22.92
CA LEU B 441 -12.16 -27.43 -21.96
C LEU B 441 -10.88 -26.72 -22.46
N ALA B 442 -9.83 -27.46 -22.79
CA ALA B 442 -8.57 -26.93 -23.35
C ALA B 442 -8.85 -26.09 -24.61
N LEU B 443 -9.73 -26.55 -25.50
CA LEU B 443 -10.03 -25.76 -26.73
C LEU B 443 -10.73 -24.44 -26.34
N GLU B 444 -11.53 -24.45 -25.26
CA GLU B 444 -12.33 -23.28 -24.80
C GLU B 444 -11.33 -22.20 -24.34
N ILE B 445 -10.30 -22.62 -23.61
CA ILE B 445 -9.24 -21.77 -23.02
C ILE B 445 -8.31 -21.24 -24.11
N ILE B 446 -7.96 -22.10 -25.05
CA ILE B 446 -7.26 -21.63 -26.29
C ILE B 446 -8.15 -20.59 -26.96
N LYS B 447 -9.44 -20.85 -27.13
CA LYS B 447 -10.33 -19.86 -27.82
C LYS B 447 -10.31 -18.53 -27.03
N SER B 448 -10.37 -18.60 -25.69
CA SER B 448 -10.41 -17.42 -24.80
C SER B 448 -9.15 -16.57 -25.04
N TRP B 449 -7.95 -17.19 -25.00
CA TRP B 449 -6.65 -16.49 -25.19
C TRP B 449 -6.58 -15.82 -26.57
N TYR B 450 -7.00 -16.50 -27.63
CA TYR B 450 -6.82 -16.02 -29.05
C TYR B 450 -7.87 -14.93 -29.31
N ASN B 451 -8.88 -14.89 -28.44
CA ASN B 451 -9.90 -13.82 -28.45
C ASN B 451 -9.28 -12.50 -27.94
N LEU B 452 -8.07 -12.52 -27.36
CA LEU B 452 -7.37 -11.32 -26.87
C LEU B 452 -6.37 -10.84 -27.93
N MET B 453 -6.17 -11.60 -29.00
CA MET B 453 -5.26 -11.17 -30.08
C MET B 453 -5.81 -9.89 -30.74
N ASP B 454 -4.94 -8.88 -30.91
CA ASP B 454 -5.29 -7.59 -31.58
C ASP B 454 -5.23 -7.78 -33.11
N GLU B 455 -5.49 -6.71 -33.88
CA GLU B 455 -5.62 -6.72 -35.36
C GLU B 455 -4.27 -7.13 -36.00
N ASP B 456 -3.14 -6.92 -35.31
CA ASP B 456 -1.76 -7.17 -35.82
C ASP B 456 -1.33 -8.62 -35.56
N GLY B 457 -1.97 -9.31 -34.61
CA GLY B 457 -1.55 -10.64 -34.14
C GLY B 457 -0.79 -10.64 -32.83
N TRP B 458 -0.95 -9.64 -31.96
CA TRP B 458 -0.30 -9.63 -30.63
C TRP B 458 -1.28 -10.07 -29.55
N ILE B 459 -0.79 -10.90 -28.64
CA ILE B 459 -1.41 -11.23 -27.34
C ILE B 459 -0.39 -10.84 -26.27
N ALA B 460 -0.81 -9.99 -25.33
CA ALA B 460 -0.01 -9.64 -24.14
C ALA B 460 0.41 -10.93 -23.47
N ARG B 461 1.67 -11.02 -23.06
CA ARG B 461 2.22 -12.21 -22.38
C ARG B 461 1.61 -12.36 -21.00
N GLU B 462 1.09 -11.28 -20.42
CA GLU B 462 0.64 -11.25 -19.00
C GLU B 462 -0.69 -10.50 -18.95
N GLN B 463 -1.74 -11.26 -18.64
CA GLN B 463 -3.15 -10.78 -18.68
C GLN B 463 -3.58 -10.46 -17.25
N ILE B 464 -3.57 -9.16 -16.97
CA ILE B 464 -4.04 -8.50 -15.72
C ILE B 464 -5.32 -7.77 -16.09
N LEU B 465 -6.47 -8.44 -15.98
CA LEU B 465 -7.78 -7.87 -16.36
C LEU B 465 -8.53 -7.44 -15.11
N GLY B 466 -8.71 -6.13 -14.94
CA GLY B 466 -9.52 -5.53 -13.88
C GLY B 466 -8.71 -5.23 -12.62
N ALA B 467 -9.24 -4.33 -11.79
CA ALA B 467 -8.58 -3.79 -10.59
C ALA B 467 -8.22 -4.93 -9.64
N GLU B 468 -9.12 -5.90 -9.49
CA GLU B 468 -8.85 -7.04 -8.59
C GLU B 468 -7.51 -7.71 -8.94
N ALA B 469 -7.33 -8.12 -10.19
CA ALA B 469 -6.07 -8.70 -10.68
C ALA B 469 -4.91 -7.68 -10.51
N ARG B 470 -5.16 -6.42 -10.84
CA ARG B 470 -4.14 -5.32 -10.83
C ARG B 470 -3.63 -5.07 -9.39
N SER B 471 -4.44 -5.30 -8.38
CA SER B 471 -4.08 -4.93 -6.99
C SER B 471 -2.85 -5.72 -6.53
N LYS B 472 -2.56 -6.86 -7.16
CA LYS B 472 -1.61 -7.87 -6.61
C LYS B 472 -0.31 -7.72 -7.40
N VAL B 473 -0.24 -6.74 -8.31
CA VAL B 473 0.87 -6.56 -9.29
C VAL B 473 1.46 -5.17 -9.10
N PRO B 474 2.74 -5.05 -8.69
CA PRO B 474 3.42 -3.74 -8.66
C PRO B 474 3.31 -2.96 -9.99
N LYS B 475 3.14 -1.65 -9.94
CA LYS B 475 2.87 -0.83 -11.15
C LYS B 475 3.91 -1.07 -12.22
N GLU B 476 5.17 -1.32 -11.85
CA GLU B 476 6.29 -1.54 -12.81
C GLU B 476 5.87 -2.64 -13.81
N PHE B 477 5.09 -3.66 -13.39
CA PHE B 477 4.91 -4.88 -14.23
C PHE B 477 3.56 -4.90 -14.93
N GLN B 478 2.79 -3.82 -14.88
CA GLN B 478 1.37 -3.88 -15.30
C GLN B 478 1.24 -3.62 -16.80
N THR B 479 1.96 -2.61 -17.27
CA THR B 479 1.93 -2.13 -18.68
C THR B 479 2.46 -3.25 -19.56
N GLN B 480 1.71 -3.54 -20.61
CA GLN B 480 2.04 -4.55 -21.63
C GLN B 480 2.48 -3.80 -22.91
N TYR B 481 3.40 -4.39 -23.69
CA TYR B 481 3.97 -3.75 -24.89
C TYR B 481 3.64 -4.60 -26.11
N PRO B 482 2.97 -3.99 -27.11
CA PRO B 482 2.55 -4.67 -28.35
C PRO B 482 3.66 -5.27 -29.22
N HIS B 483 4.90 -5.09 -28.80
CA HIS B 483 6.10 -5.64 -29.45
C HIS B 483 6.79 -6.69 -28.55
N TYR B 484 6.23 -7.00 -27.37
CA TYR B 484 6.78 -8.03 -26.43
C TYR B 484 6.08 -9.37 -26.68
N ALA B 485 6.81 -10.34 -27.23
CA ALA B 485 6.25 -11.69 -27.53
C ALA B 485 6.40 -12.60 -26.31
N ASN B 486 5.94 -13.85 -26.46
CA ASN B 486 6.16 -14.96 -25.51
C ASN B 486 6.22 -16.25 -26.32
N PRO B 487 6.91 -17.32 -25.84
CA PRO B 487 6.87 -18.62 -26.51
C PRO B 487 5.47 -19.14 -26.85
N PRO B 488 5.22 -19.46 -28.13
CA PRO B 488 3.89 -19.86 -28.58
C PRO B 488 3.59 -21.34 -28.26
N THR B 489 3.63 -21.68 -26.97
CA THR B 489 3.44 -23.05 -26.47
C THR B 489 1.99 -23.55 -26.61
N LEU B 490 1.01 -22.67 -26.84
CA LEU B 490 -0.39 -23.12 -27.07
C LEU B 490 -0.45 -24.00 -28.32
N PHE B 491 0.54 -23.87 -29.21
CA PHE B 491 0.62 -24.61 -30.49
C PHE B 491 0.95 -26.07 -30.17
N LEU B 492 1.76 -26.33 -29.13
CA LEU B 492 2.01 -27.71 -28.62
C LEU B 492 0.64 -28.38 -28.37
N VAL B 493 -0.27 -27.69 -27.70
CA VAL B 493 -1.59 -28.26 -27.34
C VAL B 493 -2.37 -28.49 -28.65
N LEU B 494 -2.30 -27.56 -29.59
CA LEU B 494 -3.08 -27.70 -30.84
C LEU B 494 -2.54 -28.92 -31.61
N ASP B 495 -1.23 -29.20 -31.51
CA ASP B 495 -0.53 -30.38 -32.09
C ASP B 495 -1.11 -31.71 -31.53
N ASN B 496 -1.27 -31.83 -30.22
CA ASN B 496 -1.86 -33.01 -29.53
C ASN B 496 -3.32 -33.15 -29.98
N PHE B 497 -4.01 -32.05 -30.24
CA PHE B 497 -5.42 -32.08 -30.67
C PHE B 497 -5.47 -32.57 -32.12
N VAL B 498 -4.56 -32.10 -32.98
CA VAL B 498 -4.51 -32.45 -34.44
C VAL B 498 -4.07 -33.92 -34.63
N GLU B 499 -3.24 -34.45 -33.75
CA GLU B 499 -2.87 -35.88 -33.88
C GLU B 499 -4.13 -36.69 -33.59
N ARG B 500 -4.86 -36.29 -32.54
CA ARG B 500 -6.10 -36.96 -32.08
C ARG B 500 -7.19 -36.89 -33.14
N LEU B 501 -7.33 -35.76 -33.82
CA LEU B 501 -8.36 -35.67 -34.87
C LEU B 501 -7.98 -36.64 -36.00
N ARG B 502 -6.71 -36.63 -36.36
CA ARG B 502 -6.19 -37.50 -37.45
C ARG B 502 -6.37 -38.97 -37.07
N LYS B 503 -6.18 -39.32 -35.80
CA LYS B 503 -6.34 -40.74 -35.38
C LYS B 503 -7.79 -41.19 -35.57
N ASN B 504 -8.74 -40.27 -35.52
CA ASN B 504 -10.16 -40.63 -35.72
C ASN B 504 -10.45 -40.77 -37.22
N ASN B 505 -9.68 -40.03 -38.04
CA ASN B 505 -9.68 -39.92 -39.53
C ASN B 505 -10.83 -39.07 -40.06
N ALA B 506 -10.62 -38.46 -41.22
CA ALA B 506 -11.62 -37.58 -41.88
C ALA B 506 -11.17 -37.28 -43.31
N THR B 520 -21.29 -37.05 -23.95
CA THR B 520 -20.26 -36.61 -22.95
C THR B 520 -19.42 -35.48 -23.61
N LEU B 521 -19.46 -34.29 -23.02
CA LEU B 521 -19.05 -33.00 -23.62
C LEU B 521 -17.52 -32.86 -23.63
N SER B 522 -16.84 -33.56 -22.72
CA SER B 522 -15.36 -33.68 -22.68
C SER B 522 -14.72 -33.78 -24.09
N THR B 523 -15.26 -34.58 -25.00
CA THR B 523 -14.52 -35.03 -26.20
C THR B 523 -15.34 -34.77 -27.47
N ALA B 524 -16.46 -34.05 -27.37
CA ALA B 524 -17.29 -33.64 -28.53
C ALA B 524 -16.40 -33.25 -29.73
N SER B 525 -15.31 -32.56 -29.49
CA SER B 525 -14.54 -31.86 -30.56
C SER B 525 -13.67 -32.88 -31.33
N VAL B 526 -13.34 -34.04 -30.73
CA VAL B 526 -12.64 -35.14 -31.46
C VAL B 526 -13.63 -36.25 -31.84
N ASP B 527 -14.59 -36.55 -30.96
CA ASP B 527 -15.65 -37.57 -31.19
C ASP B 527 -16.52 -37.22 -32.40
N ASN B 528 -16.67 -35.94 -32.76
CA ASN B 528 -17.27 -35.55 -34.08
C ASN B 528 -16.26 -34.71 -34.86
N PRO B 529 -15.50 -35.33 -35.79
CA PRO B 529 -14.41 -34.64 -36.50
C PRO B 529 -14.83 -33.36 -37.27
N GLU B 530 -16.02 -33.30 -37.85
CA GLU B 530 -16.48 -32.09 -38.59
C GLU B 530 -16.52 -30.89 -37.63
N VAL B 531 -16.68 -31.15 -36.32
CA VAL B 531 -16.77 -30.12 -35.24
C VAL B 531 -15.36 -29.57 -34.94
N GLY B 532 -14.42 -30.45 -34.53
CA GLY B 532 -12.99 -30.10 -34.38
C GLY B 532 -12.48 -29.36 -35.61
N LEU B 533 -12.75 -29.92 -36.79
CA LEU B 533 -12.25 -29.36 -38.07
C LEU B 533 -12.74 -27.91 -38.18
N GLU B 534 -14.03 -27.68 -37.91
CA GLU B 534 -14.67 -26.35 -37.99
C GLU B 534 -14.00 -25.41 -36.96
N TYR B 535 -13.65 -25.92 -35.77
CA TYR B 535 -12.95 -25.15 -34.72
C TYR B 535 -11.63 -24.65 -35.30
N LEU B 536 -10.87 -25.53 -35.95
CA LEU B 536 -9.54 -25.17 -36.54
C LEU B 536 -9.76 -24.16 -37.66
N ARG B 537 -10.76 -24.39 -38.53
CA ARG B 537 -11.02 -23.49 -39.68
C ARG B 537 -11.16 -22.06 -39.12
N ARG B 538 -11.85 -21.91 -37.98
CA ARG B 538 -12.14 -20.58 -37.37
C ARG B 538 -10.89 -20.05 -36.66
N LEU B 539 -10.07 -20.90 -36.02
CA LEU B 539 -8.85 -20.48 -35.30
C LEU B 539 -7.65 -20.22 -36.24
N TYR B 540 -7.57 -20.95 -37.37
CA TYR B 540 -6.41 -20.94 -38.31
C TYR B 540 -6.02 -19.51 -38.69
N PRO B 541 -6.95 -18.64 -39.16
CA PRO B 541 -6.60 -17.27 -39.53
C PRO B 541 -5.83 -16.58 -38.41
N LEU B 542 -6.20 -16.82 -37.13
CA LEU B 542 -5.54 -16.16 -35.96
C LEU B 542 -4.13 -16.76 -35.75
N LEU B 543 -3.98 -18.08 -35.83
CA LEU B 543 -2.65 -18.75 -35.85
C LEU B 543 -1.76 -18.14 -36.97
N ARG B 544 -2.26 -17.98 -38.21
CA ARG B 544 -1.46 -17.42 -39.33
C ARG B 544 -1.10 -15.97 -38.98
N ARG B 545 -2.07 -15.20 -38.47
CA ARG B 545 -1.86 -13.77 -38.12
C ARG B 545 -0.72 -13.64 -37.11
N GLN B 546 -0.67 -14.53 -36.12
CA GLN B 546 0.38 -14.54 -35.04
C GLN B 546 1.78 -14.87 -35.62
N PHE B 547 1.89 -15.97 -36.36
CA PHE B 547 3.10 -16.37 -37.13
C PHE B 547 3.61 -15.16 -37.93
N ASP B 548 2.72 -14.52 -38.70
CA ASP B 548 3.10 -13.32 -39.49
C ASP B 548 3.61 -12.23 -38.54
N TRP B 549 2.96 -12.04 -37.39
CA TRP B 549 3.31 -11.02 -36.37
C TRP B 549 4.72 -11.32 -35.81
N PHE B 550 5.04 -12.58 -35.53
CA PHE B 550 6.36 -13.00 -35.00
C PHE B 550 7.42 -12.59 -36.03
N ARG B 551 7.14 -12.80 -37.31
CA ARG B 551 8.13 -12.66 -38.43
C ARG B 551 8.29 -11.17 -38.77
N LYS B 552 7.26 -10.36 -38.57
CA LYS B 552 7.36 -8.89 -38.72
C LYS B 552 8.06 -8.29 -37.49
N THR B 553 7.65 -8.63 -36.27
CA THR B 553 8.04 -7.86 -35.04
C THR B 553 9.31 -8.43 -34.38
N GLN B 554 9.64 -9.71 -34.59
CA GLN B 554 10.79 -10.35 -33.88
C GLN B 554 11.86 -10.76 -34.90
N ALA B 555 11.77 -10.18 -36.11
CA ALA B 555 12.70 -10.38 -37.25
C ALA B 555 14.13 -10.12 -36.78
N GLY B 556 15.10 -10.92 -37.20
CA GLY B 556 16.53 -10.67 -36.98
C GLY B 556 17.13 -10.02 -38.20
N ASP B 557 18.35 -9.51 -38.09
CA ASP B 557 19.00 -8.82 -39.22
C ASP B 557 20.09 -9.74 -39.82
N ILE B 558 19.85 -10.34 -40.99
CA ILE B 558 20.88 -11.09 -41.80
C ILE B 558 21.51 -10.13 -42.84
N LYS B 559 20.69 -9.30 -43.51
CA LYS B 559 21.03 -8.56 -44.76
C LYS B 559 22.13 -7.51 -44.51
N SER B 560 22.11 -6.82 -43.37
CA SER B 560 22.92 -5.58 -43.18
C SER B 560 24.18 -5.86 -42.36
N TYR B 561 24.66 -7.10 -42.33
CA TYR B 561 25.93 -7.46 -41.66
C TYR B 561 26.62 -8.53 -42.50
N ASP B 562 27.85 -8.88 -42.14
CA ASP B 562 28.68 -9.90 -42.85
C ASP B 562 28.15 -11.29 -42.48
N ARG B 563 26.93 -11.62 -42.93
CA ARG B 563 26.19 -12.87 -42.54
C ARG B 563 25.83 -13.66 -43.78
N GLU B 564 26.37 -14.87 -43.85
CA GLU B 564 26.19 -15.84 -44.94
C GLU B 564 25.25 -16.92 -44.39
N ALA B 565 24.11 -17.11 -45.07
CA ALA B 565 23.07 -18.09 -44.69
C ALA B 565 22.31 -18.54 -45.93
N TYR B 566 21.85 -19.78 -45.90
CA TYR B 566 20.95 -20.40 -46.90
C TYR B 566 19.75 -19.47 -47.23
N SER B 567 19.16 -18.85 -46.21
CA SER B 567 18.00 -17.94 -46.38
C SER B 567 18.39 -16.57 -45.84
N THR B 568 17.92 -15.51 -46.51
CA THR B 568 18.11 -14.10 -46.09
C THR B 568 16.88 -13.64 -45.31
N LYS B 569 15.87 -14.52 -45.17
CA LYS B 569 14.56 -14.29 -44.48
C LYS B 569 14.60 -14.76 -43.02
N GLU B 570 15.04 -16.00 -42.76
CA GLU B 570 14.77 -16.74 -41.50
C GLU B 570 15.88 -16.49 -40.45
N ALA B 571 15.60 -15.58 -39.52
CA ALA B 571 16.51 -15.06 -38.47
C ALA B 571 15.66 -14.31 -37.42
N TYR B 572 15.92 -14.49 -36.12
CA TYR B 572 14.94 -14.04 -35.09
C TYR B 572 15.65 -13.52 -33.84
N ARG B 573 15.06 -12.44 -33.32
CA ARG B 573 15.58 -11.72 -32.12
C ARG B 573 14.41 -11.29 -31.25
N TRP B 574 14.37 -11.76 -30.00
CA TRP B 574 13.40 -11.29 -28.98
C TRP B 574 13.55 -9.78 -28.80
N ARG B 575 12.45 -9.05 -28.93
CA ARG B 575 12.45 -7.60 -28.55
C ARG B 575 12.17 -7.53 -27.05
N GLY B 576 12.46 -6.39 -26.40
CA GLY B 576 12.18 -6.25 -24.95
C GLY B 576 13.31 -6.66 -24.04
N ARG B 577 14.48 -6.88 -24.61
CA ARG B 577 15.72 -7.32 -23.91
C ARG B 577 16.33 -6.19 -23.07
N THR B 578 16.98 -6.50 -21.93
CA THR B 578 17.69 -5.50 -21.08
C THR B 578 19.13 -5.96 -20.82
N VAL B 579 19.88 -5.31 -19.93
CA VAL B 579 21.33 -5.66 -19.84
C VAL B 579 21.43 -7.08 -19.24
N SER B 580 20.57 -7.44 -18.30
CA SER B 580 20.73 -8.68 -17.49
C SER B 580 19.54 -9.66 -17.66
N HIS B 581 18.63 -9.40 -18.59
CA HIS B 581 17.32 -10.09 -18.69
C HIS B 581 16.80 -10.15 -20.12
N CYS B 582 15.93 -11.13 -20.38
CA CYS B 582 15.11 -11.30 -21.62
C CYS B 582 13.75 -11.88 -21.23
N LEU B 583 12.92 -11.07 -20.58
CA LEU B 583 11.67 -11.48 -19.89
C LEU B 583 10.79 -12.17 -20.94
N THR B 584 10.88 -11.73 -22.19
CA THR B 584 9.90 -12.17 -23.23
C THR B 584 10.15 -13.62 -23.62
N SER B 585 11.41 -14.09 -23.53
CA SER B 585 11.79 -15.48 -23.89
C SER B 585 11.22 -16.49 -22.89
N GLY B 586 10.84 -16.02 -21.69
CA GLY B 586 10.36 -16.83 -20.54
C GLY B 586 11.51 -17.32 -19.68
N LEU B 587 12.74 -17.32 -20.20
CA LEU B 587 13.93 -17.69 -19.40
C LEU B 587 14.64 -16.38 -18.98
N ASP B 588 14.10 -15.68 -17.98
CA ASP B 588 14.27 -14.19 -17.88
C ASP B 588 15.75 -13.84 -17.65
N ASP B 589 16.49 -14.57 -16.80
CA ASP B 589 17.91 -14.22 -16.53
C ASP B 589 18.88 -15.20 -17.19
N TYR B 590 18.43 -16.06 -18.09
CA TYR B 590 19.37 -16.96 -18.80
C TYR B 590 20.38 -16.08 -19.53
N PRO B 591 21.69 -16.42 -19.53
CA PRO B 591 22.70 -15.59 -20.18
C PRO B 591 22.54 -15.46 -21.70
N ARG B 592 22.51 -14.20 -22.17
CA ARG B 592 22.43 -13.83 -23.60
C ARG B 592 23.70 -13.08 -23.99
N PRO B 593 23.91 -12.75 -25.28
CA PRO B 593 25.07 -11.95 -25.66
C PRO B 593 25.15 -10.66 -24.80
N GLN B 594 26.35 -10.34 -24.26
CA GLN B 594 26.63 -9.04 -23.61
C GLN B 594 27.52 -8.24 -24.57
N PRO B 595 27.14 -7.00 -24.95
CA PRO B 595 25.87 -6.40 -24.55
C PRO B 595 24.69 -6.80 -25.43
N PRO B 596 23.44 -6.51 -25.02
CA PRO B 596 22.30 -6.59 -25.90
C PRO B 596 22.71 -5.81 -27.15
N HIS B 597 22.15 -6.12 -28.31
CA HIS B 597 22.60 -5.59 -29.62
C HIS B 597 21.51 -5.90 -30.63
N PRO B 598 21.17 -4.97 -31.54
CA PRO B 598 20.12 -5.18 -32.53
C PRO B 598 20.42 -6.20 -33.64
N GLY B 599 21.66 -6.71 -33.65
CA GLY B 599 22.09 -7.80 -34.55
C GLY B 599 22.18 -9.11 -33.79
N GLU B 600 21.67 -9.15 -32.56
CA GLU B 600 21.52 -10.42 -31.82
C GLU B 600 20.69 -11.35 -32.67
N LEU B 601 20.89 -12.66 -32.49
CA LEU B 601 20.00 -13.73 -32.99
C LEU B 601 19.80 -14.77 -31.89
N HIS B 602 18.53 -15.12 -31.62
CA HIS B 602 18.14 -16.01 -30.50
C HIS B 602 17.65 -17.35 -31.04
N VAL B 603 18.36 -18.44 -30.74
CA VAL B 603 18.08 -19.78 -31.33
C VAL B 603 16.77 -20.35 -30.74
N ASP B 604 16.44 -20.09 -29.47
CA ASP B 604 15.15 -20.55 -28.89
C ASP B 604 13.98 -19.95 -29.67
N LEU B 605 13.99 -18.65 -29.98
CA LEU B 605 12.90 -18.00 -30.75
C LEU B 605 12.84 -18.63 -32.15
N MET B 606 13.97 -18.88 -32.78
CA MET B 606 13.92 -19.41 -34.17
C MET B 606 13.27 -20.78 -34.07
N SER B 607 13.60 -21.54 -33.03
CA SER B 607 13.04 -22.88 -32.75
C SER B 607 11.52 -22.78 -32.54
N TRP B 608 11.01 -21.76 -31.82
CA TRP B 608 9.56 -21.57 -31.60
C TRP B 608 8.87 -21.31 -32.95
N VAL B 609 9.53 -20.63 -33.86
CA VAL B 609 8.91 -20.37 -35.18
C VAL B 609 8.88 -21.70 -35.94
N GLY B 610 9.88 -22.54 -35.76
CA GLY B 610 9.86 -23.92 -36.30
C GLY B 610 8.61 -24.67 -35.87
N VAL B 611 8.30 -24.64 -34.56
CA VAL B 611 7.07 -25.22 -33.97
C VAL B 611 5.83 -24.69 -34.68
N MET B 612 5.68 -23.37 -34.75
CA MET B 612 4.49 -22.70 -35.33
C MET B 612 4.31 -23.18 -36.77
N VAL B 613 5.37 -23.13 -37.58
CA VAL B 613 5.27 -23.49 -39.03
C VAL B 613 4.94 -24.99 -39.17
N LYS B 614 5.56 -25.86 -38.39
CA LYS B 614 5.24 -27.32 -38.38
C LYS B 614 3.74 -27.46 -38.09
N SER B 615 3.23 -26.76 -37.05
CA SER B 615 1.82 -26.80 -36.61
C SER B 615 0.96 -26.26 -37.76
N LEU B 616 1.43 -25.19 -38.41
CA LEU B 616 0.64 -24.58 -39.51
C LEU B 616 0.56 -25.54 -40.71
N ILE B 617 1.54 -26.41 -40.90
CA ILE B 617 1.52 -27.40 -42.03
C ILE B 617 0.43 -28.44 -41.73
N SER B 618 0.49 -29.07 -40.56
CA SER B 618 -0.56 -29.99 -40.07
C SER B 618 -1.95 -29.38 -40.34
N ILE B 619 -2.20 -28.18 -39.80
CA ILE B 619 -3.56 -27.61 -39.70
C ILE B 619 -3.99 -27.21 -41.12
N GLY B 620 -3.18 -26.40 -41.80
CA GLY B 620 -3.47 -25.90 -43.16
C GLY B 620 -3.74 -27.07 -44.10
N SER B 621 -3.12 -28.22 -43.84
CA SER B 621 -3.25 -29.40 -44.73
C SER B 621 -4.62 -30.04 -44.47
N LEU B 622 -5.06 -30.15 -43.21
CA LEU B 622 -6.43 -30.63 -42.82
C LEU B 622 -7.52 -29.73 -43.44
N LEU B 623 -7.23 -28.45 -43.70
CA LEU B 623 -8.21 -27.47 -44.24
C LEU B 623 -8.03 -27.31 -45.75
N GLY B 624 -7.16 -28.12 -46.36
CA GLY B 624 -6.75 -28.04 -47.77
C GLY B 624 -6.35 -26.64 -48.20
N ALA B 625 -5.59 -25.92 -47.37
CA ALA B 625 -5.01 -24.59 -47.70
C ALA B 625 -3.61 -24.83 -48.27
N THR B 626 -3.54 -25.13 -49.58
CA THR B 626 -2.36 -25.77 -50.24
C THR B 626 -1.36 -24.70 -50.71
N GLU B 627 -1.81 -23.55 -51.22
CA GLU B 627 -0.95 -22.35 -51.45
C GLU B 627 -0.22 -22.01 -50.13
N ASP B 628 -0.92 -22.15 -49.00
CA ASP B 628 -0.41 -22.04 -47.60
C ASP B 628 0.60 -23.17 -47.27
N VAL B 629 0.28 -24.45 -47.51
CA VAL B 629 1.18 -25.59 -47.12
C VAL B 629 2.47 -25.45 -47.93
N GLU B 630 2.41 -24.87 -49.14
CA GLU B 630 3.60 -24.61 -50.01
C GLU B 630 4.49 -23.57 -49.31
N PHE B 631 3.93 -22.41 -48.96
CA PHE B 631 4.67 -21.29 -48.33
C PHE B 631 5.34 -21.75 -47.02
N TYR B 632 4.60 -22.48 -46.15
CA TYR B 632 5.06 -22.94 -44.81
C TYR B 632 6.17 -23.99 -44.99
N THR B 633 6.07 -24.81 -46.05
CA THR B 633 7.03 -25.89 -46.39
C THR B 633 8.38 -25.27 -46.76
N LYS B 634 8.39 -24.26 -47.63
CA LYS B 634 9.59 -23.41 -47.92
C LYS B 634 10.16 -22.81 -46.61
N VAL B 635 9.33 -22.26 -45.71
CA VAL B 635 9.83 -21.57 -44.48
C VAL B 635 10.47 -22.63 -43.56
N LEU B 636 9.82 -23.77 -43.36
CA LEU B 636 10.39 -24.84 -42.50
C LEU B 636 11.80 -25.20 -43.00
N ASP B 637 11.97 -25.24 -44.31
CA ASP B 637 13.23 -25.70 -44.96
C ASP B 637 14.33 -24.65 -44.71
N ALA B 638 14.01 -23.37 -44.86
CA ALA B 638 14.93 -22.26 -44.56
C ALA B 638 15.37 -22.34 -43.08
N ILE B 639 14.43 -22.63 -42.17
CA ILE B 639 14.69 -22.59 -40.70
C ILE B 639 15.63 -23.75 -40.34
N GLU B 640 15.39 -24.94 -40.91
CA GLU B 640 16.20 -26.17 -40.69
C GLU B 640 17.66 -25.88 -41.06
N HIS B 641 17.88 -25.26 -42.23
CA HIS B 641 19.20 -24.83 -42.78
C HIS B 641 19.77 -23.67 -41.98
N ASN B 642 19.00 -22.58 -41.78
CA ASN B 642 19.50 -21.35 -41.11
C ASN B 642 19.80 -21.67 -39.64
N LEU B 643 19.20 -22.70 -39.06
CA LEU B 643 19.51 -23.13 -37.67
C LEU B 643 20.98 -23.53 -37.60
N ASP B 644 21.46 -24.27 -38.60
CA ASP B 644 22.89 -24.68 -38.67
C ASP B 644 23.77 -23.49 -39.11
N ASP B 645 23.37 -22.74 -40.14
CA ASP B 645 24.28 -21.74 -40.76
C ASP B 645 24.56 -20.59 -39.78
N LEU B 646 23.61 -20.26 -38.87
CA LEU B 646 23.66 -19.08 -37.96
C LEU B 646 23.86 -19.46 -36.49
N HIS B 647 23.51 -20.67 -36.03
CA HIS B 647 23.41 -20.94 -34.56
C HIS B 647 24.14 -22.21 -34.14
N TRP B 648 24.55 -23.05 -35.08
CA TRP B 648 25.36 -24.25 -34.77
C TRP B 648 26.83 -23.87 -34.60
N SER B 649 27.42 -24.41 -33.54
CA SER B 649 28.85 -24.24 -33.15
C SER B 649 29.54 -25.61 -33.20
N GLU B 650 30.35 -25.86 -34.26
CA GLU B 650 31.30 -27.03 -34.32
C GLU B 650 32.19 -27.02 -33.08
N LYS B 651 32.74 -25.86 -32.71
CA LYS B 651 33.71 -25.73 -31.58
C LYS B 651 33.05 -26.36 -30.36
N GLU B 652 31.83 -25.95 -30.01
CA GLU B 652 31.25 -26.23 -28.67
C GLU B 652 30.32 -27.45 -28.74
N GLY B 653 29.86 -27.85 -29.93
CA GLY B 653 29.05 -29.07 -30.14
C GLY B 653 27.62 -28.91 -29.65
N CYS B 654 27.06 -27.72 -29.85
CA CYS B 654 25.69 -27.34 -29.44
C CYS B 654 25.29 -26.08 -30.17
N TYR B 655 24.03 -25.67 -30.03
CA TYR B 655 23.44 -24.47 -30.68
C TYR B 655 23.65 -23.29 -29.72
N CYS B 656 23.68 -22.06 -30.26
CA CYS B 656 24.06 -20.81 -29.55
C CYS B 656 23.33 -19.60 -30.11
N ASP B 657 23.07 -18.64 -29.23
CA ASP B 657 22.66 -17.27 -29.62
C ASP B 657 23.82 -16.72 -30.42
N ALA B 658 23.55 -15.77 -31.32
CA ALA B 658 24.56 -15.04 -32.09
C ALA B 658 24.46 -13.53 -31.81
N THR B 659 25.53 -12.80 -32.13
CA THR B 659 25.58 -11.31 -32.11
C THR B 659 26.45 -10.77 -33.25
N ILE B 660 26.61 -9.46 -33.21
CA ILE B 660 27.55 -8.63 -33.99
C ILE B 660 28.56 -8.11 -32.95
N ASP B 661 29.84 -8.47 -33.10
CA ASP B 661 30.94 -8.18 -32.13
C ASP B 661 31.45 -6.73 -32.31
N GLU B 662 32.42 -6.34 -31.47
CA GLU B 662 33.08 -5.02 -31.50
C GLU B 662 33.34 -4.64 -32.97
N PHE B 663 33.73 -5.60 -33.80
CA PHE B 663 34.31 -5.33 -35.15
C PHE B 663 33.26 -5.52 -36.24
N GLU B 664 31.97 -5.62 -35.90
CA GLU B 664 30.82 -5.76 -36.86
C GLU B 664 30.74 -7.15 -37.52
N GLU B 665 31.47 -8.15 -37.00
CA GLU B 665 31.51 -9.55 -37.52
C GLU B 665 30.56 -10.44 -36.68
N HIS B 666 29.93 -11.44 -37.31
CA HIS B 666 29.04 -12.44 -36.65
C HIS B 666 29.87 -13.29 -35.68
N LYS B 667 29.57 -13.24 -34.37
CA LYS B 667 30.12 -14.10 -33.27
C LYS B 667 28.97 -14.99 -32.74
N LEU B 668 29.25 -16.26 -32.51
CA LEU B 668 28.38 -17.14 -31.68
C LEU B 668 28.74 -16.88 -30.23
N VAL B 669 27.73 -16.80 -29.35
CA VAL B 669 27.89 -16.73 -27.87
C VAL B 669 27.24 -18.00 -27.29
N CYS B 670 28.05 -18.89 -26.71
CA CYS B 670 27.62 -20.23 -26.26
C CYS B 670 27.67 -20.26 -24.76
N HIS B 671 26.50 -20.32 -24.13
CA HIS B 671 26.31 -20.67 -22.70
C HIS B 671 25.57 -22.00 -22.69
N LYS B 672 26.31 -23.09 -22.53
CA LYS B 672 25.77 -24.47 -22.59
C LYS B 672 24.67 -24.52 -21.52
N GLY B 673 23.41 -24.73 -21.93
CA GLY B 673 22.25 -24.99 -21.04
C GLY B 673 20.97 -25.20 -21.83
N TYR B 674 19.81 -24.86 -21.27
CA TYR B 674 18.50 -25.14 -21.92
C TYR B 674 18.49 -24.57 -23.35
N ILE B 675 18.83 -23.29 -23.51
CA ILE B 675 18.80 -22.58 -24.82
C ILE B 675 19.58 -23.40 -25.86
N SER B 676 20.72 -23.96 -25.47
CA SER B 676 21.64 -24.70 -26.34
C SER B 676 20.92 -25.92 -26.97
N LEU B 677 19.84 -26.44 -26.36
CA LEU B 677 19.16 -27.69 -26.81
C LEU B 677 17.87 -27.39 -27.58
N PHE B 678 17.54 -26.11 -27.79
CA PHE B 678 16.15 -25.73 -28.14
C PHE B 678 15.69 -26.49 -29.39
N PRO B 679 16.51 -26.61 -30.47
CA PRO B 679 16.07 -27.29 -31.69
C PRO B 679 15.77 -28.77 -31.44
N PHE B 680 16.35 -29.36 -30.40
CA PHE B 680 16.00 -30.71 -29.88
C PHE B 680 14.68 -30.63 -29.13
N LEU B 681 14.58 -29.70 -28.17
CA LEU B 681 13.44 -29.57 -27.21
C LEU B 681 12.14 -29.35 -27.99
N THR B 682 12.24 -28.77 -29.17
CA THR B 682 11.07 -28.31 -29.97
C THR B 682 10.80 -29.29 -31.11
N GLY B 683 11.49 -30.42 -31.16
CA GLY B 683 11.28 -31.49 -32.15
C GLY B 683 11.57 -31.07 -33.59
N LEU B 684 12.67 -30.34 -33.83
CA LEU B 684 13.09 -29.92 -35.20
C LEU B 684 14.25 -30.78 -35.74
N LEU B 685 14.85 -31.65 -34.93
CA LEU B 685 16.00 -32.52 -35.30
C LEU B 685 15.47 -33.89 -35.73
N LYS B 686 15.92 -34.40 -36.88
CA LYS B 686 15.58 -35.75 -37.42
C LYS B 686 16.39 -36.79 -36.66
N PRO B 687 15.89 -38.03 -36.42
CA PRO B 687 16.59 -38.98 -35.55
C PRO B 687 17.87 -39.60 -36.14
N ASP B 688 18.21 -39.28 -37.40
CA ASP B 688 19.49 -39.62 -38.08
C ASP B 688 20.40 -38.39 -38.19
N SER B 689 20.19 -37.36 -37.36
CA SER B 689 21.04 -36.14 -37.26
C SER B 689 22.20 -36.35 -36.28
N PRO B 690 23.45 -36.13 -36.71
CA PRO B 690 24.57 -36.19 -35.78
C PRO B 690 24.58 -35.01 -34.79
N LYS B 691 23.94 -33.92 -35.17
CA LYS B 691 23.70 -32.76 -34.26
C LYS B 691 22.76 -33.20 -33.12
N LEU B 692 21.78 -34.08 -33.40
CA LEU B 692 20.98 -34.71 -32.32
C LEU B 692 21.92 -35.45 -31.34
N GLY B 693 22.82 -36.30 -31.84
CA GLY B 693 23.79 -37.02 -30.99
C GLY B 693 24.57 -36.09 -30.09
N LYS B 694 25.05 -34.97 -30.65
CA LYS B 694 25.83 -33.98 -29.85
C LYS B 694 24.95 -33.44 -28.71
N LEU B 695 23.69 -33.09 -28.97
CA LEU B 695 22.75 -32.57 -27.92
C LEU B 695 22.43 -33.64 -26.86
N LEU B 696 22.32 -34.92 -27.25
CA LEU B 696 22.10 -36.03 -26.29
C LEU B 696 23.34 -36.25 -25.41
N ALA B 697 24.51 -35.94 -25.92
CA ALA B 697 25.80 -36.06 -25.18
C ALA B 697 25.80 -35.00 -24.06
N LEU B 698 25.43 -33.78 -24.41
CA LEU B 698 25.40 -32.60 -23.50
C LEU B 698 24.30 -32.82 -22.45
N ILE B 699 23.12 -33.26 -22.90
CA ILE B 699 21.99 -33.62 -22.00
C ILE B 699 22.52 -34.64 -20.98
N GLY B 700 23.27 -35.64 -21.43
CA GLY B 700 23.71 -36.78 -20.60
C GLY B 700 24.85 -36.43 -19.65
N ASP B 701 25.59 -35.34 -19.89
CA ASP B 701 26.89 -35.07 -19.24
C ASP B 701 26.65 -34.52 -17.82
N GLU B 702 27.03 -35.32 -16.82
CA GLU B 702 26.89 -35.01 -15.38
C GLU B 702 27.72 -33.78 -15.01
N SER B 703 28.73 -33.45 -15.79
CA SER B 703 29.56 -32.26 -15.49
C SER B 703 28.90 -31.04 -16.11
N GLU B 704 27.94 -31.24 -17.00
CA GLU B 704 27.26 -30.10 -17.63
C GLU B 704 25.81 -29.66 -17.40
N LEU B 705 24.86 -30.45 -17.89
CA LEU B 705 23.43 -30.27 -17.51
C LEU B 705 22.90 -31.41 -16.64
N TRP B 706 23.59 -32.54 -16.54
CA TRP B 706 22.94 -33.68 -15.84
C TRP B 706 23.15 -33.72 -14.33
N SER B 707 22.19 -33.18 -13.58
CA SER B 707 22.09 -33.31 -12.10
C SER B 707 21.32 -34.59 -11.76
N PRO B 708 21.38 -35.05 -10.50
CA PRO B 708 20.60 -36.21 -10.06
C PRO B 708 19.09 -35.94 -9.98
N TYR B 709 18.69 -34.66 -10.15
CA TYR B 709 17.31 -34.15 -9.92
C TYR B 709 16.67 -33.69 -11.24
N GLY B 710 17.38 -33.92 -12.35
CA GLY B 710 16.99 -33.51 -13.71
C GLY B 710 18.04 -32.61 -14.35
N LEU B 711 17.74 -32.10 -15.54
CA LEU B 711 18.61 -31.20 -16.33
C LEU B 711 18.61 -29.81 -15.71
N ARG B 712 19.81 -29.30 -15.40
CA ARG B 712 20.09 -27.90 -14.94
C ARG B 712 19.76 -26.93 -16.09
N SER B 713 19.33 -25.71 -15.76
CA SER B 713 18.97 -24.65 -16.74
C SER B 713 20.24 -24.20 -17.45
N LEU B 714 21.35 -24.25 -16.73
CA LEU B 714 22.68 -23.77 -17.18
C LEU B 714 23.76 -24.73 -16.68
N SER B 715 24.70 -25.10 -17.55
CA SER B 715 25.82 -26.02 -17.22
C SER B 715 26.59 -25.51 -16.00
N LYS B 716 27.01 -26.44 -15.14
CA LYS B 716 28.02 -26.25 -14.05
C LYS B 716 29.27 -25.51 -14.55
N LYS B 717 29.66 -25.74 -15.79
CA LYS B 717 30.96 -25.29 -16.37
C LYS B 717 30.85 -23.88 -16.93
N ASP B 718 29.64 -23.30 -17.06
CA ASP B 718 29.46 -21.93 -17.61
C ASP B 718 29.85 -20.92 -16.53
N GLU B 719 30.30 -19.73 -16.94
CA GLU B 719 30.88 -18.72 -16.01
C GLU B 719 29.73 -18.14 -15.17
N PHE B 720 28.53 -18.08 -15.73
CA PHE B 720 27.35 -17.47 -15.06
C PHE B 720 26.58 -18.48 -14.21
N TYR B 721 27.02 -19.76 -14.14
CA TYR B 721 26.41 -20.77 -13.24
C TYR B 721 26.28 -20.22 -11.81
N GLY B 722 25.09 -20.33 -11.22
CA GLY B 722 24.80 -19.95 -9.83
C GLY B 722 24.75 -18.44 -9.61
N THR B 723 25.06 -17.61 -10.61
CA THR B 723 25.31 -16.15 -10.42
C THR B 723 23.98 -15.38 -10.36
N ALA B 724 24.05 -14.12 -9.88
CA ALA B 724 22.94 -13.14 -9.81
C ALA B 724 21.75 -13.74 -9.03
N GLU B 725 20.52 -13.57 -9.54
CA GLU B 725 19.27 -14.10 -8.93
C GLU B 725 19.14 -15.63 -9.16
N ASN B 726 19.95 -16.23 -10.05
CA ASN B 726 20.01 -17.71 -10.26
C ASN B 726 18.60 -18.27 -10.50
N TYR B 727 17.83 -17.68 -11.42
CA TYR B 727 16.47 -18.12 -11.80
C TYR B 727 16.58 -19.23 -12.85
N TRP B 728 17.25 -18.96 -13.98
CA TRP B 728 17.48 -19.93 -15.08
C TRP B 728 18.98 -20.15 -15.33
N ARG B 729 19.79 -20.25 -14.27
CA ARG B 729 21.27 -20.27 -14.37
C ARG B 729 21.82 -21.44 -13.55
N SER B 730 21.02 -22.48 -13.34
CA SER B 730 21.42 -23.70 -12.60
C SER B 730 20.21 -24.60 -12.35
N PRO B 731 19.11 -24.07 -11.77
CA PRO B 731 18.06 -24.91 -11.22
C PRO B 731 17.27 -25.73 -12.25
N VAL B 732 16.54 -26.71 -11.72
CA VAL B 732 15.75 -27.67 -12.53
C VAL B 732 14.36 -27.08 -12.70
N TRP B 733 13.96 -26.85 -13.95
CA TRP B 733 12.59 -26.46 -14.33
C TRP B 733 11.88 -27.64 -14.98
N ILE B 734 10.65 -27.95 -14.56
CA ILE B 734 9.86 -29.13 -15.01
C ILE B 734 9.37 -28.92 -16.46
N ASN B 735 9.05 -27.69 -16.85
CA ASN B 735 8.47 -27.44 -18.21
C ASN B 735 9.50 -27.77 -19.29
N ILE B 736 10.78 -27.45 -19.08
CA ILE B 736 11.86 -27.75 -20.06
C ILE B 736 12.30 -29.21 -19.96
N ASN B 737 12.36 -29.74 -18.74
CA ASN B 737 12.59 -31.19 -18.50
C ASN B 737 11.48 -31.98 -19.19
N TYR B 738 10.24 -31.49 -19.09
CA TYR B 738 9.09 -32.13 -19.77
C TYR B 738 9.42 -32.22 -21.27
N LEU B 739 9.76 -31.11 -21.91
CA LEU B 739 9.96 -31.12 -23.39
C LEU B 739 11.04 -32.14 -23.73
N ALA B 740 12.09 -32.21 -22.91
CA ALA B 740 13.28 -33.05 -23.14
C ALA B 740 12.82 -34.51 -23.14
N ILE B 741 12.02 -34.86 -22.14
CA ILE B 741 11.49 -36.24 -21.93
C ILE B 741 10.61 -36.62 -23.11
N VAL B 742 9.68 -35.76 -23.51
CA VAL B 742 8.81 -36.10 -24.67
C VAL B 742 9.71 -36.40 -25.87
N GLN B 743 10.76 -35.59 -26.09
CA GLN B 743 11.55 -35.67 -27.34
C GLN B 743 12.51 -36.88 -27.29
N LEU B 744 12.98 -37.27 -26.10
CA LEU B 744 13.75 -38.52 -25.87
C LEU B 744 12.85 -39.74 -26.13
N TYR B 745 11.61 -39.72 -25.61
CA TYR B 745 10.60 -40.76 -25.94
C TYR B 745 10.40 -40.85 -27.47
N ASN B 746 10.36 -39.72 -28.17
CA ASN B 746 10.22 -39.75 -29.64
C ASN B 746 11.45 -40.43 -30.27
N ILE B 747 12.68 -40.16 -29.81
CA ILE B 747 13.90 -40.73 -30.49
C ILE B 747 13.96 -42.23 -30.13
N ALA B 748 13.54 -42.57 -28.89
CA ALA B 748 13.62 -43.93 -28.32
C ALA B 748 12.53 -44.87 -28.90
N THR B 749 11.58 -44.37 -29.66
CA THR B 749 10.42 -45.18 -30.11
C THR B 749 10.41 -45.21 -31.63
N GLN B 750 11.58 -45.04 -32.25
CA GLN B 750 11.69 -45.26 -33.71
C GLN B 750 13.13 -45.69 -34.05
N ASP B 751 13.33 -46.14 -35.29
CA ASP B 751 14.62 -46.67 -35.79
C ASP B 751 15.65 -45.54 -35.95
N GLY B 752 16.84 -45.73 -35.36
CA GLY B 752 18.08 -45.05 -35.78
C GLY B 752 19.20 -45.17 -34.76
N PRO B 753 20.34 -44.48 -35.02
CA PRO B 753 21.55 -44.68 -34.24
C PRO B 753 21.45 -44.17 -32.80
N TYR B 754 20.44 -43.37 -32.50
CA TYR B 754 20.31 -42.80 -31.15
C TYR B 754 19.16 -43.45 -30.36
N LYS B 755 18.46 -44.43 -30.97
CA LYS B 755 17.27 -45.07 -30.33
C LYS B 755 17.68 -45.62 -28.96
N GLU B 756 18.75 -46.43 -28.91
CA GLU B 756 19.24 -47.03 -27.63
C GLU B 756 19.63 -45.90 -26.65
N THR B 757 20.18 -44.78 -27.14
CA THR B 757 20.71 -43.70 -26.25
C THR B 757 19.55 -42.92 -25.62
N ALA B 758 18.59 -42.57 -26.46
CA ALA B 758 17.30 -41.95 -26.07
C ALA B 758 16.59 -42.87 -25.05
N ARG B 759 16.42 -44.18 -25.35
CA ARG B 759 15.69 -45.14 -24.45
C ARG B 759 16.23 -44.99 -23.03
N ASP B 760 17.54 -44.83 -22.87
CA ASP B 760 18.24 -44.81 -21.56
C ASP B 760 18.03 -43.43 -20.90
N LEU B 761 18.14 -42.33 -21.65
CA LEU B 761 18.07 -40.95 -21.08
C LEU B 761 16.64 -40.72 -20.63
N TYR B 762 15.67 -41.08 -21.47
CA TYR B 762 14.22 -41.10 -21.15
C TYR B 762 14.01 -41.71 -19.75
N THR B 763 14.50 -42.94 -19.53
CA THR B 763 14.18 -43.76 -18.34
C THR B 763 14.73 -43.07 -17.11
N ARG B 764 16.02 -42.72 -17.21
CA ARG B 764 16.84 -42.12 -16.12
C ARG B 764 16.23 -40.74 -15.76
N LEU B 765 15.86 -39.93 -16.77
CA LEU B 765 15.40 -38.53 -16.59
C LEU B 765 13.98 -38.49 -16.01
N ARG B 766 13.09 -39.34 -16.53
CA ARG B 766 11.75 -39.60 -15.96
C ARG B 766 11.88 -39.93 -14.46
N LYS B 767 12.65 -40.97 -14.08
CA LYS B 767 12.76 -41.37 -12.65
C LYS B 767 13.21 -40.13 -11.86
N ASN B 768 14.17 -39.40 -12.38
CA ASN B 768 14.85 -38.32 -11.61
C ASN B 768 13.82 -37.22 -11.35
N ILE B 769 13.09 -36.79 -12.39
CA ILE B 769 12.20 -35.61 -12.34
C ILE B 769 11.02 -35.95 -11.41
N VAL B 770 10.42 -37.12 -11.60
CA VAL B 770 9.22 -37.51 -10.82
C VAL B 770 9.63 -37.62 -9.35
N GLU B 771 10.78 -38.25 -9.11
CA GLU B 771 11.27 -38.51 -7.73
C GLU B 771 11.50 -37.16 -7.05
N THR B 772 12.00 -36.13 -7.73
CA THR B 772 12.27 -34.84 -7.05
C THR B 772 10.92 -34.14 -6.78
N VAL B 773 10.02 -34.07 -7.75
CA VAL B 773 8.71 -33.38 -7.49
C VAL B 773 7.96 -34.14 -6.39
N TYR B 774 7.94 -35.48 -6.45
CA TYR B 774 7.23 -36.36 -5.48
C TYR B 774 7.86 -36.23 -4.07
N ARG B 775 9.16 -36.42 -3.92
CA ARG B 775 9.77 -36.42 -2.56
C ARG B 775 9.51 -35.05 -1.93
N ASN B 776 9.57 -33.96 -2.72
CA ASN B 776 9.28 -32.58 -2.22
C ASN B 776 7.80 -32.47 -1.82
N TRP B 777 6.91 -33.15 -2.54
CA TRP B 777 5.45 -33.03 -2.30
C TRP B 777 5.08 -33.80 -1.03
N GLU B 778 5.60 -35.02 -0.83
CA GLU B 778 5.43 -35.79 0.43
C GLU B 778 5.95 -34.93 1.59
N GLU B 779 7.08 -34.26 1.43
CA GLU B 779 7.76 -33.57 2.56
C GLU B 779 7.08 -32.21 2.85
N THR B 780 6.46 -31.54 1.86
CA THR B 780 6.04 -30.10 1.98
C THR B 780 4.53 -29.89 1.74
N GLY B 781 3.96 -30.72 0.87
CA GLY B 781 2.56 -30.62 0.44
C GLY B 781 2.45 -29.72 -0.77
N PHE B 782 3.56 -29.18 -1.24
CA PHE B 782 3.50 -28.23 -2.36
C PHE B 782 4.29 -28.67 -3.57
N ALA B 783 3.92 -28.09 -4.69
CA ALA B 783 4.63 -28.20 -5.97
C ALA B 783 5.47 -26.92 -6.03
N TRP B 784 6.74 -27.01 -6.36
CA TRP B 784 7.60 -25.80 -6.37
C TRP B 784 7.81 -25.30 -7.79
N GLU B 785 8.24 -24.06 -7.92
CA GLU B 785 8.43 -23.39 -9.25
C GLU B 785 9.71 -23.93 -9.90
N GLN B 786 10.66 -24.38 -9.09
CA GLN B 786 11.96 -24.94 -9.53
C GLN B 786 12.54 -25.86 -8.44
N TYR B 787 13.48 -26.71 -8.82
CA TYR B 787 14.16 -27.65 -7.90
C TYR B 787 15.68 -27.40 -7.93
N ASN B 788 16.26 -27.28 -6.74
CA ASN B 788 17.70 -27.05 -6.53
C ASN B 788 18.51 -28.19 -7.15
N PRO B 789 19.53 -27.91 -8.02
CA PRO B 789 20.23 -28.98 -8.73
C PRO B 789 21.25 -29.74 -7.87
N GLU B 790 21.58 -29.24 -6.68
CA GLU B 790 22.58 -29.83 -5.74
C GLU B 790 21.85 -30.77 -4.75
N THR B 791 20.67 -30.37 -4.25
CA THR B 791 19.94 -31.00 -3.11
C THR B 791 18.61 -31.59 -3.59
N GLY B 792 18.02 -31.02 -4.65
CA GLY B 792 16.70 -31.40 -5.17
C GLY B 792 15.56 -30.68 -4.45
N LYS B 793 15.88 -29.82 -3.46
CA LYS B 793 14.87 -29.11 -2.60
C LYS B 793 14.13 -28.11 -3.51
N GLY B 794 12.81 -28.09 -3.38
CA GLY B 794 11.96 -27.14 -4.09
C GLY B 794 12.35 -25.74 -3.66
N GLN B 795 12.46 -24.85 -4.61
CA GLN B 795 12.87 -23.46 -4.34
C GLN B 795 11.89 -22.51 -5.00
N ARG B 796 12.01 -21.25 -4.62
CA ARG B 796 11.21 -20.11 -5.12
C ARG B 796 9.74 -20.28 -4.77
N THR B 797 8.87 -20.04 -5.74
CA THR B 797 7.40 -20.01 -5.53
C THR B 797 6.83 -21.38 -5.19
N GLN B 798 5.91 -21.41 -4.22
CA GLN B 798 5.17 -22.64 -3.84
C GLN B 798 3.83 -22.66 -4.59
N HIS B 799 3.02 -23.68 -4.36
CA HIS B 799 1.70 -23.83 -5.03
C HIS B 799 1.84 -23.67 -6.54
N PHE B 800 2.97 -24.08 -7.13
CA PHE B 800 3.25 -23.79 -8.55
C PHE B 800 2.59 -24.85 -9.42
N THR B 801 1.26 -24.77 -9.55
CA THR B 801 0.46 -25.69 -10.39
C THR B 801 -0.38 -24.91 -11.37
N GLY B 802 0.26 -24.29 -12.37
CA GLY B 802 1.70 -24.36 -12.58
C GLY B 802 2.09 -25.53 -13.48
N TRP B 803 3.24 -25.41 -14.15
CA TRP B 803 3.68 -26.37 -15.20
C TRP B 803 4.44 -27.50 -14.52
N THR B 804 4.69 -27.38 -13.22
CA THR B 804 5.29 -28.50 -12.44
C THR B 804 4.29 -29.67 -12.49
N SER B 805 3.00 -29.41 -12.70
CA SER B 805 1.95 -30.46 -12.78
C SER B 805 2.09 -31.33 -14.04
N LEU B 806 3.00 -30.95 -14.93
CA LEU B 806 3.31 -31.77 -16.12
C LEU B 806 3.86 -33.12 -15.66
N VAL B 807 4.13 -33.24 -14.37
CA VAL B 807 4.69 -34.48 -13.76
C VAL B 807 3.68 -35.63 -13.91
N VAL B 808 2.39 -35.33 -13.83
CA VAL B 808 1.33 -36.35 -14.03
C VAL B 808 1.46 -36.92 -15.43
N LYS B 809 1.70 -36.08 -16.44
CA LYS B 809 1.84 -36.61 -17.81
C LYS B 809 3.16 -37.37 -17.92
N ILE B 810 4.14 -37.02 -17.12
CA ILE B 810 5.48 -37.68 -17.19
C ILE B 810 5.32 -39.11 -16.67
N MET B 811 4.65 -39.28 -15.54
CA MET B 811 4.31 -40.59 -14.90
C MET B 811 3.44 -41.42 -15.86
N SER B 812 2.84 -40.79 -16.87
CA SER B 812 1.78 -41.36 -17.74
C SER B 812 2.31 -42.02 -19.02
N GLY B 813 3.27 -41.42 -19.77
CA GLY B 813 3.76 -41.91 -21.08
C GLY B 813 2.99 -41.37 -22.30
N HIS B 814 3.62 -41.34 -23.49
CA HIS B 814 3.33 -40.41 -24.64
C HIS B 814 2.92 -41.24 -25.86
C1 NAG C . -21.88 -18.06 -23.60
C2 NAG C . -20.78 -17.07 -23.90
C3 NAG C . -21.24 -15.63 -23.82
C4 NAG C . -22.52 -15.39 -24.56
C5 NAG C . -23.53 -16.41 -24.13
C6 NAG C . -24.75 -16.30 -25.01
C7 NAG C . -18.54 -17.58 -23.33
C8 NAG C . -17.47 -17.49 -22.31
N2 NAG C . -19.74 -17.26 -22.92
O3 NAG C . -20.24 -14.81 -24.38
O4 NAG C . -23.06 -14.14 -24.16
O5 NAG C . -23.02 -17.70 -24.34
O6 NAG C . -25.63 -17.31 -24.54
O7 NAG C . -18.34 -17.92 -24.47
C1 NAG C . -23.06 -13.22 -25.25
C2 NAG C . -24.06 -12.14 -24.93
C3 NAG C . -24.01 -11.14 -26.06
C4 NAG C . -22.65 -10.49 -25.94
C5 NAG C . -21.61 -11.55 -26.22
C6 NAG C . -20.26 -10.96 -25.88
C7 NAG C . -26.01 -12.93 -23.70
C8 NAG C . -27.39 -13.46 -23.90
N2 NAG C . -25.37 -12.72 -24.85
O3 NAG C . -25.04 -10.17 -25.90
O4 NAG C . -22.50 -9.43 -26.88
O5 NAG C . -21.78 -12.65 -25.34
O6 NAG C . -20.25 -10.68 -24.48
O7 NAG C . -25.55 -12.75 -22.61
N1 WT5 D . -1.30 24.64 4.93
N3 WT5 D . -7.75 25.92 3.05
C4 WT5 D . -1.45 25.28 3.65
C5 WT5 D . -0.22 23.70 4.89
C6 WT5 D . 0.05 23.23 6.29
C7 WT5 D . -2.29 24.01 5.18
C8 WT5 D . -3.58 24.81 5.12
C10 WT5 D . -6.47 25.26 2.85
C13 WT5 D . -9.52 23.40 5.06
C15 WT5 D . -10.71 24.01 5.28
C17 WT5 D . -12.31 25.88 5.08
C20 WT5 D . -13.91 27.27 5.16
C21 WT5 D . -9.99 25.91 4.05
C22 WT5 D . -5.85 26.28 5.04
C24 WT5 D . -3.87 25.66 6.15
C1 WT5 D . 1.07 24.23 4.25
C11 WT5 D . -8.79 25.28 3.82
C12 WT5 D . -8.56 24.03 4.33
C14 WT5 D . -9.28 22.02 5.61
C16 WT5 D . -10.95 25.26 4.79
C18 WT5 D . -13.35 25.23 5.71
C19 WT5 D . -14.37 26.13 5.77
C2 WT5 D . 0.82 24.80 2.98
C23 WT5 D . -5.02 26.41 6.12
C3 WT5 D . -0.13 25.85 3.13
C9 WT5 D . -5.51 25.40 4.04
N2 WT5 D . -4.41 24.70 4.10
N4 WT5 D . -12.70 27.07 4.77
O1 WT5 D . 1.90 23.11 3.99
O2 WT5 D . 2.09 25.35 2.48
O3 WT5 D . -0.41 26.47 1.90
O4 WT5 D . 0.57 24.29 6.96
C1 GOL E . 23.74 13.97 -19.58
O1 GOL E . 25.10 13.65 -19.27
C2 GOL E . 23.63 14.54 -20.97
O2 GOL E . 23.21 13.54 -21.89
C3 GOL E . 22.67 15.71 -21.07
O3 GOL E . 21.99 15.74 -22.31
N1 WT5 F . -12.92 26.06 9.79
N3 WT5 F . -8.83 30.17 9.70
C4 WT5 F . -13.70 27.18 10.21
C5 WT5 F . -12.34 25.28 10.83
C6 WT5 F . -11.58 24.10 10.26
C7 WT5 F . -12.33 26.20 8.77
C8 WT5 F . -10.84 26.47 8.85
C10 WT5 F . -8.29 28.88 10.01
C13 WT5 F . -9.51 32.63 7.09
C15 WT5 F . -9.07 31.98 5.97
C17 WT5 F . -8.07 30.08 4.76
C20 WT5 F . -8.18 29.23 2.78
C21 WT5 F . -8.44 30.11 7.28
C22 WT5 F . -8.18 26.77 8.79
C24 WT5 F . -10.06 25.52 8.23
C1 WT5 F . -13.54 24.76 11.64
C11 WT5 F . -8.89 30.77 8.40
C12 WT5 F . -9.41 32.03 8.30
C14 WT5 F . -10.09 34.02 6.95
C16 WT5 F . -8.53 30.73 6.06
C18 WT5 F . -6.78 29.74 4.42
C19 WT5 F . -6.86 29.20 3.15
C2 WT5 F . -14.21 25.90 12.21
C23 WT5 F . -8.71 25.65 8.19
C3 WT5 F . -14.82 26.64 11.13
C9 WT5 F . -9.00 27.69 9.37
N2 WT5 F . -10.30 27.53 9.40
N4 WT5 F . -8.84 29.76 3.76
O1 WT5 F . -13.11 23.91 12.70
O2 WT5 F . -15.22 25.42 13.16
O3 WT5 F . -15.59 27.73 11.62
O4 WT5 F . -12.47 23.37 9.49
S SO4 G . -11.40 7.87 50.54
O1 SO4 G . -10.62 8.17 51.71
O2 SO4 G . -11.09 8.80 49.51
O3 SO4 G . -12.81 7.97 50.85
O4 SO4 G . -11.10 6.53 50.09
S SO4 H . -9.24 24.53 -9.34
O1 SO4 H . -8.35 25.27 -8.49
O2 SO4 H . -8.72 24.55 -10.68
O3 SO4 H . -10.54 25.15 -9.30
O4 SO4 H . -9.35 23.17 -8.86
S SO4 I . -7.24 3.46 12.67
O1 SO4 I . -6.15 3.95 11.87
O2 SO4 I . -7.17 4.06 13.98
O3 SO4 I . -8.46 3.80 12.02
O4 SO4 I . -7.13 2.04 12.81
S SO4 J . -11.87 2.76 -17.59
O1 SO4 J . -11.06 2.51 -18.76
O2 SO4 J . -11.77 4.15 -17.25
O3 SO4 J . -13.25 2.45 -17.88
O4 SO4 J . -11.40 1.96 -16.47
S SO4 K . 3.17 6.96 3.81
O1 SO4 K . 4.24 6.24 3.12
O2 SO4 K . 3.72 8.16 4.39
O3 SO4 K . 2.14 7.31 2.87
O4 SO4 K . 2.59 6.16 4.85
N1 WT5 L . 7.25 -17.05 -13.87
N3 WT5 L . 9.74 -12.01 -10.51
C4 WT5 L . 8.61 -16.62 -14.03
C5 WT5 L . 6.50 -16.78 -15.04
C6 WT5 L . 5.05 -17.12 -14.85
C7 WT5 L . 6.72 -16.69 -12.87
C8 WT5 L . 6.99 -15.26 -12.45
C10 WT5 L . 9.62 -13.43 -10.69
C13 WT5 L . 8.42 -9.54 -8.05
C15 WT5 L . 7.86 -10.37 -7.13
C17 WT5 L . 7.31 -12.60 -6.28
C20 WT5 L . 6.76 -14.35 -5.23
C21 WT5 L . 8.54 -12.26 -8.43
C22 WT5 L . 7.49 -12.71 -11.70
C24 WT5 L . 6.08 -14.29 -12.74
C1 WT5 L . 7.11 -17.60 -16.17
C11 WT5 L . 9.10 -11.43 -9.36
C12 WT5 L . 9.05 -10.06 -9.17
C14 WT5 L . 8.33 -8.05 -7.81
C16 WT5 L . 7.92 -11.72 -7.33
C18 WT5 L . 6.71 -12.15 -5.14
C19 WT5 L . 6.34 -13.29 -4.46
C2 WT5 L . 8.48 -17.21 -16.40
C23 WT5 L . 6.33 -12.98 -12.37
C3 WT5 L . 9.23 -17.38 -15.21
C9 WT5 L . 8.34 -13.74 -11.43
N2 WT5 L . 8.08 -14.96 -11.81
N4 WT5 L . 7.35 -13.89 -6.29
O1 WT5 L . 6.35 -17.44 -17.34
O2 WT5 L . 9.02 -18.11 -17.41
O3 WT5 L . 10.54 -16.94 -15.43
O4 WT5 L . 5.00 -18.35 -14.24
C1 GOL M . 19.33 -5.75 -15.26
O1 GOL M . 19.32 -6.37 -16.54
C2 GOL M . 18.29 -4.66 -15.23
O2 GOL M . 17.77 -4.54 -16.55
C3 GOL M . 17.16 -4.92 -14.23
O3 GOL M . 15.96 -4.23 -14.58
C1 GOL N . -14.35 0.91 1.34
O1 GOL N . -12.98 0.60 1.08
C2 GOL N . -14.82 2.00 0.40
O2 GOL N . -15.14 3.15 1.17
C3 GOL N . -15.99 1.60 -0.48
O3 GOL N . -16.89 2.67 -0.72
C1 GOL O . -29.06 1.60 12.67
O1 GOL O . -27.80 2.28 12.55
C2 GOL O . -29.98 2.25 13.68
O2 GOL O . -30.82 1.25 14.25
C3 GOL O . -29.23 2.98 14.80
O3 GOL O . -28.92 4.32 14.42
S SO4 P . -4.48 -7.84 -25.27
O1 SO4 P . -4.05 -7.09 -26.42
O2 SO4 P . -4.28 -7.09 -24.03
O3 SO4 P . -3.74 -9.07 -25.24
O4 SO4 P . -5.88 -8.11 -25.39
S SO4 Q . -35.50 -17.37 11.13
O1 SO4 Q . -34.30 -17.90 10.51
O2 SO4 Q . -35.13 -16.44 12.18
O3 SO4 Q . -36.33 -16.70 10.12
O4 SO4 Q . -36.25 -18.45 11.71
S SO4 R . -11.21 -2.35 -14.47
O1 SO4 R . -12.18 -1.57 -15.18
O2 SO4 R . -10.31 -1.55 -13.72
O3 SO4 R . -10.45 -3.08 -15.43
O4 SO4 R . -11.91 -3.23 -13.57
#